data_5EN1
# 
_entry.id   5EN1 
# 
_audit_conform.dict_name       mmcif_pdbx.dic 
_audit_conform.dict_version    5.380 
_audit_conform.dict_location   http://mmcif.pdb.org/dictionaries/ascii/mmcif_pdbx.dic 
# 
loop_
_database_2.database_id 
_database_2.database_code 
_database_2.pdbx_database_accession 
_database_2.pdbx_DOI 
PDB   5EN1         pdb_00005en1 10.2210/pdb5en1/pdb 
WWPDB D_1000215212 ?            ?                   
# 
_pdbx_database_status.status_code                     REL 
_pdbx_database_status.status_code_sf                  REL 
_pdbx_database_status.status_code_mr                  ? 
_pdbx_database_status.entry_id                        5EN1 
_pdbx_database_status.recvd_initial_deposition_date   2015-11-09 
_pdbx_database_status.SG_entry                        N 
_pdbx_database_status.deposit_site                    RCSB 
_pdbx_database_status.process_site                    PDBJ 
_pdbx_database_status.status_code_cs                  ? 
_pdbx_database_status.methods_development_category    ? 
_pdbx_database_status.pdb_format_compatible           Y 
_pdbx_database_status.status_code_nmr_data            ? 
# 
loop_
_audit_author.name 
_audit_author.pdbx_ordinal 
'Wu, B.X.' 1 
'Su, S.C.' 2 
'Ma, J.B.' 3 
# 
_citation.abstract                  ? 
_citation.abstract_id_CAS           ? 
_citation.book_id_ISBN              ? 
_citation.book_publisher            ? 
_citation.book_publisher_city       ? 
_citation.book_title                ? 
_citation.coordinate_linkage        ? 
_citation.country                   UK 
_citation.database_id_Medline       ? 
_citation.details                   ? 
_citation.id                        primary 
_citation.journal_abbrev            'Nat Commun' 
_citation.journal_id_ASTM           ? 
_citation.journal_id_CSD            ? 
_citation.journal_id_ISSN           2041-1723 
_citation.journal_full              ? 
_citation.journal_issue             ? 
_citation.journal_volume            ? 
_citation.language                  ? 
_citation.page_first                ? 
_citation.page_last                 ? 
_citation.title                     
'Molecular basis for the specific and multivariant recognitions of RNA substrates by human hnRNP A2/B1' 
_citation.year                      2018 
_citation.database_id_CSD           ? 
_citation.pdbx_database_id_DOI      10.1038/s41467-017-02770-z 
_citation.pdbx_database_id_PubMed   ? 
_citation.unpublished_flag          ? 
# 
loop_
_citation_author.citation_id 
_citation_author.name 
_citation_author.ordinal 
_citation_author.identifier_ORCID 
primary 'Wu, B.X.'      1 ? 
primary 'Su, S.C.'      2 ? 
primary 'Patil, D.P.'   3 ? 
primary 'Liu, H.H.'     4 ? 
primary 'Gan, J.H.'     5 ? 
primary 'Jaffrey, S.R.' 6 ? 
primary 'Ma, J.B.'      7 ? 
# 
_cell.angle_alpha                  90.00 
_cell.angle_alpha_esd              ? 
_cell.angle_beta                   96.02 
_cell.angle_beta_esd               ? 
_cell.angle_gamma                  90.00 
_cell.angle_gamma_esd              ? 
_cell.entry_id                     5EN1 
_cell.details                      ? 
_cell.formula_units_Z              ? 
_cell.length_a                     122.623 
_cell.length_a_esd                 ? 
_cell.length_b                     46.380 
_cell.length_b_esd                 ? 
_cell.length_c                     37.516 
_cell.length_c_esd                 ? 
_cell.volume                       ? 
_cell.volume_esd                   ? 
_cell.Z_PDB                        4 
_cell.reciprocal_angle_alpha       ? 
_cell.reciprocal_angle_beta        ? 
_cell.reciprocal_angle_gamma       ? 
_cell.reciprocal_angle_alpha_esd   ? 
_cell.reciprocal_angle_beta_esd    ? 
_cell.reciprocal_angle_gamma_esd   ? 
_cell.reciprocal_length_a          ? 
_cell.reciprocal_length_b          ? 
_cell.reciprocal_length_c          ? 
_cell.reciprocal_length_a_esd      ? 
_cell.reciprocal_length_b_esd      ? 
_cell.reciprocal_length_c_esd      ? 
_cell.pdbx_unique_axis             ? 
# 
_symmetry.entry_id                         5EN1 
_symmetry.cell_setting                     ? 
_symmetry.Int_Tables_number                5 
_symmetry.space_group_name_Hall            ? 
_symmetry.space_group_name_H-M             'C 1 2 1' 
_symmetry.pdbx_full_space_group_name_H-M   ? 
# 
loop_
_entity.id 
_entity.type 
_entity.src_method 
_entity.pdbx_description 
_entity.formula_weight 
_entity.pdbx_number_of_molecules 
_entity.pdbx_ec 
_entity.pdbx_mutation 
_entity.pdbx_fragment 
_entity.details 
1 polymer man 'Heterogeneous nuclear ribonucleoproteins A2/B1' 21206.969 1  ? ? 'UNP residues 12-195' ? 
2 polymer syn 
;RNA (5'-R(*AP*GP*GP*AP*CP*UP*G)-3')
;
2260.419  1  ? ? ?                     ? 
3 water   nat water                                            18.015    11 ? ? ?                     ? 
# 
_entity_name_com.entity_id   1 
_entity_name_com.name        'hnRNP A2/B1' 
# 
loop_
_entity_poly.entity_id 
_entity_poly.type 
_entity_poly.nstd_linkage 
_entity_poly.nstd_monomer 
_entity_poly.pdbx_seq_one_letter_code 
_entity_poly.pdbx_seq_one_letter_code_can 
_entity_poly.pdbx_strand_id 
_entity_poly.pdbx_target_identifier 
1 'polypeptide(L)'   no no 
;RKKREKEQFRKLFIGGLSFETTEESLRNYYEQWGKLTDCVVMRDPASKRSRGFGFVTFSSMAEVDAAMAARPHSIDGRVV
EPKRAVAREESGKPGAHVTVKKLFVGGIKEDTEEHHLRDYFEEYGKIDTIEIITDRQSGKKRGFGFVTFDDHDPVDKIVL
QKYHTINGHNAEVRKALSRQEMQE
;
;RKKREKEQFRKLFIGGLSFETTEESLRNYYEQWGKLTDCVVMRDPASKRSRGFGFVTFSSMAEVDAAMAARPHSIDGRVV
EPKRAVAREESGKPGAHVTVKKLFVGGIKEDTEEHHLRDYFEEYGKIDTIEIITDRQSGKKRGFGFVTFDDHDPVDKIVL
QKYHTINGHNAEVRKALSRQEMQE
;
A ? 
2 polyribonucleotide no no AGGACUG AGGACUG B ? 
# 
loop_
_entity_poly_seq.entity_id 
_entity_poly_seq.num 
_entity_poly_seq.mon_id 
_entity_poly_seq.hetero 
1 1   ARG n 
1 2   LYS n 
1 3   LYS n 
1 4   ARG n 
1 5   GLU n 
1 6   LYS n 
1 7   GLU n 
1 8   GLN n 
1 9   PHE n 
1 10  ARG n 
1 11  LYS n 
1 12  LEU n 
1 13  PHE n 
1 14  ILE n 
1 15  GLY n 
1 16  GLY n 
1 17  LEU n 
1 18  SER n 
1 19  PHE n 
1 20  GLU n 
1 21  THR n 
1 22  THR n 
1 23  GLU n 
1 24  GLU n 
1 25  SER n 
1 26  LEU n 
1 27  ARG n 
1 28  ASN n 
1 29  TYR n 
1 30  TYR n 
1 31  GLU n 
1 32  GLN n 
1 33  TRP n 
1 34  GLY n 
1 35  LYS n 
1 36  LEU n 
1 37  THR n 
1 38  ASP n 
1 39  CYS n 
1 40  VAL n 
1 41  VAL n 
1 42  MET n 
1 43  ARG n 
1 44  ASP n 
1 45  PRO n 
1 46  ALA n 
1 47  SER n 
1 48  LYS n 
1 49  ARG n 
1 50  SER n 
1 51  ARG n 
1 52  GLY n 
1 53  PHE n 
1 54  GLY n 
1 55  PHE n 
1 56  VAL n 
1 57  THR n 
1 58  PHE n 
1 59  SER n 
1 60  SER n 
1 61  MET n 
1 62  ALA n 
1 63  GLU n 
1 64  VAL n 
1 65  ASP n 
1 66  ALA n 
1 67  ALA n 
1 68  MET n 
1 69  ALA n 
1 70  ALA n 
1 71  ARG n 
1 72  PRO n 
1 73  HIS n 
1 74  SER n 
1 75  ILE n 
1 76  ASP n 
1 77  GLY n 
1 78  ARG n 
1 79  VAL n 
1 80  VAL n 
1 81  GLU n 
1 82  PRO n 
1 83  LYS n 
1 84  ARG n 
1 85  ALA n 
1 86  VAL n 
1 87  ALA n 
1 88  ARG n 
1 89  GLU n 
1 90  GLU n 
1 91  SER n 
1 92  GLY n 
1 93  LYS n 
1 94  PRO n 
1 95  GLY n 
1 96  ALA n 
1 97  HIS n 
1 98  VAL n 
1 99  THR n 
1 100 VAL n 
1 101 LYS n 
1 102 LYS n 
1 103 LEU n 
1 104 PHE n 
1 105 VAL n 
1 106 GLY n 
1 107 GLY n 
1 108 ILE n 
1 109 LYS n 
1 110 GLU n 
1 111 ASP n 
1 112 THR n 
1 113 GLU n 
1 114 GLU n 
1 115 HIS n 
1 116 HIS n 
1 117 LEU n 
1 118 ARG n 
1 119 ASP n 
1 120 TYR n 
1 121 PHE n 
1 122 GLU n 
1 123 GLU n 
1 124 TYR n 
1 125 GLY n 
1 126 LYS n 
1 127 ILE n 
1 128 ASP n 
1 129 THR n 
1 130 ILE n 
1 131 GLU n 
1 132 ILE n 
1 133 ILE n 
1 134 THR n 
1 135 ASP n 
1 136 ARG n 
1 137 GLN n 
1 138 SER n 
1 139 GLY n 
1 140 LYS n 
1 141 LYS n 
1 142 ARG n 
1 143 GLY n 
1 144 PHE n 
1 145 GLY n 
1 146 PHE n 
1 147 VAL n 
1 148 THR n 
1 149 PHE n 
1 150 ASP n 
1 151 ASP n 
1 152 HIS n 
1 153 ASP n 
1 154 PRO n 
1 155 VAL n 
1 156 ASP n 
1 157 LYS n 
1 158 ILE n 
1 159 VAL n 
1 160 LEU n 
1 161 GLN n 
1 162 LYS n 
1 163 TYR n 
1 164 HIS n 
1 165 THR n 
1 166 ILE n 
1 167 ASN n 
1 168 GLY n 
1 169 HIS n 
1 170 ASN n 
1 171 ALA n 
1 172 GLU n 
1 173 VAL n 
1 174 ARG n 
1 175 LYS n 
1 176 ALA n 
1 177 LEU n 
1 178 SER n 
1 179 ARG n 
1 180 GLN n 
1 181 GLU n 
1 182 MET n 
1 183 GLN n 
1 184 GLU n 
2 1   A   n 
2 2   G   n 
2 3   G   n 
2 4   A   n 
2 5   C   n 
2 6   U   n 
2 7   G   n 
# 
_entity_src_gen.entity_id                          1 
_entity_src_gen.pdbx_src_id                        1 
_entity_src_gen.pdbx_alt_source_flag               sample 
_entity_src_gen.pdbx_seq_type                      'Biological sequence' 
_entity_src_gen.pdbx_beg_seq_num                   1 
_entity_src_gen.pdbx_end_seq_num                   184 
_entity_src_gen.gene_src_common_name               Human 
_entity_src_gen.gene_src_genus                     ? 
_entity_src_gen.pdbx_gene_src_gene                 'HNRNPA2B1, HNRPA2B1' 
_entity_src_gen.gene_src_species                   ? 
_entity_src_gen.gene_src_strain                    ? 
_entity_src_gen.gene_src_tissue                    ? 
_entity_src_gen.gene_src_tissue_fraction           ? 
_entity_src_gen.gene_src_details                   ? 
_entity_src_gen.pdbx_gene_src_fragment             ? 
_entity_src_gen.pdbx_gene_src_scientific_name      'Homo sapiens' 
_entity_src_gen.pdbx_gene_src_ncbi_taxonomy_id     9606 
_entity_src_gen.pdbx_gene_src_variant              ? 
_entity_src_gen.pdbx_gene_src_cell_line            ? 
_entity_src_gen.pdbx_gene_src_atcc                 ? 
_entity_src_gen.pdbx_gene_src_organ                ? 
_entity_src_gen.pdbx_gene_src_organelle            ? 
_entity_src_gen.pdbx_gene_src_cell                 ? 
_entity_src_gen.pdbx_gene_src_cellular_location    ? 
_entity_src_gen.host_org_common_name               ? 
_entity_src_gen.pdbx_host_org_scientific_name      'Escherichia coli' 
_entity_src_gen.pdbx_host_org_ncbi_taxonomy_id     562 
_entity_src_gen.host_org_genus                     ? 
_entity_src_gen.pdbx_host_org_gene                 ? 
_entity_src_gen.pdbx_host_org_organ                ? 
_entity_src_gen.host_org_species                   ? 
_entity_src_gen.pdbx_host_org_tissue               ? 
_entity_src_gen.pdbx_host_org_tissue_fraction      ? 
_entity_src_gen.pdbx_host_org_strain               ? 
_entity_src_gen.pdbx_host_org_variant              ? 
_entity_src_gen.pdbx_host_org_cell_line            ? 
_entity_src_gen.pdbx_host_org_atcc                 ? 
_entity_src_gen.pdbx_host_org_culture_collection   ? 
_entity_src_gen.pdbx_host_org_cell                 ? 
_entity_src_gen.pdbx_host_org_organelle            ? 
_entity_src_gen.pdbx_host_org_cellular_location    ? 
_entity_src_gen.pdbx_host_org_vector_type          ? 
_entity_src_gen.pdbx_host_org_vector               ? 
_entity_src_gen.host_org_details                   ? 
_entity_src_gen.expression_system_id               ? 
_entity_src_gen.plasmid_name                       ? 
_entity_src_gen.plasmid_details                    ? 
_entity_src_gen.pdbx_description                   ? 
# 
_pdbx_entity_src_syn.entity_id              2 
_pdbx_entity_src_syn.pdbx_src_id            1 
_pdbx_entity_src_syn.pdbx_alt_source_flag   sample 
_pdbx_entity_src_syn.pdbx_beg_seq_num       1 
_pdbx_entity_src_syn.pdbx_end_seq_num       7 
_pdbx_entity_src_syn.organism_scientific    'Homo sapiens' 
_pdbx_entity_src_syn.organism_common_name   ? 
_pdbx_entity_src_syn.ncbi_taxonomy_id       9606 
_pdbx_entity_src_syn.details                ? 
# 
loop_
_struct_ref.id 
_struct_ref.db_name 
_struct_ref.db_code 
_struct_ref.pdbx_db_accession 
_struct_ref.pdbx_db_isoform 
_struct_ref.entity_id 
_struct_ref.pdbx_seq_one_letter_code 
_struct_ref.pdbx_align_begin 
1 UNP ROA2_HUMAN P22626 ? 1 
;RKKREKEQFRKLFIGGLSFETTEESLRNYYEQWGKLTDCVVMRDPASKRSRGFGFVTFSSMAEVDAAMAARPHSIDGRVV
EPKRAVAREESGKPGAHVTVKKLFVGGIKEDTEEHHLRDYFEEYGKIDTIEIITDRQSGKKRGFGFVTFDDHDPVDKIVL
QKYHTINGHNAEVRKALSRQEMQE
;
12 
2 PDB 5EN1       5EN1   ? 2 ? 1  
# 
loop_
_struct_ref_seq.align_id 
_struct_ref_seq.ref_id 
_struct_ref_seq.pdbx_PDB_id_code 
_struct_ref_seq.pdbx_strand_id 
_struct_ref_seq.seq_align_beg 
_struct_ref_seq.pdbx_seq_align_beg_ins_code 
_struct_ref_seq.seq_align_end 
_struct_ref_seq.pdbx_seq_align_end_ins_code 
_struct_ref_seq.pdbx_db_accession 
_struct_ref_seq.db_align_beg 
_struct_ref_seq.pdbx_db_align_beg_ins_code 
_struct_ref_seq.db_align_end 
_struct_ref_seq.pdbx_db_align_end_ins_code 
_struct_ref_seq.pdbx_auth_seq_align_beg 
_struct_ref_seq.pdbx_auth_seq_align_end 
1 1 5EN1 A 1 ? 184 ? P22626 12 ? 195 ? 12 195 
2 2 5EN1 B 1 ? 7   ? 5EN1   1  ? 7   ? 1  7   
# 
loop_
_chem_comp.id 
_chem_comp.type 
_chem_comp.mon_nstd_flag 
_chem_comp.name 
_chem_comp.pdbx_synonyms 
_chem_comp.formula 
_chem_comp.formula_weight 
A   'RNA linking'       y "ADENOSINE-5'-MONOPHOSPHATE" ? 'C10 H14 N5 O7 P' 347.221 
ALA 'L-peptide linking' y ALANINE                      ? 'C3 H7 N O2'      89.093  
ARG 'L-peptide linking' y ARGININE                     ? 'C6 H15 N4 O2 1'  175.209 
ASN 'L-peptide linking' y ASPARAGINE                   ? 'C4 H8 N2 O3'     132.118 
ASP 'L-peptide linking' y 'ASPARTIC ACID'              ? 'C4 H7 N O4'      133.103 
C   'RNA linking'       y "CYTIDINE-5'-MONOPHOSPHATE"  ? 'C9 H14 N3 O8 P'  323.197 
CYS 'L-peptide linking' y CYSTEINE                     ? 'C3 H7 N O2 S'    121.158 
G   'RNA linking'       y "GUANOSINE-5'-MONOPHOSPHATE" ? 'C10 H14 N5 O8 P' 363.221 
GLN 'L-peptide linking' y GLUTAMINE                    ? 'C5 H10 N2 O3'    146.144 
GLU 'L-peptide linking' y 'GLUTAMIC ACID'              ? 'C5 H9 N O4'      147.129 
GLY 'peptide linking'   y GLYCINE                      ? 'C2 H5 N O2'      75.067  
HIS 'L-peptide linking' y HISTIDINE                    ? 'C6 H10 N3 O2 1'  156.162 
HOH non-polymer         . WATER                        ? 'H2 O'            18.015  
ILE 'L-peptide linking' y ISOLEUCINE                   ? 'C6 H13 N O2'     131.173 
LEU 'L-peptide linking' y LEUCINE                      ? 'C6 H13 N O2'     131.173 
LYS 'L-peptide linking' y LYSINE                       ? 'C6 H15 N2 O2 1'  147.195 
MET 'L-peptide linking' y METHIONINE                   ? 'C5 H11 N O2 S'   149.211 
PHE 'L-peptide linking' y PHENYLALANINE                ? 'C9 H11 N O2'     165.189 
PRO 'L-peptide linking' y PROLINE                      ? 'C5 H9 N O2'      115.130 
SER 'L-peptide linking' y SERINE                       ? 'C3 H7 N O3'      105.093 
THR 'L-peptide linking' y THREONINE                    ? 'C4 H9 N O3'      119.119 
TRP 'L-peptide linking' y TRYPTOPHAN                   ? 'C11 H12 N2 O2'   204.225 
TYR 'L-peptide linking' y TYROSINE                     ? 'C9 H11 N O3'     181.189 
U   'RNA linking'       y "URIDINE-5'-MONOPHOSPHATE"   ? 'C9 H13 N2 O9 P'  324.181 
VAL 'L-peptide linking' y VALINE                       ? 'C5 H11 N O2'     117.146 
# 
_exptl.absorpt_coefficient_mu     ? 
_exptl.absorpt_correction_T_max   ? 
_exptl.absorpt_correction_T_min   ? 
_exptl.absorpt_correction_type    ? 
_exptl.absorpt_process_details    ? 
_exptl.entry_id                   5EN1 
_exptl.crystals_number            ? 
_exptl.details                    ? 
_exptl.method                     'X-RAY DIFFRACTION' 
_exptl.method_details             ? 
# 
_exptl_crystal.colour                      ? 
_exptl_crystal.density_diffrn              ? 
_exptl_crystal.density_Matthews            2.26 
_exptl_crystal.density_method              ? 
_exptl_crystal.density_percent_sol         45.59 
_exptl_crystal.description                 ? 
_exptl_crystal.F_000                       ? 
_exptl_crystal.id                          1 
_exptl_crystal.preparation                 ? 
_exptl_crystal.size_max                    ? 
_exptl_crystal.size_mid                    ? 
_exptl_crystal.size_min                    ? 
_exptl_crystal.size_rad                    ? 
_exptl_crystal.colour_lustre               ? 
_exptl_crystal.colour_modifier             ? 
_exptl_crystal.colour_primary              ? 
_exptl_crystal.density_meas                ? 
_exptl_crystal.density_meas_esd            ? 
_exptl_crystal.density_meas_gt             ? 
_exptl_crystal.density_meas_lt             ? 
_exptl_crystal.density_meas_temp           ? 
_exptl_crystal.density_meas_temp_esd       ? 
_exptl_crystal.density_meas_temp_gt        ? 
_exptl_crystal.density_meas_temp_lt        ? 
_exptl_crystal.pdbx_crystal_image_url      ? 
_exptl_crystal.pdbx_crystal_image_format   ? 
_exptl_crystal.pdbx_mosaicity              ? 
_exptl_crystal.pdbx_mosaicity_esd          ? 
# 
_exptl_crystal_grow.apparatus       ? 
_exptl_crystal_grow.atmosphere      ? 
_exptl_crystal_grow.crystal_id      1 
_exptl_crystal_grow.details         ? 
_exptl_crystal_grow.method          'VAPOR DIFFUSION, SITTING DROP' 
_exptl_crystal_grow.method_ref      ? 
_exptl_crystal_grow.pH              7.0 
_exptl_crystal_grow.pressure        ? 
_exptl_crystal_grow.pressure_esd    ? 
_exptl_crystal_grow.seeding         ? 
_exptl_crystal_grow.seeding_ref     ? 
_exptl_crystal_grow.temp            293 
_exptl_crystal_grow.temp_details    ? 
_exptl_crystal_grow.temp_esd        ? 
_exptl_crystal_grow.time            ? 
_exptl_crystal_grow.pdbx_details    '25% PEG3350, 0.1M Tris pH8.5' 
_exptl_crystal_grow.pdbx_pH_range   ? 
# 
_diffrn.ambient_environment    ? 
_diffrn.ambient_temp           100 
_diffrn.ambient_temp_details   ? 
_diffrn.ambient_temp_esd       ? 
_diffrn.crystal_id             1 
_diffrn.crystal_support        ? 
_diffrn.crystal_treatment      ? 
_diffrn.details                ? 
_diffrn.id                     1 
_diffrn.ambient_pressure       ? 
_diffrn.ambient_pressure_esd   ? 
_diffrn.ambient_pressure_gt    ? 
_diffrn.ambient_pressure_lt    ? 
_diffrn.ambient_temp_gt        ? 
_diffrn.ambient_temp_lt        ? 
# 
_diffrn_detector.details                      ? 
_diffrn_detector.detector                     CCD 
_diffrn_detector.diffrn_id                    1 
_diffrn_detector.type                         RIGAKU 
_diffrn_detector.area_resol_mean              ? 
_diffrn_detector.dtime                        ? 
_diffrn_detector.pdbx_frames_total            ? 
_diffrn_detector.pdbx_collection_time_total   ? 
_diffrn_detector.pdbx_collection_date         2015-10-26 
# 
_diffrn_radiation.collimation                      ? 
_diffrn_radiation.diffrn_id                        1 
_diffrn_radiation.filter_edge                      ? 
_diffrn_radiation.inhomogeneity                    ? 
_diffrn_radiation.monochromator                    ? 
_diffrn_radiation.polarisn_norm                    ? 
_diffrn_radiation.polarisn_ratio                   ? 
_diffrn_radiation.probe                            ? 
_diffrn_radiation.type                             ? 
_diffrn_radiation.xray_symbol                      ? 
_diffrn_radiation.wavelength_id                    1 
_diffrn_radiation.pdbx_monochromatic_or_laue_m_l   M 
_diffrn_radiation.pdbx_wavelength_list             ? 
_diffrn_radiation.pdbx_wavelength                  ? 
_diffrn_radiation.pdbx_diffrn_protocol             'SINGLE WAVELENGTH' 
_diffrn_radiation.pdbx_analyzer                    ? 
_diffrn_radiation.pdbx_scattering_type             x-ray 
# 
_diffrn_radiation_wavelength.id           1 
_diffrn_radiation_wavelength.wavelength   0.987 
_diffrn_radiation_wavelength.wt           1.0 
# 
_diffrn_source.current                     ? 
_diffrn_source.details                     ? 
_diffrn_source.diffrn_id                   1 
_diffrn_source.power                       ? 
_diffrn_source.size                        ? 
_diffrn_source.source                      SYNCHROTRON 
_diffrn_source.target                      ? 
_diffrn_source.type                        'SSRF BEAMLINE BL18U1' 
_diffrn_source.voltage                     ? 
_diffrn_source.take-off_angle              ? 
_diffrn_source.pdbx_wavelength_list        0.987 
_diffrn_source.pdbx_wavelength             ? 
_diffrn_source.pdbx_synchrotron_beamline   BL18U1 
_diffrn_source.pdbx_synchrotron_site       SSRF 
# 
_reflns.B_iso_Wilson_estimate            ? 
_reflns.entry_id                         5EN1 
_reflns.data_reduction_details           ? 
_reflns.data_reduction_method            ? 
_reflns.d_resolution_high                2.58 
_reflns.d_resolution_low                 28.81 
_reflns.details                          ? 
_reflns.limit_h_max                      ? 
_reflns.limit_h_min                      ? 
_reflns.limit_k_max                      ? 
_reflns.limit_k_min                      ? 
_reflns.limit_l_max                      ? 
_reflns.limit_l_min                      ? 
_reflns.number_all                       ? 
_reflns.number_obs                       6187 
_reflns.observed_criterion               ? 
_reflns.observed_criterion_F_max         ? 
_reflns.observed_criterion_F_min         ? 
_reflns.observed_criterion_I_max         ? 
_reflns.observed_criterion_I_min         ? 
_reflns.observed_criterion_sigma_F       ? 
_reflns.observed_criterion_sigma_I       ? 
_reflns.percent_possible_obs             91.89 
_reflns.R_free_details                   ? 
_reflns.Rmerge_F_all                     ? 
_reflns.Rmerge_F_obs                     ? 
_reflns.Friedel_coverage                 ? 
_reflns.number_gt                        ? 
_reflns.threshold_expression             ? 
_reflns.pdbx_redundancy                  2.5 
_reflns.pdbx_Rmerge_I_obs                ? 
_reflns.pdbx_Rmerge_I_all                ? 
_reflns.pdbx_Rsym_value                  ? 
_reflns.pdbx_netI_over_av_sigmaI         ? 
_reflns.pdbx_netI_over_sigmaI            7.9 
_reflns.pdbx_res_netI_over_av_sigmaI_2   ? 
_reflns.pdbx_res_netI_over_sigmaI_2      ? 
_reflns.pdbx_chi_squared                 ? 
_reflns.pdbx_scaling_rejects             ? 
_reflns.pdbx_d_res_high_opt              ? 
_reflns.pdbx_d_res_low_opt               ? 
_reflns.pdbx_d_res_opt_method            ? 
_reflns.phase_calculation_details        ? 
_reflns.pdbx_Rrim_I_all                  ? 
_reflns.pdbx_Rpim_I_all                  ? 
_reflns.pdbx_d_opt                       ? 
_reflns.pdbx_number_measured_all         ? 
_reflns.pdbx_diffrn_id                   1 
_reflns.pdbx_ordinal                     1 
_reflns.pdbx_CC_half                     ? 
_reflns.pdbx_R_split                     ? 
# 
_refine.aniso_B[1][1]                            1.60 
_refine.aniso_B[1][2]                            0.00 
_refine.aniso_B[1][3]                            -1.09 
_refine.aniso_B[2][2]                            1.28 
_refine.aniso_B[2][3]                            0.00 
_refine.aniso_B[3][3]                            -2.59 
_refine.B_iso_max                                ? 
_refine.B_iso_mean                               45.201 
_refine.B_iso_min                                ? 
_refine.correlation_coeff_Fo_to_Fc               0.940 
_refine.correlation_coeff_Fo_to_Fc_free          0.925 
_refine.details                                  'HYDROGENS HAVE BEEN ADDED IN THE RIDING POSITIONS' 
_refine.diff_density_max                         ? 
_refine.diff_density_max_esd                     ? 
_refine.diff_density_min                         ? 
_refine.diff_density_min_esd                     ? 
_refine.diff_density_rms                         ? 
_refine.diff_density_rms_esd                     ? 
_refine.entry_id                                 5EN1 
_refine.pdbx_refine_id                           'X-RAY DIFFRACTION' 
_refine.ls_abs_structure_details                 ? 
_refine.ls_abs_structure_Flack                   ? 
_refine.ls_abs_structure_Flack_esd               ? 
_refine.ls_abs_structure_Rogers                  ? 
_refine.ls_abs_structure_Rogers_esd              ? 
_refine.ls_d_res_high                            2.58 
_refine.ls_d_res_low                             28.81 
_refine.ls_extinction_coef                       ? 
_refine.ls_extinction_coef_esd                   ? 
_refine.ls_extinction_expression                 ? 
_refine.ls_extinction_method                     ? 
_refine.ls_goodness_of_fit_all                   ? 
_refine.ls_goodness_of_fit_all_esd               ? 
_refine.ls_goodness_of_fit_obs                   ? 
_refine.ls_goodness_of_fit_obs_esd               ? 
_refine.ls_hydrogen_treatment                    ? 
_refine.ls_matrix_type                           ? 
_refine.ls_number_constraints                    ? 
_refine.ls_number_parameters                     ? 
_refine.ls_number_reflns_all                     ? 
_refine.ls_number_reflns_obs                     5889 
_refine.ls_number_reflns_R_free                  299 
_refine.ls_number_reflns_R_work                  ? 
_refine.ls_number_restraints                     ? 
_refine.ls_percent_reflns_obs                    91.76 
_refine.ls_percent_reflns_R_free                 4.8 
_refine.ls_R_factor_all                          ? 
_refine.ls_R_factor_obs                          0.19387 
_refine.ls_R_factor_R_free                       0.23624 
_refine.ls_R_factor_R_free_error                 ? 
_refine.ls_R_factor_R_free_error_details         ? 
_refine.ls_R_factor_R_work                       0.19162 
_refine.ls_R_Fsqd_factor_obs                     ? 
_refine.ls_R_I_factor_obs                        ? 
_refine.ls_redundancy_reflns_all                 ? 
_refine.ls_redundancy_reflns_obs                 ? 
_refine.ls_restrained_S_all                      ? 
_refine.ls_restrained_S_obs                      ? 
_refine.ls_shift_over_esd_max                    ? 
_refine.ls_shift_over_esd_mean                   ? 
_refine.ls_structure_factor_coef                 ? 
_refine.ls_weighting_details                     ? 
_refine.ls_weighting_scheme                      ? 
_refine.ls_wR_factor_all                         ? 
_refine.ls_wR_factor_obs                         ? 
_refine.ls_wR_factor_R_free                      ? 
_refine.ls_wR_factor_R_work                      ? 
_refine.occupancy_max                            ? 
_refine.occupancy_min                            ? 
_refine.solvent_model_details                    MASK 
_refine.solvent_model_param_bsol                 ? 
_refine.solvent_model_param_ksol                 ? 
_refine.ls_R_factor_gt                           ? 
_refine.ls_goodness_of_fit_gt                    ? 
_refine.ls_goodness_of_fit_ref                   ? 
_refine.ls_shift_over_su_max                     ? 
_refine.ls_shift_over_su_max_lt                  ? 
_refine.ls_shift_over_su_mean                    ? 
_refine.ls_shift_over_su_mean_lt                 ? 
_refine.pdbx_ls_sigma_I                          ? 
_refine.pdbx_ls_sigma_F                          ? 
_refine.pdbx_ls_sigma_Fsqd                       ? 
_refine.pdbx_data_cutoff_high_absF               ? 
_refine.pdbx_data_cutoff_high_rms_absF           ? 
_refine.pdbx_data_cutoff_low_absF                ? 
_refine.pdbx_isotropic_thermal_model             ? 
_refine.pdbx_ls_cross_valid_method               THROUGHOUT 
_refine.pdbx_method_to_determine_struct          'MOLECULAR REPLACEMENT' 
_refine.pdbx_starting_model                      1U1Q 
_refine.pdbx_stereochemistry_target_values       'MAXIMUM LIKELIHOOD' 
_refine.pdbx_R_Free_selection_details            RANDOM 
_refine.pdbx_stereochem_target_val_spec_case     ? 
_refine.pdbx_overall_ESU_R                       ? 
_refine.pdbx_overall_ESU_R_Free                  0.338 
_refine.pdbx_solvent_vdw_probe_radii             1.20 
_refine.pdbx_solvent_ion_probe_radii             0.80 
_refine.pdbx_solvent_shrinkage_radii             0.80 
_refine.pdbx_real_space_R                        ? 
_refine.pdbx_density_correlation                 ? 
_refine.pdbx_pd_number_of_powder_patterns        ? 
_refine.pdbx_pd_number_of_points                 ? 
_refine.pdbx_pd_meas_number_of_points            ? 
_refine.pdbx_pd_proc_ls_prof_R_factor            ? 
_refine.pdbx_pd_proc_ls_prof_wR_factor           ? 
_refine.pdbx_pd_Marquardt_correlation_coeff      ? 
_refine.pdbx_pd_Fsqrd_R_factor                   ? 
_refine.pdbx_pd_ls_matrix_band_width             ? 
_refine.pdbx_overall_phase_error                 ? 
_refine.pdbx_overall_SU_R_free_Cruickshank_DPI   ? 
_refine.pdbx_overall_SU_R_free_Blow_DPI          ? 
_refine.pdbx_overall_SU_R_Blow_DPI               ? 
_refine.pdbx_TLS_residual_ADP_flag               ? 
_refine.pdbx_diffrn_id                           1 
_refine.overall_SU_B                             14.648 
_refine.overall_SU_ML                            0.298 
_refine.overall_SU_R_Cruickshank_DPI             ? 
_refine.overall_SU_R_free                        ? 
_refine.overall_FOM_free_R_set                   ? 
_refine.overall_FOM_work_R_set                   ? 
_refine.pdbx_average_fsc_overall                 ? 
_refine.pdbx_average_fsc_work                    ? 
_refine.pdbx_average_fsc_free                    ? 
# 
_refine_hist.pdbx_refine_id                   'X-RAY DIFFRACTION' 
_refine_hist.cycle_id                         1 
_refine_hist.pdbx_number_atoms_protein        1491 
_refine_hist.pdbx_number_atoms_nucleic_acid   150 
_refine_hist.pdbx_number_atoms_ligand         0 
_refine_hist.number_atoms_solvent             11 
_refine_hist.number_atoms_total               1652 
_refine_hist.d_res_high                       2.58 
_refine_hist.d_res_low                        28.81 
# 
loop_
_refine_ls_restr.pdbx_refine_id 
_refine_ls_restr.criterion 
_refine_ls_restr.dev_ideal 
_refine_ls_restr.dev_ideal_target 
_refine_ls_restr.number 
_refine_ls_restr.rejects 
_refine_ls_restr.type 
_refine_ls_restr.weight 
_refine_ls_restr.pdbx_restraint_function 
'X-RAY DIFFRACTION' ? 0.011  0.018  1688 ? r_bond_refined_d             ? ? 
'X-RAY DIFFRACTION' ? 0.002  0.020  1522 ? r_bond_other_d               ? ? 
'X-RAY DIFFRACTION' ? 1.615  1.864  2295 ? r_angle_refined_deg          ? ? 
'X-RAY DIFFRACTION' ? 1.417  3.000  3512 ? r_angle_other_deg            ? ? 
'X-RAY DIFFRACTION' ? 7.489  5.000  183  ? r_dihedral_angle_1_deg       ? ? 
'X-RAY DIFFRACTION' ? 34.183 23.000 80   ? r_dihedral_angle_2_deg       ? ? 
'X-RAY DIFFRACTION' ? 16.347 15.000 286  ? r_dihedral_angle_3_deg       ? ? 
'X-RAY DIFFRACTION' ? 19.227 15.000 16   ? r_dihedral_angle_4_deg       ? ? 
'X-RAY DIFFRACTION' ? 0.095  0.200  238  ? r_chiral_restr               ? ? 
'X-RAY DIFFRACTION' ? 0.006  0.020  1799 ? r_gen_planes_refined         ? ? 
'X-RAY DIFFRACTION' ? 0.002  0.020  406  ? r_gen_planes_other           ? ? 
'X-RAY DIFFRACTION' ? ?      ?      ?    ? r_nbd_refined                ? ? 
'X-RAY DIFFRACTION' ? ?      ?      ?    ? r_nbd_other                  ? ? 
'X-RAY DIFFRACTION' ? ?      ?      ?    ? r_nbtor_refined              ? ? 
'X-RAY DIFFRACTION' ? ?      ?      ?    ? r_nbtor_other                ? ? 
'X-RAY DIFFRACTION' ? ?      ?      ?    ? r_xyhbond_nbd_refined        ? ? 
'X-RAY DIFFRACTION' ? ?      ?      ?    ? r_xyhbond_nbd_other          ? ? 
'X-RAY DIFFRACTION' ? ?      ?      ?    ? r_metal_ion_refined          ? ? 
'X-RAY DIFFRACTION' ? ?      ?      ?    ? r_metal_ion_other            ? ? 
'X-RAY DIFFRACTION' ? ?      ?      ?    ? r_symmetry_vdw_refined       ? ? 
'X-RAY DIFFRACTION' ? ?      ?      ?    ? r_symmetry_vdw_other         ? ? 
'X-RAY DIFFRACTION' ? ?      ?      ?    ? r_symmetry_hbond_refined     ? ? 
'X-RAY DIFFRACTION' ? ?      ?      ?    ? r_symmetry_hbond_other       ? ? 
'X-RAY DIFFRACTION' ? ?      ?      ?    ? r_symmetry_metal_ion_refined ? ? 
'X-RAY DIFFRACTION' ? ?      ?      ?    ? r_symmetry_metal_ion_other   ? ? 
'X-RAY DIFFRACTION' ? 2.771  4.157  735  ? r_mcbond_it                  ? ? 
'X-RAY DIFFRACTION' ? 2.754  4.154  734  ? r_mcbond_other               ? ? 
'X-RAY DIFFRACTION' ? 4.475  6.219  917  ? r_mcangle_it                 ? ? 
'X-RAY DIFFRACTION' ? 4.476  6.225  918  ? r_mcangle_other              ? ? 
'X-RAY DIFFRACTION' ? 3.202  4.835  953  ? r_scbond_it                  ? ? 
'X-RAY DIFFRACTION' ? 3.185  4.826  952  ? r_scbond_other               ? ? 
'X-RAY DIFFRACTION' ? ?      ?      ?    ? r_scangle_it                 ? ? 
'X-RAY DIFFRACTION' ? 5.368  7.130  1379 ? r_scangle_other              ? ? 
'X-RAY DIFFRACTION' ? 7.099  35.244 1838 ? r_long_range_B_refined       ? ? 
'X-RAY DIFFRACTION' ? 7.100  35.293 1839 ? r_long_range_B_other         ? ? 
'X-RAY DIFFRACTION' ? ?      ?      ?    ? r_rigid_bond_restr           ? ? 
'X-RAY DIFFRACTION' ? ?      ?      ?    ? r_sphericity_free            ? ? 
'X-RAY DIFFRACTION' ? ?      ?      ?    ? r_sphericity_bonded          ? ? 
# 
_refine_ls_shell.pdbx_refine_id                   'X-RAY DIFFRACTION' 
_refine_ls_shell.d_res_high                       2.581 
_refine_ls_shell.d_res_low                        2.648 
_refine_ls_shell.number_reflns_all                ? 
_refine_ls_shell.number_reflns_obs                ? 
_refine_ls_shell.number_reflns_R_free             18 
_refine_ls_shell.number_reflns_R_work             300 
_refine_ls_shell.percent_reflns_obs               64.90 
_refine_ls_shell.percent_reflns_R_free            ? 
_refine_ls_shell.R_factor_all                     ? 
_refine_ls_shell.R_factor_obs                     ? 
_refine_ls_shell.R_factor_R_free                  0.280 
_refine_ls_shell.R_factor_R_free_error            ? 
_refine_ls_shell.R_factor_R_work                  0.293 
_refine_ls_shell.redundancy_reflns_all            ? 
_refine_ls_shell.redundancy_reflns_obs            ? 
_refine_ls_shell.wR_factor_all                    ? 
_refine_ls_shell.wR_factor_obs                    ? 
_refine_ls_shell.wR_factor_R_free                 ? 
_refine_ls_shell.wR_factor_R_work                 ? 
_refine_ls_shell.pdbx_total_number_of_bins_used   20 
_refine_ls_shell.pdbx_phase_error                 ? 
_refine_ls_shell.pdbx_fsc_work                    ? 
_refine_ls_shell.pdbx_fsc_free                    ? 
# 
_struct.entry_id                     5EN1 
_struct.title                        'Crystal structure of hnRNPA2B1 in complex with RNA' 
_struct.pdbx_model_details           ? 
_struct.pdbx_formula_weight          ? 
_struct.pdbx_formula_weight_method   ? 
_struct.pdbx_model_type_details      ? 
_struct.pdbx_CASP_flag               ? 
# 
_struct_keywords.entry_id        5EN1 
_struct_keywords.text            'HNRNP, RRM, RNA BINDING PROTEIN-RNA complex' 
_struct_keywords.pdbx_keywords   'RNA BINDING PROTEIN/RNA' 
# 
loop_
_struct_asym.id 
_struct_asym.pdbx_blank_PDB_chainid_flag 
_struct_asym.pdbx_modified 
_struct_asym.entity_id 
_struct_asym.details 
A N N 1 ? 
B N N 2 ? 
C N N 3 ? 
D N N 3 ? 
# 
loop_
_struct_conf.conf_type_id 
_struct_conf.id 
_struct_conf.pdbx_PDB_helix_id 
_struct_conf.beg_label_comp_id 
_struct_conf.beg_label_asym_id 
_struct_conf.beg_label_seq_id 
_struct_conf.pdbx_beg_PDB_ins_code 
_struct_conf.end_label_comp_id 
_struct_conf.end_label_asym_id 
_struct_conf.end_label_seq_id 
_struct_conf.pdbx_end_PDB_ins_code 
_struct_conf.beg_auth_comp_id 
_struct_conf.beg_auth_asym_id 
_struct_conf.beg_auth_seq_id 
_struct_conf.end_auth_comp_id 
_struct_conf.end_auth_asym_id 
_struct_conf.end_auth_seq_id 
_struct_conf.pdbx_PDB_helix_class 
_struct_conf.details 
_struct_conf.pdbx_PDB_helix_length 
HELX_P HELX_P1 AA1 LYS A 6   ? PHE A 9   ? LYS A 17  PHE A 20  5 ? 4  
HELX_P HELX_P2 AA2 THR A 22  ? GLU A 31  ? THR A 33  GLU A 42  1 ? 10 
HELX_P HELX_P3 AA3 SER A 60  ? ALA A 70  ? SER A 71  ALA A 81  1 ? 11 
HELX_P HELX_P4 AA4 ALA A 87  ? SER A 91  ? ALA A 98  SER A 102 5 ? 5  
HELX_P HELX_P5 AA5 GLU A 113 ? GLU A 122 ? GLU A 124 GLU A 133 1 ? 10 
HELX_P HELX_P6 AA6 GLU A 123 ? GLY A 125 ? GLU A 134 GLY A 136 5 ? 3  
HELX_P HELX_P7 AA7 ASP A 151 ? GLN A 161 ? ASP A 162 GLN A 172 1 ? 11 
HELX_P HELX_P8 AA8 SER A 178 ? MET A 182 ? SER A 189 MET A 193 5 ? 5  
# 
_struct_conf_type.id          HELX_P 
_struct_conf_type.criteria    ? 
_struct_conf_type.reference   ? 
# 
_struct_mon_prot_cis.pdbx_id                1 
_struct_mon_prot_cis.label_comp_id          ARG 
_struct_mon_prot_cis.label_seq_id           71 
_struct_mon_prot_cis.label_asym_id          A 
_struct_mon_prot_cis.label_alt_id           . 
_struct_mon_prot_cis.pdbx_PDB_ins_code      ? 
_struct_mon_prot_cis.auth_comp_id           ARG 
_struct_mon_prot_cis.auth_seq_id            82 
_struct_mon_prot_cis.auth_asym_id           A 
_struct_mon_prot_cis.pdbx_label_comp_id_2   PRO 
_struct_mon_prot_cis.pdbx_label_seq_id_2    72 
_struct_mon_prot_cis.pdbx_label_asym_id_2   A 
_struct_mon_prot_cis.pdbx_PDB_ins_code_2    ? 
_struct_mon_prot_cis.pdbx_auth_comp_id_2    PRO 
_struct_mon_prot_cis.pdbx_auth_seq_id_2     83 
_struct_mon_prot_cis.pdbx_auth_asym_id_2    A 
_struct_mon_prot_cis.pdbx_PDB_model_num     1 
_struct_mon_prot_cis.pdbx_omega_angle       5.88 
# 
loop_
_struct_sheet.id 
_struct_sheet.type 
_struct_sheet.number_strands 
_struct_sheet.details 
AA1 ? 5 ? 
AA2 ? 5 ? 
# 
loop_
_struct_sheet_order.sheet_id 
_struct_sheet_order.range_id_1 
_struct_sheet_order.range_id_2 
_struct_sheet_order.offset 
_struct_sheet_order.sense 
AA1 1 2 ? anti-parallel 
AA1 2 3 ? anti-parallel 
AA1 3 4 ? anti-parallel 
AA1 4 5 ? anti-parallel 
AA2 1 2 ? anti-parallel 
AA2 2 3 ? anti-parallel 
AA2 3 4 ? anti-parallel 
AA2 4 5 ? anti-parallel 
# 
loop_
_struct_sheet_range.sheet_id 
_struct_sheet_range.id 
_struct_sheet_range.beg_label_comp_id 
_struct_sheet_range.beg_label_asym_id 
_struct_sheet_range.beg_label_seq_id 
_struct_sheet_range.pdbx_beg_PDB_ins_code 
_struct_sheet_range.end_label_comp_id 
_struct_sheet_range.end_label_asym_id 
_struct_sheet_range.end_label_seq_id 
_struct_sheet_range.pdbx_end_PDB_ins_code 
_struct_sheet_range.beg_auth_comp_id 
_struct_sheet_range.beg_auth_asym_id 
_struct_sheet_range.beg_auth_seq_id 
_struct_sheet_range.end_auth_comp_id 
_struct_sheet_range.end_auth_asym_id 
_struct_sheet_range.end_auth_seq_id 
AA1 1 LEU A 36  ? ARG A 43  ? LEU A 47  ARG A 54  
AA1 2 SER A 50  ? PHE A 58  ? SER A 61  PHE A 69  
AA1 3 LYS A 11  ? GLY A 15  ? LYS A 22  GLY A 26  
AA1 4 VAL A 79  ? ARG A 84  ? VAL A 90  ARG A 95  
AA1 5 HIS A 73  ? SER A 74  ? HIS A 84  SER A 85  
AA2 1 ILE A 127 ? THR A 134 ? ILE A 138 THR A 145 
AA2 2 LYS A 141 ? PHE A 149 ? LYS A 152 PHE A 160 
AA2 3 LYS A 102 ? GLY A 106 ? LYS A 113 GLY A 117 
AA2 4 HIS A 169 ? LYS A 175 ? HIS A 180 LYS A 186 
AA2 5 HIS A 164 ? ILE A 166 ? HIS A 175 ILE A 177 
# 
loop_
_pdbx_struct_sheet_hbond.sheet_id 
_pdbx_struct_sheet_hbond.range_id_1 
_pdbx_struct_sheet_hbond.range_id_2 
_pdbx_struct_sheet_hbond.range_1_label_atom_id 
_pdbx_struct_sheet_hbond.range_1_label_comp_id 
_pdbx_struct_sheet_hbond.range_1_label_asym_id 
_pdbx_struct_sheet_hbond.range_1_label_seq_id 
_pdbx_struct_sheet_hbond.range_1_PDB_ins_code 
_pdbx_struct_sheet_hbond.range_1_auth_atom_id 
_pdbx_struct_sheet_hbond.range_1_auth_comp_id 
_pdbx_struct_sheet_hbond.range_1_auth_asym_id 
_pdbx_struct_sheet_hbond.range_1_auth_seq_id 
_pdbx_struct_sheet_hbond.range_2_label_atom_id 
_pdbx_struct_sheet_hbond.range_2_label_comp_id 
_pdbx_struct_sheet_hbond.range_2_label_asym_id 
_pdbx_struct_sheet_hbond.range_2_label_seq_id 
_pdbx_struct_sheet_hbond.range_2_PDB_ins_code 
_pdbx_struct_sheet_hbond.range_2_auth_atom_id 
_pdbx_struct_sheet_hbond.range_2_auth_comp_id 
_pdbx_struct_sheet_hbond.range_2_auth_asym_id 
_pdbx_struct_sheet_hbond.range_2_auth_seq_id 
AA1 1 2 N MET A 42  ? N MET A 53  O ARG A 51  ? O ARG A 62  
AA1 2 3 O VAL A 56  ? O VAL A 67  N LEU A 12  ? N LEU A 23  
AA1 3 4 N PHE A 13  ? N PHE A 24  O LYS A 83  ? O LYS A 94  
AA1 4 5 O VAL A 80  ? O VAL A 91  N HIS A 73  ? N HIS A 84  
AA2 1 2 N ASP A 128 ? N ASP A 139 O THR A 148 ? O THR A 159 
AA2 2 3 O VAL A 147 ? O VAL A 158 N LEU A 103 ? N LEU A 114 
AA2 3 4 N PHE A 104 ? N PHE A 115 O ARG A 174 ? O ARG A 185 
AA2 4 5 O HIS A 169 ? O HIS A 180 N ILE A 166 ? N ILE A 177 
# 
_atom_sites.entry_id                    5EN1 
_atom_sites.fract_transf_matrix[1][1]   -0.00349909 
_atom_sites.fract_transf_matrix[1][2]   -0.00207593 
_atom_sites.fract_transf_matrix[1][3]   0.00711961 
_atom_sites.fract_transf_matrix[2][1]   0.00133245 
_atom_sites.fract_transf_matrix[2][2]   -0.02082665 
_atom_sites.fract_transf_matrix[2][3]   -0.00541774 
_atom_sites.fract_transf_matrix[3][1]   0.02285248 
_atom_sites.fract_transf_matrix[3][2]   -0.00213864 
_atom_sites.fract_transf_matrix[3][3]   0.01384165 
_atom_sites.fract_transf_vector[1]      1.137749 
_atom_sites.fract_transf_vector[2]      -0.607542 
_atom_sites.fract_transf_vector[3]      0.342481 
# 
loop_
_atom_type.symbol 
C 
N 
O 
P 
S 
# 
loop_
_atom_site.group_PDB 
_atom_site.id 
_atom_site.type_symbol 
_atom_site.label_atom_id 
_atom_site.label_alt_id 
_atom_site.label_comp_id 
_atom_site.label_asym_id 
_atom_site.label_entity_id 
_atom_site.label_seq_id 
_atom_site.pdbx_PDB_ins_code 
_atom_site.Cartn_x 
_atom_site.Cartn_y 
_atom_site.Cartn_z 
_atom_site.occupancy 
_atom_site.B_iso_or_equiv 
_atom_site.pdbx_formal_charge 
_atom_site.auth_seq_id 
_atom_site.auth_comp_id 
_atom_site.auth_asym_id 
_atom_site.auth_atom_id 
_atom_site.pdbx_PDB_model_num 
ATOM   1    N N     . ARG A 1 1   ? -13.840 18.505  2.443   1.00 104.85 ? 12  ARG A N     1 
ATOM   2    C CA    . ARG A 1 1   ? -15.175 18.212  3.063   1.00 106.96 ? 12  ARG A CA    1 
ATOM   3    C C     . ARG A 1 1   ? -15.316 16.708  3.330   1.00 102.95 ? 12  ARG A C     1 
ATOM   4    O O     . ARG A 1 1   ? -16.227 16.042  2.823   1.00 99.11  ? 12  ARG A O     1 
ATOM   5    C CB    . ARG A 1 1   ? -16.321 18.750  2.173   1.00 106.67 ? 12  ARG A CB    1 
ATOM   6    C CG    . ARG A 1 1   ? -17.740 18.623  2.736   1.00 104.06 ? 12  ARG A CG    1 
ATOM   7    C CD    . ARG A 1 1   ? -17.918 19.312  4.081   1.00 101.41 ? 12  ARG A CD    1 
ATOM   8    N NE    . ARG A 1 1   ? -17.898 20.774  3.950   1.00 98.36  ? 12  ARG A NE    1 
ATOM   9    C CZ    . ARG A 1 1   ? -17.394 21.636  4.839   1.00 92.97  ? 12  ARG A CZ    1 
ATOM   10   N NH1   . ARG A 1 1   ? -17.463 22.941  4.583   1.00 95.76  ? 12  ARG A NH1   1 
ATOM   11   N NH2   . ARG A 1 1   ? -16.807 21.227  5.963   1.00 88.33  ? 12  ARG A NH2   1 
ATOM   12   N N     . LYS A 1 2   ? -14.377 16.193  4.121   1.00 97.15  ? 13  LYS A N     1 
ATOM   13   C CA    . LYS A 1 2   ? -14.332 14.791  4.534   1.00 94.08  ? 13  LYS A CA    1 
ATOM   14   C C     . LYS A 1 2   ? -14.462 14.734  6.070   1.00 93.38  ? 13  LYS A C     1 
ATOM   15   O O     . LYS A 1 2   ? -14.342 15.767  6.748   1.00 88.74  ? 13  LYS A O     1 
ATOM   16   C CB    . LYS A 1 2   ? -13.014 14.162  4.030   1.00 91.21  ? 13  LYS A CB    1 
ATOM   17   C CG    . LYS A 1 2   ? -12.925 12.638  4.070   1.00 90.29  ? 13  LYS A CG    1 
ATOM   18   C CD    . LYS A 1 2   ? -13.771 11.966  3.003   1.00 90.26  ? 13  LYS A CD    1 
ATOM   19   C CE    . LYS A 1 2   ? -14.120 10.525  3.371   1.00 91.02  ? 13  LYS A CE    1 
ATOM   20   N NZ    . LYS A 1 2   ? -15.189 9.971   2.487   1.00 86.33  ? 13  LYS A NZ    1 
ATOM   21   N N     . LYS A 1 3   ? -14.779 13.549  6.601   1.00 95.16  ? 14  LYS A N     1 
ATOM   22   C CA    . LYS A 1 3   ? -14.609 13.236  8.036   1.00 89.92  ? 14  LYS A CA    1 
ATOM   23   C C     . LYS A 1 3   ? -13.219 12.634  8.233   1.00 74.90  ? 14  LYS A C     1 
ATOM   24   O O     . LYS A 1 3   ? -12.556 12.247  7.258   1.00 63.58  ? 14  LYS A O     1 
ATOM   25   C CB    . LYS A 1 3   ? -15.676 12.241  8.525   1.00 98.15  ? 14  LYS A CB    1 
ATOM   26   C CG    . LYS A 1 3   ? -17.104 12.786  8.549   1.00 105.11 ? 14  LYS A CG    1 
ATOM   27   C CD    . LYS A 1 3   ? -18.141 11.683  8.337   1.00 107.38 ? 14  LYS A CD    1 
ATOM   28   C CE    . LYS A 1 3   ? -19.574 12.203  8.411   1.00 107.17 ? 14  LYS A CE    1 
ATOM   29   N NZ    . LYS A 1 3   ? -20.079 12.229  9.814   1.00 108.50 ? 14  LYS A NZ    1 
ATOM   30   N N     . ARG A 1 4   ? -12.765 12.569  9.486   1.00 66.00  ? 15  ARG A N     1 
ATOM   31   C CA    . ARG A 1 4   ? -11.526 11.838  9.793   1.00 63.76  ? 15  ARG A CA    1 
ATOM   32   C C     . ARG A 1 4   ? -11.780 10.383  9.426   1.00 53.23  ? 15  ARG A C     1 
ATOM   33   O O     . ARG A 1 4   ? -12.800 9.810   9.809   1.00 45.29  ? 15  ARG A O     1 
ATOM   34   C CB    . ARG A 1 4   ? -11.107 11.950  11.272  1.00 69.10  ? 15  ARG A CB    1 
ATOM   35   C CG    . ARG A 1 4   ? -10.644 13.348  11.694  1.00 78.68  ? 15  ARG A CG    1 
ATOM   36   C CD    . ARG A 1 4   ? -11.213 13.814  13.044  1.00 82.63  ? 15  ARG A CD    1 
ATOM   37   N NE    . ARG A 1 4   ? -11.309 15.291  13.155  1.00 84.44  ? 15  ARG A NE    1 
ATOM   38   C CZ    . ARG A 1 4   ? -12.345 16.061  12.780  1.00 77.30  ? 15  ARG A CZ    1 
ATOM   39   N NH1   . ARG A 1 4   ? -12.280 17.386  12.953  1.00 72.10  ? 15  ARG A NH1   1 
ATOM   40   N NH2   . ARG A 1 4   ? -13.447 15.537  12.242  1.00 79.44  ? 15  ARG A NH2   1 
ATOM   41   N N     . GLU A 1 5   ? -10.872 9.805   8.645   1.00 47.42  ? 16  GLU A N     1 
ATOM   42   C CA    . GLU A 1 5   ? -10.932 8.382   8.363   1.00 43.88  ? 16  GLU A CA    1 
ATOM   43   C C     . GLU A 1 5   ? -10.450 7.690   9.631   1.00 39.99  ? 16  GLU A C     1 
ATOM   44   O O     . GLU A 1 5   ? -9.911  8.333   10.527  1.00 36.31  ? 16  GLU A O     1 
ATOM   45   C CB    . GLU A 1 5   ? -10.069 7.994   7.160   1.00 44.19  ? 16  GLU A CB    1 
ATOM   46   C CG    . GLU A 1 5   ? -10.406 8.731   5.866   1.00 44.40  ? 16  GLU A CG    1 
ATOM   47   C CD    . GLU A 1 5   ? -9.632  10.022  5.665   1.00 46.10  ? 16  GLU A CD    1 
ATOM   48   O OE1   . GLU A 1 5   ? -8.836  10.382  6.557   1.00 42.41  ? 16  GLU A OE1   1 
ATOM   49   O OE2   . GLU A 1 5   ? -9.828  10.683  4.612   1.00 46.45  ? 16  GLU A OE2   1 
ATOM   50   N N     . LYS A 1 6   ? -10.663 6.390   9.720   1.00 38.64  ? 17  LYS A N     1 
ATOM   51   C CA    . LYS A 1 6   ? -10.104 5.633   10.812  1.00 41.35  ? 17  LYS A CA    1 
ATOM   52   C C     . LYS A 1 6   ? -8.561  5.649   10.668  1.00 42.66  ? 17  LYS A C     1 
ATOM   53   O O     . LYS A 1 6   ? -8.014  5.974   9.608   1.00 40.37  ? 17  LYS A O     1 
ATOM   54   C CB    . LYS A 1 6   ? -10.616 4.196   10.806  1.00 45.13  ? 17  LYS A CB    1 
ATOM   55   C CG    . LYS A 1 6   ? -12.120 4.012   10.822  1.00 49.28  ? 17  LYS A CG    1 
ATOM   56   C CD    . LYS A 1 6   ? -12.793 4.537   12.074  1.00 53.87  ? 17  LYS A CD    1 
ATOM   57   C CE    . LYS A 1 6   ? -13.465 3.442   12.888  1.00 57.57  ? 17  LYS A CE    1 
ATOM   58   N NZ    . LYS A 1 6   ? -14.498 4.041   13.789  1.00 60.62  ? 17  LYS A NZ    1 
ATOM   59   N N     . GLU A 1 7   ? -7.879  5.281   11.741  1.00 44.79  ? 18  GLU A N     1 
ATOM   60   C CA    . GLU A 1 7   ? -6.422  5.398   11.848  1.00 47.40  ? 18  GLU A CA    1 
ATOM   61   C C     . GLU A 1 7   ? -5.657  4.632   10.786  1.00 43.46  ? 18  GLU A C     1 
ATOM   62   O O     . GLU A 1 7   ? -4.705  5.170   10.225  1.00 41.08  ? 18  GLU A O     1 
ATOM   63   C CB    . GLU A 1 7   ? -5.948  4.950   13.243  1.00 52.19  ? 18  GLU A CB    1 
ATOM   64   C CG    . GLU A 1 7   ? -6.496  5.814   14.381  1.00 55.93  ? 18  GLU A CG    1 
ATOM   65   C CD    . GLU A 1 7   ? -5.591  5.822   15.603  1.00 61.48  ? 18  GLU A CD    1 
ATOM   66   O OE1   . GLU A 1 7   ? -5.108  4.718   15.968  1.00 62.33  ? 18  GLU A OE1   1 
ATOM   67   O OE2   . GLU A 1 7   ? -5.360  6.925   16.180  1.00 56.04  ? 18  GLU A OE2   1 
ATOM   68   N N     . GLN A 1 8   ? -6.092  3.406   10.490  1.00 40.56  ? 19  GLN A N     1 
ATOM   69   C CA    . GLN A 1 8   ? -5.371  2.535   9.563   1.00 41.86  ? 19  GLN A CA    1 
ATOM   70   C C     . GLN A 1 8   ? -5.165  3.121   8.181   1.00 39.73  ? 19  GLN A C     1 
ATOM   71   O O     . GLN A 1 8   ? -4.204  2.772   7.490   1.00 43.79  ? 19  GLN A O     1 
ATOM   72   C CB    . GLN A 1 8   ? -6.060  1.176   9.421   1.00 45.13  ? 19  GLN A CB    1 
ATOM   73   C CG    . GLN A 1 8   ? -7.345  1.156   8.603   1.00 48.63  ? 19  GLN A CG    1 
ATOM   74   C CD    . GLN A 1 8   ? -7.937  -0.241  8.530   1.00 50.97  ? 19  GLN A CD    1 
ATOM   75   O OE1   . GLN A 1 8   ? -7.365  -1.136  7.903   1.00 53.59  ? 19  GLN A OE1   1 
ATOM   76   N NE2   . GLN A 1 8   ? -9.080  -0.439  9.182   1.00 51.97  ? 19  GLN A NE2   1 
ATOM   77   N N     . PHE A 1 9   ? -6.083  3.993   7.792   1.00 38.27  ? 20  PHE A N     1 
ATOM   78   C CA    . PHE A 1 9   ? -6.067  4.669   6.503   1.00 37.88  ? 20  PHE A CA    1 
ATOM   79   C C     . PHE A 1 9   ? -5.186  5.891   6.514   1.00 35.23  ? 20  PHE A C     1 
ATOM   80   O O     . PHE A 1 9   ? -4.869  6.393   5.454   1.00 39.88  ? 20  PHE A O     1 
ATOM   81   C CB    . PHE A 1 9   ? -7.499  5.076   6.075   1.00 40.89  ? 20  PHE A CB    1 
ATOM   82   C CG    . PHE A 1 9   ? -8.506  3.944   6.150   1.00 41.52  ? 20  PHE A CG    1 
ATOM   83   C CD1   . PHE A 1 9   ? -8.315  2.788   5.412   1.00 44.02  ? 20  PHE A CD1   1 
ATOM   84   C CD2   . PHE A 1 9   ? -9.622  4.028   6.974   1.00 42.93  ? 20  PHE A CD2   1 
ATOM   85   C CE1   . PHE A 1 9   ? -9.211  1.733   5.487   1.00 47.03  ? 20  PHE A CE1   1 
ATOM   86   C CE2   . PHE A 1 9   ? -10.530 2.982   7.048   1.00 46.31  ? 20  PHE A CE2   1 
ATOM   87   C CZ    . PHE A 1 9   ? -10.325 1.829   6.300   1.00 46.21  ? 20  PHE A CZ    1 
ATOM   88   N N     . ARG A 1 10  ? -4.783  6.352   7.695   1.00 35.99  ? 21  ARG A N     1 
ATOM   89   C CA    . ARG A 1 10  ? -3.932  7.547   7.867   1.00 36.13  ? 21  ARG A CA    1 
ATOM   90   C C     . ARG A 1 10  ? -2.494  7.255   8.339   1.00 35.14  ? 21  ARG A C     1 
ATOM   91   O O     . ARG A 1 10  ? -1.684  8.166   8.432   1.00 40.78  ? 21  ARG A O     1 
ATOM   92   C CB    . ARG A 1 10  ? -4.617  8.501   8.854   1.00 34.74  ? 21  ARG A CB    1 
ATOM   93   C CG    . ARG A 1 10  ? -6.134  8.563   8.665   1.00 35.37  ? 21  ARG A CG    1 
ATOM   94   C CD    . ARG A 1 10  ? -6.817  9.719   9.377   1.00 35.86  ? 21  ARG A CD    1 
ATOM   95   N NE    . ARG A 1 10  ? -6.234  9.983   10.695  1.00 37.22  ? 21  ARG A NE    1 
ATOM   96   C CZ    . ARG A 1 10  ? -6.700  9.572   11.871  1.00 34.85  ? 21  ARG A CZ    1 
ATOM   97   N NH1   . ARG A 1 10  ? -7.800  8.842   11.990  1.00 32.34  ? 21  ARG A NH1   1 
ATOM   98   N NH2   . ARG A 1 10  ? -6.019  9.902   12.954  1.00 38.99  ? 21  ARG A NH2   1 
ATOM   99   N N     . LYS A 1 11  ? -2.184  5.991   8.603   1.00 34.07  ? 22  LYS A N     1 
ATOM   100  C CA    . LYS A 1 11  ? -0.939  5.559   9.220   1.00 31.17  ? 22  LYS A CA    1 
ATOM   101  C C     . LYS A 1 11  ? 0.097   5.100   8.195   1.00 30.26  ? 22  LYS A C     1 
ATOM   102  O O     . LYS A 1 11  ? -0.216  4.384   7.264   1.00 28.04  ? 22  LYS A O     1 
ATOM   103  C CB    . LYS A 1 11  ? -1.234  4.416   10.194  1.00 31.89  ? 22  LYS A CB    1 
ATOM   104  C CG    . LYS A 1 11  ? -0.219  4.273   11.322  1.00 35.12  ? 22  LYS A CG    1 
ATOM   105  C CD    . LYS A 1 11  ? -0.867  3.876   12.661  1.00 37.90  ? 22  LYS A CD    1 
ATOM   106  C CE    . LYS A 1 11  ? 0.115   4.084   13.809  1.00 40.34  ? 22  LYS A CE    1 
ATOM   107  N NZ    . LYS A 1 11  ? -0.350  3.590   15.141  1.00 43.54  ? 22  LYS A NZ    1 
ATOM   108  N N     . LEU A 1 12  ? 1.342   5.500   8.421   1.00 32.31  ? 23  LEU A N     1 
ATOM   109  C CA    . LEU A 1 12  ? 2.498   5.131   7.605   1.00 33.63  ? 23  LEU A CA    1 
ATOM   110  C C     . LEU A 1 12  ? 3.498   4.301   8.452   1.00 31.21  ? 23  LEU A C     1 
ATOM   111  O O     . LEU A 1 12  ? 3.813   4.663   9.575   1.00 28.62  ? 23  LEU A O     1 
ATOM   112  C CB    . LEU A 1 12  ? 3.176   6.425   7.101   1.00 36.80  ? 23  LEU A CB    1 
ATOM   113  C CG    . LEU A 1 12  ? 3.672   6.590   5.656   1.00 39.98  ? 23  LEU A CG    1 
ATOM   114  C CD1   . LEU A 1 12  ? 2.579   6.340   4.624   1.00 41.24  ? 23  LEU A CD1   1 
ATOM   115  C CD2   . LEU A 1 12  ? 4.211   7.994   5.467   1.00 41.49  ? 23  LEU A CD2   1 
ATOM   116  N N     . PHE A 1 13  ? 3.961   3.182   7.910   1.00 30.27  ? 24  PHE A N     1 
ATOM   117  C CA    . PHE A 1 13  ? 5.127   2.474   8.416   1.00 30.33  ? 24  PHE A CA    1 
ATOM   118  C C     . PHE A 1 13  ? 6.378   2.928   7.653   1.00 30.70  ? 24  PHE A C     1 
ATOM   119  O O     . PHE A 1 13  ? 6.433   2.881   6.425   1.00 28.95  ? 24  PHE A O     1 
ATOM   120  C CB    . PHE A 1 13  ? 4.972   0.959   8.254   1.00 32.20  ? 24  PHE A CB    1 
ATOM   121  C CG    . PHE A 1 13  ? 6.266   0.199   8.441   1.00 34.03  ? 24  PHE A CG    1 
ATOM   122  C CD1   . PHE A 1 13  ? 6.665   -0.237  9.702   1.00 33.76  ? 24  PHE A CD1   1 
ATOM   123  C CD2   . PHE A 1 13  ? 7.100   -0.058  7.358   1.00 35.31  ? 24  PHE A CD2   1 
ATOM   124  C CE1   . PHE A 1 13  ? 7.861   -0.916  9.879   1.00 33.15  ? 24  PHE A CE1   1 
ATOM   125  C CE2   . PHE A 1 13  ? 8.304   -0.733  7.533   1.00 35.93  ? 24  PHE A CE2   1 
ATOM   126  C CZ    . PHE A 1 13  ? 8.681   -1.168  8.792   1.00 33.74  ? 24  PHE A CZ    1 
ATOM   127  N N     . ILE A 1 14  ? 7.400   3.319   8.403   1.00 34.65  ? 25  ILE A N     1 
ATOM   128  C CA    . ILE A 1 14  ? 8.676   3.806   7.853   1.00 33.11  ? 25  ILE A CA    1 
ATOM   129  C C     . ILE A 1 14  ? 9.770   2.799   8.176   1.00 31.46  ? 25  ILE A C     1 
ATOM   130  O O     . ILE A 1 14  ? 10.148  2.611   9.328   1.00 28.49  ? 25  ILE A O     1 
ATOM   131  C CB    . ILE A 1 14  ? 9.096   5.156   8.462   1.00 33.02  ? 25  ILE A CB    1 
ATOM   132  C CG1   . ILE A 1 14  ? 7.877   6.073   8.739   1.00 31.89  ? 25  ILE A CG1   1 
ATOM   133  C CG2   . ILE A 1 14  ? 10.163  5.792   7.570   1.00 33.30  ? 25  ILE A CG2   1 
ATOM   134  C CD1   . ILE A 1 14  ? 7.163   6.544   7.508   1.00 32.78  ? 25  ILE A CD1   1 
ATOM   135  N N     . GLY A 1 15  ? 10.263  2.146   7.145   1.00 33.15  ? 26  GLY A N     1 
ATOM   136  C CA    . GLY A 1 15  ? 11.296  1.135   7.308   1.00 35.03  ? 26  GLY A CA    1 
ATOM   137  C C     . GLY A 1 15  ? 12.658  1.702   7.022   1.00 32.59  ? 26  GLY A C     1 
ATOM   138  O O     . GLY A 1 15  ? 12.769  2.693   6.314   1.00 33.12  ? 26  GLY A O     1 
ATOM   139  N N     . GLY A 1 16  ? 13.680  1.070   7.593   1.00 32.82  ? 27  GLY A N     1 
ATOM   140  C CA    . GLY A 1 16  ? 15.072  1.373   7.285   1.00 33.06  ? 27  GLY A CA    1 
ATOM   141  C C     . GLY A 1 16  ? 15.504  2.742   7.747   1.00 36.09  ? 27  GLY A C     1 
ATOM   142  O O     . GLY A 1 16  ? 16.270  3.420   7.066   1.00 41.24  ? 27  GLY A O     1 
ATOM   143  N N     . LEU A 1 17  ? 15.003  3.161   8.902   1.00 37.13  ? 28  LEU A N     1 
ATOM   144  C CA    . LEU A 1 17  ? 15.414  4.425   9.495   1.00 38.67  ? 28  LEU A CA    1 
ATOM   145  C C     . LEU A 1 17  ? 16.866  4.302   9.880   1.00 39.36  ? 28  LEU A C     1 
ATOM   146  O O     . LEU A 1 17  ? 17.334  3.196   10.191  1.00 40.78  ? 28  LEU A O     1 
ATOM   147  C CB    . LEU A 1 17  ? 14.610  4.722   10.773  1.00 38.41  ? 28  LEU A CB    1 
ATOM   148  C CG    . LEU A 1 17  ? 13.099  4.897   10.689  1.00 38.47  ? 28  LEU A CG    1 
ATOM   149  C CD1   . LEU A 1 17  ? 12.548  5.080   12.094  1.00 38.53  ? 28  LEU A CD1   1 
ATOM   150  C CD2   . LEU A 1 17  ? 12.736  6.086   9.804   1.00 39.31  ? 28  LEU A CD2   1 
ATOM   151  N N     . SER A 1 18  ? 17.577  5.425   9.908   1.00 41.10  ? 29  SER A N     1 
ATOM   152  C CA    . SER A 1 18  ? 18.898  5.420   10.532  1.00 41.02  ? 29  SER A CA    1 
ATOM   153  C C     . SER A 1 18  ? 18.747  5.303   12.059  1.00 40.42  ? 29  SER A C     1 
ATOM   154  O O     . SER A 1 18  ? 17.692  5.625   12.633  1.00 40.11  ? 29  SER A O     1 
ATOM   155  C CB    . SER A 1 18  ? 19.749  6.621   10.107  1.00 39.22  ? 29  SER A CB    1 
ATOM   156  O OG    . SER A 1 18  ? 19.164  7.803   10.565  1.00 41.97  ? 29  SER A OG    1 
ATOM   157  N N     . PHE A 1 19  ? 19.814  4.792   12.678  1.00 41.66  ? 30  PHE A N     1 
ATOM   158  C CA    . PHE A 1 19  ? 19.951  4.576   14.137  1.00 40.08  ? 30  PHE A CA    1 
ATOM   159  C C     . PHE A 1 19  ? 19.861  5.897   14.929  1.00 37.17  ? 30  PHE A C     1 
ATOM   160  O O     . PHE A 1 19  ? 19.476  5.910   16.089  1.00 34.34  ? 30  PHE A O     1 
ATOM   161  C CB    . PHE A 1 19  ? 21.318  3.890   14.366  1.00 43.29  ? 30  PHE A CB    1 
ATOM   162  C CG    . PHE A 1 19  ? 21.569  3.386   15.767  1.00 46.48  ? 30  PHE A CG    1 
ATOM   163  C CD1   . PHE A 1 19  ? 22.228  4.178   16.707  1.00 46.29  ? 30  PHE A CD1   1 
ATOM   164  C CD2   . PHE A 1 19  ? 21.224  2.084   16.128  1.00 48.43  ? 30  PHE A CD2   1 
ATOM   165  C CE1   . PHE A 1 19  ? 22.486  3.695   17.984  1.00 47.39  ? 30  PHE A CE1   1 
ATOM   166  C CE2   . PHE A 1 19  ? 21.498  1.598   17.407  1.00 45.31  ? 30  PHE A CE2   1 
ATOM   167  C CZ    . PHE A 1 19  ? 22.135  2.406   18.329  1.00 45.73  ? 30  PHE A CZ    1 
ATOM   168  N N     . GLU A 1 20  ? 20.204  7.011   14.298  1.00 38.66  ? 31  GLU A N     1 
ATOM   169  C CA    . GLU A 1 20  ? 20.140  8.309   14.956  1.00 43.15  ? 31  GLU A CA    1 
ATOM   170  C C     . GLU A 1 20  ? 18.817  9.025   14.723  1.00 38.31  ? 31  GLU A C     1 
ATOM   171  O O     . GLU A 1 20  ? 18.612  10.113  15.255  1.00 37.83  ? 31  GLU A O     1 
ATOM   172  C CB    . GLU A 1 20  ? 21.322  9.189   14.537  1.00 49.20  ? 31  GLU A CB    1 
ATOM   173  C CG    . GLU A 1 20  ? 22.677  8.663   15.033  1.00 54.34  ? 31  GLU A CG    1 
ATOM   174  C CD    . GLU A 1 20  ? 23.252  7.517   14.205  1.00 60.12  ? 31  GLU A CD    1 
ATOM   175  O OE1   . GLU A 1 20  ? 22.788  7.268   13.061  1.00 68.10  ? 31  GLU A OE1   1 
ATOM   176  O OE2   . GLU A 1 20  ? 24.173  6.838   14.718  1.00 72.60  ? 31  GLU A OE2   1 
ATOM   177  N N     . THR A 1 21  ? 17.913  8.414   13.960  1.00 36.99  ? 32  THR A N     1 
ATOM   178  C CA    . THR A 1 21  ? 16.563  8.964   13.781  1.00 36.37  ? 32  THR A CA    1 
ATOM   179  C C     . THR A 1 21  ? 15.738  8.821   15.054  1.00 34.23  ? 32  THR A C     1 
ATOM   180  O O     . THR A 1 21  ? 15.673  7.761   15.659  1.00 35.23  ? 32  THR A O     1 
ATOM   181  C CB    . THR A 1 21  ? 15.802  8.331   12.589  1.00 34.84  ? 32  THR A CB    1 
ATOM   182  O OG1   . THR A 1 21  ? 16.498  8.611   11.369  1.00 33.89  ? 32  THR A OG1   1 
ATOM   183  C CG2   . THR A 1 21  ? 14.374  8.882   12.488  1.00 34.15  ? 32  THR A CG2   1 
ATOM   184  N N     . THR A 1 22  ? 15.100  9.919   15.414  1.00 34.93  ? 33  THR A N     1 
ATOM   185  C CA    . THR A 1 22  ? 14.243  10.036  16.564  1.00 35.48  ? 33  THR A CA    1 
ATOM   186  C C     . THR A 1 22  ? 12.848  10.408  16.132  1.00 35.07  ? 33  THR A C     1 
ATOM   187  O O     . THR A 1 22  ? 12.603  10.637  14.956  1.00 32.27  ? 33  THR A O     1 
ATOM   188  C CB    . THR A 1 22  ? 14.742  11.193  17.409  1.00 36.78  ? 33  THR A CB    1 
ATOM   189  O OG1   . THR A 1 22  ? 14.723  12.389  16.605  1.00 35.75  ? 33  THR A OG1   1 
ATOM   190  C CG2   . THR A 1 22  ? 16.153  10.876  17.907  1.00 36.92  ? 33  THR A CG2   1 
ATOM   191  N N     . GLU A 1 23  ? 11.958  10.495  17.117  1.00 39.05  ? 34  GLU A N     1 
ATOM   192  C CA    . GLU A 1 23  ? 10.557  10.850  16.922  1.00 39.33  ? 34  GLU A CA    1 
ATOM   193  C C     . GLU A 1 23  ? 10.423  12.271  16.462  1.00 40.19  ? 34  GLU A C     1 
ATOM   194  O O     . GLU A 1 23  ? 9.584   12.560  15.613  1.00 35.68  ? 34  GLU A O     1 
ATOM   195  C CB    . GLU A 1 23  ? 9.744   10.616  18.193  1.00 40.84  ? 34  GLU A CB    1 
ATOM   196  C CG    . GLU A 1 23  ? 9.590   9.125   18.474  1.00 47.65  ? 34  GLU A CG    1 
ATOM   197  C CD    . GLU A 1 23  ? 8.994   8.756   19.849  1.00 55.70  ? 34  GLU A CD    1 
ATOM   198  O OE1   . GLU A 1 23  ? 8.572   9.664   20.631  1.00 61.17  ? 34  GLU A OE1   1 
ATOM   199  O OE2   . GLU A 1 23  ? 8.949   7.522   20.144  1.00 53.55  ? 34  GLU A OE2   1 
ATOM   200  N N     . GLU A 1 24  ? 11.269  13.148  16.993  1.00 42.06  ? 35  GLU A N     1 
ATOM   201  C CA    . GLU A 1 24  ? 11.162  14.575  16.667  1.00 44.75  ? 35  GLU A CA    1 
ATOM   202  C C     . GLU A 1 24  ? 11.655  14.873  15.235  1.00 42.62  ? 35  GLU A C     1 
ATOM   203  O O     . GLU A 1 24  ? 11.030  15.664  14.516  1.00 43.72  ? 35  GLU A O     1 
ATOM   204  C CB    . GLU A 1 24  ? 11.801  15.486  17.741  1.00 49.14  ? 35  GLU A CB    1 
ATOM   205  C CG    . GLU A 1 24  ? 13.118  15.054  18.382  1.00 56.43  ? 35  GLU A CG    1 
ATOM   206  C CD    . GLU A 1 24  ? 12.977  14.298  19.724  1.00 60.48  ? 35  GLU A CD    1 
ATOM   207  O OE1   . GLU A 1 24  ? 11.972  13.583  19.940  1.00 58.77  ? 35  GLU A OE1   1 
ATOM   208  O OE2   . GLU A 1 24  ? 13.909  14.408  20.563  1.00 64.55  ? 35  GLU A OE2   1 
ATOM   209  N N     . SER A 1 25  ? 12.732  14.206  14.813  1.00 40.20  ? 36  SER A N     1 
ATOM   210  C CA    . SER A 1 25  ? 13.251  14.329  13.442  1.00 35.72  ? 36  SER A CA    1 
ATOM   211  C C     . SER A 1 25  ? 12.375  13.613  12.410  1.00 33.16  ? 36  SER A C     1 
ATOM   212  O O     . SER A 1 25  ? 12.274  14.073  11.271  1.00 34.54  ? 36  SER A O     1 
ATOM   213  C CB    . SER A 1 25  ? 14.712  13.835  13.341  1.00 35.20  ? 36  SER A CB    1 
ATOM   214  O OG    . SER A 1 25  ? 14.825  12.451  13.036  1.00 34.31  ? 36  SER A OG    1 
ATOM   215  N N     . LEU A 1 26  ? 11.782  12.483  12.785  1.00 28.68  ? 37  LEU A N     1 
ATOM   216  C CA    . LEU A 1 26  ? 10.840  11.785  11.917  1.00 27.35  ? 37  LEU A CA    1 
ATOM   217  C C     . LEU A 1 26  ? 9.585   12.651  11.732  1.00 28.99  ? 37  LEU A C     1 
ATOM   218  O O     . LEU A 1 26  ? 9.088   12.845  10.607  1.00 26.79  ? 37  LEU A O     1 
ATOM   219  C CB    . LEU A 1 26  ? 10.475  10.437  12.538  1.00 27.32  ? 37  LEU A CB    1 
ATOM   220  C CG    . LEU A 1 26  ? 9.589   9.440   11.791  1.00 26.78  ? 37  LEU A CG    1 
ATOM   221  C CD1   . LEU A 1 26  ? 10.180  9.108   10.431  1.00 27.05  ? 37  LEU A CD1   1 
ATOM   222  C CD2   . LEU A 1 26  ? 9.430   8.186   12.634  1.00 26.86  ? 37  LEU A CD2   1 
ATOM   223  N N     . ARG A 1 27  ? 9.100   13.181  12.856  1.00 30.03  ? 38  ARG A N     1 
ATOM   224  C CA    . ARG A 1 27  ? 7.963   14.101  12.897  1.00 30.15  ? 38  ARG A CA    1 
ATOM   225  C C     . ARG A 1 27  ? 8.260   15.358  12.147  1.00 30.25  ? 38  ARG A C     1 
ATOM   226  O O     . ARG A 1 27  ? 7.415   15.864  11.441  1.00 31.48  ? 38  ARG A O     1 
ATOM   227  C CB    . ARG A 1 27  ? 7.595   14.427  14.342  1.00 31.82  ? 38  ARG A CB    1 
ATOM   228  C CG    . ARG A 1 27  ? 6.433   15.364  14.568  1.00 34.97  ? 38  ARG A CG    1 
ATOM   229  C CD    . ARG A 1 27  ? 6.235   15.663  16.055  1.00 39.37  ? 38  ARG A CD    1 
ATOM   230  N NE    . ARG A 1 27  ? 5.612   14.564  16.810  1.00 41.11  ? 38  ARG A NE    1 
ATOM   231  C CZ    . ARG A 1 27  ? 4.313   14.256  16.771  1.00 41.05  ? 38  ARG A CZ    1 
ATOM   232  N NH1   . ARG A 1 27  ? 3.460   14.934  15.981  1.00 39.97  ? 38  ARG A NH1   1 
ATOM   233  N NH2   . ARG A 1 27  ? 3.862   13.243  17.511  1.00 41.08  ? 38  ARG A NH2   1 
ATOM   234  N N     . ASN A 1 28  ? 9.470   15.865  12.276  1.00 33.40  ? 39  ASN A N     1 
ATOM   235  C CA    . ASN A 1 28  ? 9.832   17.031  11.512  1.00 35.85  ? 39  ASN A CA    1 
ATOM   236  C C     . ASN A 1 28  ? 9.720   16.767  10.038  1.00 34.99  ? 39  ASN A C     1 
ATOM   237  O O     . ASN A 1 28  ? 9.134   17.576  9.314   1.00 40.10  ? 39  ASN A O     1 
ATOM   238  C CB    . ASN A 1 28  ? 11.239  17.533  11.818  1.00 39.29  ? 39  ASN A CB    1 
ATOM   239  C CG    . ASN A 1 28  ? 11.502  18.886  11.168  1.00 42.08  ? 39  ASN A CG    1 
ATOM   240  O OD1   . ASN A 1 28  ? 12.096  18.973  10.078  1.00 40.60  ? 39  ASN A OD1   1 
ATOM   241  N ND2   . ASN A 1 28  ? 11.001  19.950  11.804  1.00 43.44  ? 39  ASN A ND2   1 
ATOM   242  N N     . TYR A 1 29  ? 10.266  15.644  9.596   1.00 32.22  ? 40  TYR A N     1 
ATOM   243  C CA    . TYR A 1 29  ? 10.262  15.324  8.180   1.00 33.37  ? 40  TYR A CA    1 
ATOM   244  C C     . TYR A 1 29  ? 8.815   15.201  7.628   1.00 33.85  ? 40  TYR A C     1 
ATOM   245  O O     . TYR A 1 29  ? 8.423   15.929  6.713   1.00 34.83  ? 40  TYR A O     1 
ATOM   246  C CB    . TYR A 1 29  ? 11.089  14.058  7.920   1.00 34.98  ? 40  TYR A CB    1 
ATOM   247  C CG    . TYR A 1 29  ? 11.274  13.755  6.456   1.00 35.71  ? 40  TYR A CG    1 
ATOM   248  C CD1   . TYR A 1 29  ? 12.252  14.398  5.710   1.00 36.95  ? 40  TYR A CD1   1 
ATOM   249  C CD2   . TYR A 1 29  ? 10.465  12.828  5.812   1.00 38.08  ? 40  TYR A CD2   1 
ATOM   250  C CE1   . TYR A 1 29  ? 12.420  14.124  4.361   1.00 40.26  ? 40  TYR A CE1   1 
ATOM   251  C CE2   . TYR A 1 29  ? 10.603  12.564  4.462   1.00 39.68  ? 40  TYR A CE2   1 
ATOM   252  C CZ    . TYR A 1 29  ? 11.582  13.210  3.750   1.00 42.34  ? 40  TYR A CZ    1 
ATOM   253  O OH    . TYR A 1 29  ? 11.702  12.955  2.415   1.00 50.73  ? 40  TYR A OH    1 
ATOM   254  N N     . TYR A 1 30  ? 8.010   14.318  8.197   1.00 32.39  ? 41  TYR A N     1 
ATOM   255  C CA    . TYR A 1 30  ? 6.677   14.070  7.639   1.00 32.73  ? 41  TYR A CA    1 
ATOM   256  C C     . TYR A 1 30  ? 5.671   15.218  7.809   1.00 34.66  ? 41  TYR A C     1 
ATOM   257  O O     . TYR A 1 30  ? 4.690   15.292  7.072   1.00 33.36  ? 41  TYR A O     1 
ATOM   258  C CB    . TYR A 1 30  ? 6.117   12.725  8.125   1.00 31.52  ? 41  TYR A CB    1 
ATOM   259  C CG    . TYR A 1 30  ? 6.768   11.605  7.360   1.00 30.36  ? 41  TYR A CG    1 
ATOM   260  C CD1   . TYR A 1 30  ? 6.463   11.410  6.011   1.00 30.40  ? 41  TYR A CD1   1 
ATOM   261  C CD2   . TYR A 1 30  ? 7.716   10.782  7.946   1.00 30.03  ? 41  TYR A CD2   1 
ATOM   262  C CE1   . TYR A 1 30  ? 7.079   10.427  5.271   1.00 30.68  ? 41  TYR A CE1   1 
ATOM   263  C CE2   . TYR A 1 30  ? 8.352   9.786   7.207   1.00 30.38  ? 41  TYR A CE2   1 
ATOM   264  C CZ    . TYR A 1 30  ? 8.029   9.616   5.867   1.00 30.78  ? 41  TYR A CZ    1 
ATOM   265  O OH    . TYR A 1 30  ? 8.628   8.634   5.107   1.00 32.63  ? 41  TYR A OH    1 
ATOM   266  N N     . GLU A 1 31  ? 5.957   16.146  8.721   1.00 37.33  ? 42  GLU A N     1 
ATOM   267  C CA    . GLU A 1 31  ? 5.142   17.354  8.867   1.00 36.77  ? 42  GLU A CA    1 
ATOM   268  C C     . GLU A 1 31  ? 5.152   18.299  7.652   1.00 33.79  ? 42  GLU A C     1 
ATOM   269  O O     . GLU A 1 31  ? 4.380   19.246  7.596   1.00 30.74  ? 42  GLU A O     1 
ATOM   270  C CB    . GLU A 1 31  ? 5.502   18.085  10.159  1.00 37.93  ? 42  GLU A CB    1 
ATOM   271  C CG    . GLU A 1 31  ? 4.766   17.500  11.361  1.00 40.36  ? 42  GLU A CG    1 
ATOM   272  C CD    . GLU A 1 31  ? 5.152   18.133  12.690  1.00 42.80  ? 42  GLU A CD    1 
ATOM   273  O OE1   . GLU A 1 31  ? 4.385   17.948  13.677  1.00 41.65  ? 42  GLU A OE1   1 
ATOM   274  O OE2   . GLU A 1 31  ? 6.223   18.804  12.740  1.00 45.84  ? 42  GLU A OE2   1 
ATOM   275  N N     . GLN A 1 32  ? 6.007   18.032  6.678   1.00 34.36  ? 43  GLN A N     1 
ATOM   276  C CA    . GLN A 1 32  ? 5.988   18.786  5.425   1.00 37.05  ? 43  GLN A CA    1 
ATOM   277  C C     . GLN A 1 32  ? 4.705   18.596  4.637   1.00 34.98  ? 43  GLN A C     1 
ATOM   278  O O     . GLN A 1 32  ? 4.325   19.482  3.903   1.00 33.20  ? 43  GLN A O     1 
ATOM   279  C CB    . GLN A 1 32  ? 7.136   18.358  4.517   1.00 38.78  ? 43  GLN A CB    1 
ATOM   280  C CG    . GLN A 1 32  ? 8.522   18.597  5.088   1.00 40.91  ? 43  GLN A CG    1 
ATOM   281  C CD    . GLN A 1 32  ? 9.571   18.034  4.161   1.00 41.62  ? 43  GLN A CD    1 
ATOM   282  O OE1   . GLN A 1 32  ? 9.678   18.471  3.011   1.00 44.79  ? 43  GLN A OE1   1 
ATOM   283  N NE2   . GLN A 1 32  ? 10.316  17.041  4.627   1.00 39.42  ? 43  GLN A NE2   1 
ATOM   284  N N     . TRP A 1 33  ? 4.076   17.429  4.769   1.00 35.74  ? 44  TRP A N     1 
ATOM   285  C CA    . TRP A 1 33  ? 2.915   17.054  3.965   1.00 36.16  ? 44  TRP A CA    1 
ATOM   286  C C     . TRP A 1 33  ? 1.626   16.925  4.749   1.00 37.15  ? 44  TRP A C     1 
ATOM   287  O O     . TRP A 1 33  ? 0.621   16.475  4.184   1.00 38.33  ? 44  TRP A O     1 
ATOM   288  C CB    . TRP A 1 33  ? 3.197   15.720  3.278   1.00 37.39  ? 44  TRP A CB    1 
ATOM   289  C CG    . TRP A 1 33  ? 4.423   15.755  2.419   1.00 38.21  ? 44  TRP A CG    1 
ATOM   290  C CD1   . TRP A 1 33  ? 4.546   16.337  1.183   1.00 37.84  ? 44  TRP A CD1   1 
ATOM   291  C CD2   . TRP A 1 33  ? 5.698   15.204  2.732   1.00 37.42  ? 44  TRP A CD2   1 
ATOM   292  N NE1   . TRP A 1 33  ? 5.816   16.178  0.713   1.00 37.46  ? 44  TRP A NE1   1 
ATOM   293  C CE2   . TRP A 1 33  ? 6.547   15.480  1.643   1.00 38.57  ? 44  TRP A CE2   1 
ATOM   294  C CE3   . TRP A 1 33  ? 6.205   14.488  3.824   1.00 37.58  ? 44  TRP A CE3   1 
ATOM   295  C CZ2   . TRP A 1 33  ? 7.874   15.058  1.610   1.00 38.14  ? 44  TRP A CZ2   1 
ATOM   296  C CZ3   . TRP A 1 33  ? 7.535   14.071  3.795   1.00 37.44  ? 44  TRP A CZ3   1 
ATOM   297  C CH2   . TRP A 1 33  ? 8.351   14.359  2.694   1.00 39.81  ? 44  TRP A CH2   1 
ATOM   298  N N     . GLY A 1 34  ? 1.640   17.292  6.033   1.00 37.18  ? 45  GLY A N     1 
ATOM   299  C CA    . GLY A 1 34  ? 0.458   17.119  6.879   1.00 39.26  ? 45  GLY A CA    1 
ATOM   300  C C     . GLY A 1 34  ? 0.720   17.193  8.378   1.00 42.12  ? 45  GLY A C     1 
ATOM   301  O O     . GLY A 1 34  ? 1.865   17.215  8.825   1.00 44.02  ? 45  GLY A O     1 
ATOM   302  N N     . LYS A 1 35  ? -0.367  17.238  9.137   1.00 41.96  ? 46  LYS A N     1 
ATOM   303  C CA    . LYS A 1 35  ? -0.328  17.416  10.575  1.00 43.96  ? 46  LYS A CA    1 
ATOM   304  C C     . LYS A 1 35  ? -0.263  16.043  11.220  1.00 43.88  ? 46  LYS A C     1 
ATOM   305  O O     . LYS A 1 35  ? -1.084  15.175  10.915  1.00 42.00  ? 46  LYS A O     1 
ATOM   306  C CB    . LYS A 1 35  ? -1.587  18.161  11.050  1.00 48.08  ? 46  LYS A CB    1 
ATOM   307  C CG    . LYS A 1 35  ? -1.704  19.584  10.521  1.00 49.33  ? 46  LYS A CG    1 
ATOM   308  C CD    . LYS A 1 35  ? -3.077  20.170  10.757  1.00 52.62  ? 46  LYS A CD    1 
ATOM   309  C CE    . LYS A 1 35  ? -4.022  19.885  9.599   1.00 56.49  ? 46  LYS A CE    1 
ATOM   310  N NZ    . LYS A 1 35  ? -5.443  20.140  9.994   1.00 59.38  ? 46  LYS A NZ    1 
ATOM   311  N N     . LEU A 1 36  ? 0.706   15.850  12.117  1.00 44.11  ? 47  LEU A N     1 
ATOM   312  C CA    . LEU A 1 36  ? 0.952   14.523  12.687  1.00 42.47  ? 47  LEU A CA    1 
ATOM   313  C C     . LEU A 1 36  ? 0.264   14.408  14.028  1.00 38.77  ? 47  LEU A C     1 
ATOM   314  O O     . LEU A 1 36  ? 0.339   15.276  14.873  1.00 39.33  ? 47  LEU A O     1 
ATOM   315  C CB    . LEU A 1 36  ? 2.458   14.165  12.799  1.00 42.54  ? 47  LEU A CB    1 
ATOM   316  C CG    . LEU A 1 36  ? 3.272   13.991  11.498  1.00 42.68  ? 47  LEU A CG    1 
ATOM   317  C CD1   . LEU A 1 36  ? 4.628   13.383  11.801  1.00 41.13  ? 47  LEU A CD1   1 
ATOM   318  C CD2   . LEU A 1 36  ? 2.574   13.159  10.422  1.00 43.43  ? 47  LEU A CD2   1 
ATOM   319  N N     . THR A 1 37  ? -0.394  13.281  14.181  1.00 38.90  ? 48  THR A N     1 
ATOM   320  C CA    . THR A 1 37  ? -1.303  12.966  15.270  1.00 36.86  ? 48  THR A CA    1 
ATOM   321  C C     . THR A 1 37  ? -0.592  12.097  16.317  1.00 36.86  ? 48  THR A C     1 
ATOM   322  O O     . THR A 1 37  ? -0.954  12.090  17.490  1.00 35.22  ? 48  THR A O     1 
ATOM   323  C CB    . THR A 1 37  ? -2.545  12.308  14.616  1.00 33.78  ? 48  THR A CB    1 
ATOM   324  O OG1   . THR A 1 37  ? -3.593  13.270  14.602  1.00 37.55  ? 48  THR A OG1   1 
ATOM   325  C CG2   . THR A 1 37  ? -3.020  11.147  15.304  1.00 33.29  ? 48  THR A CG2   1 
ATOM   326  N N     . ASP A 1 38  ? 0.418   11.368  15.847  1.00 36.68  ? 49  ASP A N     1 
ATOM   327  C CA    . ASP A 1 38  ? 1.212   10.467  16.629  1.00 35.62  ? 49  ASP A CA    1 
ATOM   328  C C     . ASP A 1 38  ? 2.440   10.118  15.792  1.00 34.55  ? 49  ASP A C     1 
ATOM   329  O O     . ASP A 1 38  ? 2.417   10.139  14.563  1.00 32.61  ? 49  ASP A O     1 
ATOM   330  C CB    . ASP A 1 38  ? 0.386   9.221   16.952  1.00 37.79  ? 49  ASP A CB    1 
ATOM   331  C CG    . ASP A 1 38  ? 1.145   8.176   17.752  1.00 36.67  ? 49  ASP A CG    1 
ATOM   332  O OD1   . ASP A 1 38  ? 2.038   8.513   18.560  1.00 35.32  ? 49  ASP A OD1   1 
ATOM   333  O OD2   . ASP A 1 38  ? 0.813   6.989   17.576  1.00 38.57  ? 49  ASP A OD2   1 
ATOM   334  N N     . CYS A 1 39  ? 3.524   9.838   16.487  1.00 36.12  ? 50  CYS A N     1 
ATOM   335  C CA    . CYS A 1 39  ? 4.782   9.502   15.847  1.00 38.69  ? 50  CYS A CA    1 
ATOM   336  C C     . CYS A 1 39  ? 5.670   8.747   16.836  1.00 38.19  ? 50  CYS A C     1 
ATOM   337  O O     . CYS A 1 39  ? 5.878   9.218   17.970  1.00 42.16  ? 50  CYS A O     1 
ATOM   338  C CB    . CYS A 1 39  ? 5.488   10.759  15.312  1.00 37.87  ? 50  CYS A CB    1 
ATOM   339  S SG    . CYS A 1 39  ? 7.054   10.345  14.501  1.00 38.50  ? 50  CYS A SG    1 
ATOM   340  N N     . VAL A 1 40  ? 6.185   7.591   16.409  1.00 35.49  ? 51  VAL A N     1 
ATOM   341  C CA    . VAL A 1 40  ? 6.916   6.696   17.303  1.00 32.53  ? 51  VAL A CA    1 
ATOM   342  C C     . VAL A 1 40  ? 8.040   5.921   16.573  1.00 29.93  ? 51  VAL A C     1 
ATOM   343  O O     . VAL A 1 40  ? 7.836   5.406   15.492  1.00 27.30  ? 51  VAL A O     1 
ATOM   344  C CB    . VAL A 1 40  ? 5.915   5.794   18.089  1.00 33.27  ? 51  VAL A CB    1 
ATOM   345  C CG1   . VAL A 1 40  ? 4.903   5.123   17.166  1.00 34.94  ? 51  VAL A CG1   1 
ATOM   346  C CG2   . VAL A 1 40  ? 6.625   4.764   18.948  1.00 33.44  ? 51  VAL A CG2   1 
ATOM   347  N N     . VAL A 1 41  ? 9.231   5.885   17.194  1.00 31.68  ? 52  VAL A N     1 
ATOM   348  C CA    . VAL A 1 41  ? 10.397  5.089   16.758  1.00 30.03  ? 52  VAL A CA    1 
ATOM   349  C C     . VAL A 1 41  ? 10.662  4.013   17.800  1.00 29.70  ? 52  VAL A C     1 
ATOM   350  O O     . VAL A 1 41  ? 10.902  4.300   18.974  1.00 28.96  ? 52  VAL A O     1 
ATOM   351  C CB    . VAL A 1 41  ? 11.677  5.930   16.620  1.00 29.81  ? 52  VAL A CB    1 
ATOM   352  C CG1   . VAL A 1 41  ? 12.854  5.041   16.199  1.00 30.33  ? 52  VAL A CG1   1 
ATOM   353  C CG2   . VAL A 1 41  ? 11.474  7.066   15.631  1.00 30.18  ? 52  VAL A CG2   1 
ATOM   354  N N     . MET A 1 42  ? 10.658  2.774   17.336  1.00 30.88  ? 53  MET A N     1 
ATOM   355  C CA    . MET A 1 42  ? 10.614  1.624   18.210  1.00 31.55  ? 53  MET A CA    1 
ATOM   356  C C     . MET A 1 42  ? 12.038  1.275   18.619  1.00 32.06  ? 53  MET A C     1 
ATOM   357  O O     . MET A 1 42  ? 12.966  1.282   17.794  1.00 32.04  ? 53  MET A O     1 
ATOM   358  C CB    . MET A 1 42  ? 9.957   0.445   17.498  1.00 33.06  ? 53  MET A CB    1 
ATOM   359  C CG    . MET A 1 42  ? 8.569   0.710   16.877  1.00 35.24  ? 53  MET A CG    1 
ATOM   360  S SD    . MET A 1 42  ? 7.151   1.077   17.930  1.00 35.91  ? 53  MET A SD    1 
ATOM   361  C CE    . MET A 1 42  ? 7.567   0.063   19.318  1.00 36.53  ? 53  MET A CE    1 
ATOM   362  N N     . ARG A 1 43  ? 12.207  0.982   19.904  1.00 30.20  ? 54  ARG A N     1 
ATOM   363  C CA    . ARG A 1 43  ? 13.509  0.711   20.453  1.00 30.03  ? 54  ARG A CA    1 
ATOM   364  C C     . ARG A 1 43  ? 13.578  -0.611  21.187  1.00 30.89  ? 54  ARG A C     1 
ATOM   365  O O     . ARG A 1 43  ? 12.577  -1.121  21.687  1.00 27.13  ? 54  ARG A O     1 
ATOM   366  C CB    . ARG A 1 43  ? 13.903  1.832   21.400  1.00 29.99  ? 54  ARG A CB    1 
ATOM   367  C CG    . ARG A 1 43  ? 13.886  3.143   20.682  1.00 28.65  ? 54  ARG A CG    1 
ATOM   368  C CD    . ARG A 1 43  ? 14.340  4.280   21.554  1.00 28.59  ? 54  ARG A CD    1 
ATOM   369  N NE    . ARG A 1 43  ? 14.618  5.387   20.655  1.00 27.81  ? 54  ARG A NE    1 
ATOM   370  C CZ    . ARG A 1 43  ? 15.713  5.513   19.923  1.00 28.66  ? 54  ARG A CZ    1 
ATOM   371  N NH1   . ARG A 1 43  ? 16.698  4.623   20.006  1.00 29.90  ? 54  ARG A NH1   1 
ATOM   372  N NH2   . ARG A 1 43  ? 15.834  6.551   19.100  1.00 31.01  ? 54  ARG A NH2   1 
ATOM   373  N N     . ASP A 1 44  ? 14.784  -1.167  21.250  1.00 32.59  ? 55  ASP A N     1 
ATOM   374  C CA    . ASP A 1 44  ? 15.032  -2.244  22.175  1.00 35.03  ? 55  ASP A CA    1 
ATOM   375  C C     . ASP A 1 44  ? 14.807  -1.730  23.607  1.00 34.89  ? 55  ASP A C     1 
ATOM   376  O O     . ASP A 1 44  ? 15.337  -0.689  23.981  1.00 36.30  ? 55  ASP A O     1 
ATOM   377  C CB    . ASP A 1 44  ? 16.445  -2.760  22.029  1.00 37.14  ? 55  ASP A CB    1 
ATOM   378  C CG    . ASP A 1 44  ? 16.650  -4.041  22.765  1.00 39.17  ? 55  ASP A CG    1 
ATOM   379  O OD1   . ASP A 1 44  ? 15.878  -4.985  22.504  1.00 41.63  ? 55  ASP A OD1   1 
ATOM   380  O OD2   . ASP A 1 44  ? 17.556  -4.107  23.615  1.00 40.94  ? 55  ASP A OD2   1 
ATOM   381  N N     . PRO A 1 45  ? 13.984  -2.425  24.403  1.00 38.18  ? 56  PRO A N     1 
ATOM   382  C CA    . PRO A 1 45  ? 13.820  -1.997  25.811  1.00 39.81  ? 56  PRO A CA    1 
ATOM   383  C C     . PRO A 1 45  ? 15.111  -2.049  26.650  1.00 40.21  ? 56  PRO A C     1 
ATOM   384  O O     . PRO A 1 45  ? 15.438  -1.076  27.351  1.00 42.78  ? 56  PRO A O     1 
ATOM   385  C CB    . PRO A 1 45  ? 12.780  -2.990  26.351  1.00 39.55  ? 56  PRO A CB    1 
ATOM   386  C CG    . PRO A 1 45  ? 12.021  -3.444  25.138  1.00 37.41  ? 56  PRO A CG    1 
ATOM   387  C CD    . PRO A 1 45  ? 13.049  -3.518  24.061  1.00 38.13  ? 56  PRO A CD    1 
ATOM   388  N N     . ALA A 1 46  ? 15.832  -3.168  26.568  1.00 38.96  ? 57  ALA A N     1 
ATOM   389  C CA    . ALA A 1 46  ? 17.143  -3.312  27.227  1.00 38.12  ? 57  ALA A CA    1 
ATOM   390  C C     . ALA A 1 46  ? 18.194  -2.244  26.813  1.00 36.20  ? 57  ALA A C     1 
ATOM   391  O O     . ALA A 1 46  ? 18.635  -1.461  27.639  1.00 35.03  ? 57  ALA A O     1 
ATOM   392  C CB    . ALA A 1 46  ? 17.686  -4.714  26.979  1.00 38.21  ? 57  ALA A CB    1 
ATOM   393  N N     . SER A 1 47  ? 18.561  -2.208  25.531  1.00 36.35  ? 58  SER A N     1 
ATOM   394  C CA    . SER A 1 47  ? 19.656  -1.356  25.044  1.00 32.87  ? 58  SER A CA    1 
ATOM   395  C C     . SER A 1 47  ? 19.246  0.057   24.697  1.00 34.56  ? 58  SER A C     1 
ATOM   396  O O     . SER A 1 47  ? 20.129  0.907   24.510  1.00 31.66  ? 58  SER A O     1 
ATOM   397  C CB    . SER A 1 47  ? 20.320  -1.985  23.820  1.00 32.03  ? 58  SER A CB    1 
ATOM   398  O OG    . SER A 1 47  ? 19.425  -2.720  23.005  1.00 33.61  ? 58  SER A OG    1 
ATOM   399  N N     . LYS A 1 48  ? 17.922  0.297   24.570  1.00 35.89  ? 59  LYS A N     1 
ATOM   400  C CA    . LYS A 1 48  ? 17.360  1.525   23.976  1.00 34.49  ? 59  LYS A CA    1 
ATOM   401  C C     . LYS A 1 48  ? 17.815  1.788   22.524  1.00 34.34  ? 59  LYS A C     1 
ATOM   402  O O     . LYS A 1 48  ? 17.639  2.878   22.011  1.00 33.12  ? 59  LYS A O     1 
ATOM   403  C CB    . LYS A 1 48  ? 17.614  2.737   24.867  1.00 36.27  ? 59  LYS A CB    1 
ATOM   404  C CG    . LYS A 1 48  ? 17.027  2.628   26.250  1.00 42.23  ? 59  LYS A CG    1 
ATOM   405  C CD    . LYS A 1 48  ? 15.503  2.570   26.228  1.00 49.56  ? 59  LYS A CD    1 
ATOM   406  C CE    . LYS A 1 48  ? 14.972  2.402   27.645  1.00 55.80  ? 59  LYS A CE    1 
ATOM   407  N NZ    . LYS A 1 48  ? 13.518  2.093   27.628  1.00 60.53  ? 59  LYS A NZ    1 
ATOM   408  N N     . ARG A 1 49  ? 18.364  0.779   21.855  1.00 34.96  ? 60  ARG A N     1 
ATOM   409  C CA    . ARG A 1 49  ? 18.731  0.892   20.453  1.00 35.63  ? 60  ARG A CA    1 
ATOM   410  C C     . ARG A 1 49  ? 17.468  0.985   19.627  1.00 34.20  ? 60  ARG A C     1 
ATOM   411  O O     . ARG A 1 49  ? 16.506  0.244   19.873  1.00 30.42  ? 60  ARG A O     1 
ATOM   412  C CB    . ARG A 1 49  ? 19.444  -0.370  19.970  1.00 38.15  ? 60  ARG A CB    1 
ATOM   413  C CG    . ARG A 1 49  ? 20.919  -0.457  20.274  1.00 40.64  ? 60  ARG A CG    1 
ATOM   414  C CD    . ARG A 1 49  ? 21.538  -1.668  19.592  1.00 40.88  ? 60  ARG A CD    1 
ATOM   415  N NE    . ARG A 1 49  ? 21.336  -2.816  20.459  1.00 42.37  ? 60  ARG A NE    1 
ATOM   416  C CZ    . ARG A 1 49  ? 22.273  -3.661  20.892  1.00 39.97  ? 60  ARG A CZ    1 
ATOM   417  N NH1   . ARG A 1 49  ? 23.541  -3.588  20.496  1.00 36.81  ? 60  ARG A NH1   1 
ATOM   418  N NH2   . ARG A 1 49  ? 21.896  -4.630  21.721  1.00 41.38  ? 60  ARG A NH2   1 
ATOM   419  N N     . SER A 1 50  ? 17.502  1.866   18.631  1.00 33.79  ? 61  SER A N     1 
ATOM   420  C CA    . SER A 1 50  ? 16.451  1.940   17.623  1.00 34.29  ? 61  SER A CA    1 
ATOM   421  C C     . SER A 1 50  ? 16.392  0.608   16.905  1.00 34.17  ? 61  SER A C     1 
ATOM   422  O O     . SER A 1 50  ? 17.444  0.022   16.582  1.00 30.00  ? 61  SER A O     1 
ATOM   423  C CB    . SER A 1 50  ? 16.705  3.070   16.611  1.00 33.90  ? 61  SER A CB    1 
ATOM   424  O OG    . SER A 1 50  ? 15.771  3.049   15.528  1.00 36.18  ? 61  SER A OG    1 
ATOM   425  N N     . ARG A 1 51  ? 15.159  0.137   16.683  1.00 35.47  ? 62  ARG A N     1 
ATOM   426  C CA    . ARG A 1 51  ? 14.905  -1.031  15.838  1.00 36.95  ? 62  ARG A CA    1 
ATOM   427  C C     . ARG A 1 51  ? 14.997  -0.688  14.299  1.00 33.29  ? 62  ARG A C     1 
ATOM   428  O O     . ARG A 1 51  ? 14.823  -1.568  13.446  1.00 30.04  ? 62  ARG A O     1 
ATOM   429  C CB    . ARG A 1 51  ? 13.575  -1.723  16.259  1.00 42.27  ? 62  ARG A CB    1 
ATOM   430  C CG    . ARG A 1 51  ? 13.741  -2.914  17.220  1.00 47.88  ? 62  ARG A CG    1 
ATOM   431  C CD    . ARG A 1 51  ? 12.682  -3.016  18.322  1.00 54.84  ? 62  ARG A CD    1 
ATOM   432  N NE    . ARG A 1 51  ? 11.399  -3.601  17.896  1.00 66.34  ? 62  ARG A NE    1 
ATOM   433  C CZ    . ARG A 1 51  ? 10.306  -3.731  18.677  1.00 77.12  ? 62  ARG A CZ    1 
ATOM   434  N NH1   . ARG A 1 51  ? 10.314  -3.311  19.955  1.00 80.34  ? 62  ARG A NH1   1 
ATOM   435  N NH2   . ARG A 1 51  ? 9.181   -4.279  18.180  1.00 72.67  ? 62  ARG A NH2   1 
ATOM   436  N N     . GLY A 1 52  ? 15.344  0.556   13.953  1.00 32.13  ? 63  GLY A N     1 
ATOM   437  C CA    . GLY A 1 52  ? 15.400  0.997   12.546  1.00 34.13  ? 63  GLY A CA    1 
ATOM   438  C C     . GLY A 1 52  ? 14.040  1.152   11.822  1.00 32.63  ? 63  GLY A C     1 
ATOM   439  O O     . GLY A 1 52  ? 14.022  1.162   10.582  1.00 30.08  ? 63  GLY A O     1 
ATOM   440  N N     . PHE A 1 53  ? 12.934  1.272   12.593  1.00 30.03  ? 64  PHE A N     1 
ATOM   441  C CA    . PHE A 1 53  ? 11.579  1.508   12.071  1.00 29.33  ? 64  PHE A CA    1 
ATOM   442  C C     . PHE A 1 53  ? 10.674  2.311   13.015  1.00 27.64  ? 64  PHE A C     1 
ATOM   443  O O     . PHE A 1 53  ? 10.958  2.499   14.200  1.00 28.49  ? 64  PHE A O     1 
ATOM   444  C CB    . PHE A 1 53  ? 10.870  0.191   11.635  1.00 29.36  ? 64  PHE A CB    1 
ATOM   445  C CG    . PHE A 1 53  ? 10.277  -0.623  12.768  1.00 29.22  ? 64  PHE A CG    1 
ATOM   446  C CD1   . PHE A 1 53  ? 11.045  -1.576  13.444  1.00 28.47  ? 64  PHE A CD1   1 
ATOM   447  C CD2   . PHE A 1 53  ? 8.933   -0.474  13.134  1.00 29.40  ? 64  PHE A CD2   1 
ATOM   448  C CE1   . PHE A 1 53  ? 10.506  -2.340  14.479  1.00 27.31  ? 64  PHE A CE1   1 
ATOM   449  C CE2   . PHE A 1 53  ? 8.390   -1.239  14.169  1.00 28.82  ? 64  PHE A CE2   1 
ATOM   450  C CZ    . PHE A 1 53  ? 9.185   -2.169  14.848  1.00 28.38  ? 64  PHE A CZ    1 
ATOM   451  N N     . GLY A 1 54  ? 9.576   2.784   12.447  1.00 26.54  ? 65  GLY A N     1 
ATOM   452  C CA    . GLY A 1 54  ? 8.625   3.650   13.156  1.00 26.70  ? 65  GLY A CA    1 
ATOM   453  C C     . GLY A 1 54  ? 7.298   3.848   12.422  1.00 24.70  ? 65  GLY A C     1 
ATOM   454  O O     . GLY A 1 54  ? 7.105   3.311   11.333  1.00 20.34  ? 65  GLY A O     1 
ATOM   455  N N     . PHE A 1 55  ? 6.407   4.628   13.040  1.00 25.05  ? 66  PHE A N     1 
ATOM   456  C CA    . PHE A 1 55  ? 5.064   4.909   12.499  1.00 26.55  ? 66  PHE A CA    1 
ATOM   457  C C     . PHE A 1 55  ? 4.683   6.369   12.639  1.00 27.36  ? 66  PHE A C     1 
ATOM   458  O O     . PHE A 1 55  ? 4.785   6.895   13.737  1.00 29.80  ? 66  PHE A O     1 
ATOM   459  C CB    . PHE A 1 55  ? 4.009   4.081   13.244  1.00 25.82  ? 66  PHE A CB    1 
ATOM   460  C CG    . PHE A 1 55  ? 4.126   2.605   13.004  1.00 25.58  ? 66  PHE A CG    1 
ATOM   461  C CD1   . PHE A 1 55  ? 3.569   2.026   11.867  1.00 23.73  ? 66  PHE A CD1   1 
ATOM   462  C CD2   . PHE A 1 55  ? 4.826   1.785   13.907  1.00 24.36  ? 66  PHE A CD2   1 
ATOM   463  C CE1   . PHE A 1 55  ? 3.696   0.657   11.648  1.00 23.89  ? 66  PHE A CE1   1 
ATOM   464  C CE2   . PHE A 1 55  ? 4.955   0.426   13.683  1.00 22.91  ? 66  PHE A CE2   1 
ATOM   465  C CZ    . PHE A 1 55  ? 4.380   -0.141  12.558  1.00 23.32  ? 66  PHE A CZ    1 
ATOM   466  N N     . VAL A 1 56  ? 4.226   7.002   11.558  1.00 26.85  ? 67  VAL A N     1 
ATOM   467  C CA    . VAL A 1 56  ? 3.579   8.305   11.664  1.00 29.01  ? 67  VAL A CA    1 
ATOM   468  C C     . VAL A 1 56  ? 2.081   8.207   11.325  1.00 29.09  ? 67  VAL A C     1 
ATOM   469  O O     . VAL A 1 56  ? 1.707   7.536   10.376  1.00 26.72  ? 67  VAL A O     1 
ATOM   470  C CB    . VAL A 1 56  ? 4.257   9.367   10.775  1.00 31.32  ? 67  VAL A CB    1 
ATOM   471  C CG1   . VAL A 1 56  ? 5.765   9.272   10.886  1.00 32.14  ? 67  VAL A CG1   1 
ATOM   472  C CG2   . VAL A 1 56  ? 3.844   9.251   9.314   1.00 32.19  ? 67  VAL A CG2   1 
ATOM   473  N N     . THR A 1 57  ? 1.245   8.873   12.124  1.00 30.02  ? 68  THR A N     1 
ATOM   474  C CA    . THR A 1 57  ? -0.194  8.961   11.893  1.00 30.36  ? 68  THR A CA    1 
ATOM   475  C C     . THR A 1 57  ? -0.514  10.367  11.348  1.00 30.90  ? 68  THR A C     1 
ATOM   476  O O     . THR A 1 57  ? -0.372  11.367  12.036  1.00 31.25  ? 68  THR A O     1 
ATOM   477  C CB    . THR A 1 57  ? -1.002  8.656   13.192  1.00 28.96  ? 68  THR A CB    1 
ATOM   478  O OG1   . THR A 1 57  ? -0.414  7.554   13.904  1.00 28.64  ? 68  THR A OG1   1 
ATOM   479  C CG2   . THR A 1 57  ? -2.441  8.281   12.874  1.00 27.69  ? 68  THR A CG2   1 
ATOM   480  N N     . PHE A 1 58  ? -0.919  10.449  10.093  1.00 33.62  ? 69  PHE A N     1 
ATOM   481  C CA    . PHE A 1 58  ? -1.431  11.724  9.557   1.00 35.68  ? 69  PHE A CA    1 
ATOM   482  C C     . PHE A 1 58  ? -2.884  12.000  10.014  1.00 34.77  ? 69  PHE A C     1 
ATOM   483  O O     . PHE A 1 58  ? -3.578  11.112  10.531  1.00 30.54  ? 69  PHE A O     1 
ATOM   484  C CB    . PHE A 1 58  ? -1.318  11.743  8.033   1.00 36.26  ? 69  PHE A CB    1 
ATOM   485  C CG    . PHE A 1 58  ? 0.091   11.981  7.530   1.00 38.45  ? 69  PHE A CG    1 
ATOM   486  C CD1   . PHE A 1 58  ? 0.601   13.288  7.422   1.00 37.56  ? 69  PHE A CD1   1 
ATOM   487  C CD2   . PHE A 1 58  ? 0.914   10.911  7.146   1.00 36.68  ? 69  PHE A CD2   1 
ATOM   488  C CE1   . PHE A 1 58  ? 1.879   13.514  6.939   1.00 35.05  ? 69  PHE A CE1   1 
ATOM   489  C CE2   . PHE A 1 58  ? 2.196   11.141  6.660   1.00 33.87  ? 69  PHE A CE2   1 
ATOM   490  C CZ    . PHE A 1 58  ? 2.673   12.437  6.554   1.00 34.49  ? 69  PHE A CZ    1 
ATOM   491  N N     . SER A 1 59  ? -3.327  13.249  9.846   1.00 36.75  ? 70  SER A N     1 
ATOM   492  C CA    . SER A 1 59  ? -4.695  13.659  10.217  1.00 36.19  ? 70  SER A CA    1 
ATOM   493  C C     . SER A 1 59  ? -5.727  13.343  9.096   1.00 36.96  ? 70  SER A C     1 
ATOM   494  O O     . SER A 1 59  ? -6.927  13.222  9.375   1.00 36.15  ? 70  SER A O     1 
ATOM   495  C CB    . SER A 1 59  ? -4.722  15.128  10.671  1.00 35.60  ? 70  SER A CB    1 
ATOM   496  O OG    . SER A 1 59  ? -4.470  16.024  9.606   1.00 38.62  ? 70  SER A OG    1 
ATOM   497  N N     . SER A 1 60  ? -5.257  13.199  7.848   1.00 38.67  ? 71  SER A N     1 
ATOM   498  C CA    . SER A 1 60  ? -6.068  12.655  6.737   1.00 39.31  ? 71  SER A CA    1 
ATOM   499  C C     . SER A 1 60  ? -5.251  11.795  5.781   1.00 39.76  ? 71  SER A C     1 
ATOM   500  O O     . SER A 1 60  ? -4.061  11.987  5.615   1.00 43.26  ? 71  SER A O     1 
ATOM   501  C CB    . SER A 1 60  ? -6.786  13.764  5.953   1.00 38.37  ? 71  SER A CB    1 
ATOM   502  O OG    . SER A 1 60  ? -5.898  14.600  5.236   1.00 39.10  ? 71  SER A OG    1 
ATOM   503  N N     . MET A 1 61  ? -5.925  10.848  5.148   1.00 42.72  ? 72  MET A N     1 
ATOM   504  C CA    . MET A 1 61  ? -5.330  9.962   4.145   1.00 43.03  ? 72  MET A CA    1 
ATOM   505  C C     . MET A 1 61  ? -4.746  10.758  2.966   1.00 41.53  ? 72  MET A C     1 
ATOM   506  O O     . MET A 1 61  ? -3.751  10.372  2.347   1.00 43.77  ? 72  MET A O     1 
ATOM   507  C CB    . MET A 1 61  ? -6.402  8.963   3.657   1.00 43.05  ? 72  MET A CB    1 
ATOM   508  C CG    . MET A 1 61  ? -5.892  7.903   2.686   1.00 47.17  ? 72  MET A CG    1 
ATOM   509  S SD    . MET A 1 61  ? -6.971  6.477   2.394   1.00 47.01  ? 72  MET A SD    1 
ATOM   510  C CE    . MET A 1 61  ? -8.547  7.309   2.208   1.00 55.80  ? 72  MET A CE    1 
ATOM   511  N N     . ALA A 1 62  ? -5.377  11.874  2.662   1.00 40.16  ? 73  ALA A N     1 
ATOM   512  C CA    . ALA A 1 62  ? -4.871  12.810  1.675   1.00 40.94  ? 73  ALA A CA    1 
ATOM   513  C C     . ALA A 1 62  ? -3.415  13.220  1.921   1.00 39.02  ? 73  ALA A C     1 
ATOM   514  O O     . ALA A 1 62  ? -2.637  13.392  0.976   1.00 36.54  ? 73  ALA A O     1 
ATOM   515  C CB    . ALA A 1 62  ? -5.764  14.047  1.670   1.00 43.43  ? 73  ALA A CB    1 
ATOM   516  N N     . GLU A 1 63  ? -3.069  13.395  3.191   1.00 37.78  ? 74  GLU A N     1 
ATOM   517  C CA    . GLU A 1 63  ? -1.719  13.783  3.573   1.00 39.71  ? 74  GLU A CA    1 
ATOM   518  C C     . GLU A 1 63  ? -0.728  12.637  3.320   1.00 38.57  ? 74  GLU A C     1 
ATOM   519  O O     . GLU A 1 63  ? 0.386   12.853  2.844   1.00 35.94  ? 74  GLU A O     1 
ATOM   520  C CB    . GLU A 1 63  ? -1.708  14.275  5.028   1.00 41.22  ? 74  GLU A CB    1 
ATOM   521  C CG    . GLU A 1 63  ? -2.555  15.540  5.249   1.00 39.97  ? 74  GLU A CG    1 
ATOM   522  C CD    . GLU A 1 63  ? -2.849  15.824  6.713   1.00 41.79  ? 74  GLU A CD    1 
ATOM   523  O OE1   . GLU A 1 63  ? -3.253  14.886  7.433   1.00 39.70  ? 74  GLU A OE1   1 
ATOM   524  O OE2   . GLU A 1 63  ? -2.684  16.991  7.148   1.00 42.84  ? 74  GLU A OE2   1 
ATOM   525  N N     . VAL A 1 64  ? -1.169  11.417  3.589   1.00 38.67  ? 75  VAL A N     1 
ATOM   526  C CA    . VAL A 1 64  ? -0.397  10.208  3.247   1.00 40.60  ? 75  VAL A CA    1 
ATOM   527  C C     . VAL A 1 64  ? -0.166  10.158  1.706   1.00 40.56  ? 75  VAL A C     1 
ATOM   528  O O     . VAL A 1 64  ? 0.941   9.918   1.213   1.00 38.86  ? 75  VAL A O     1 
ATOM   529  C CB    . VAL A 1 64  ? -1.116  8.906   3.746   1.00 39.38  ? 75  VAL A CB    1 
ATOM   530  C CG1   . VAL A 1 64  ? -0.326  7.658   3.375   1.00 39.13  ? 75  VAL A CG1   1 
ATOM   531  C CG2   . VAL A 1 64  ? -1.384  8.933   5.252   1.00 39.18  ? 75  VAL A CG2   1 
ATOM   532  N N     . ASP A 1 65  ? -1.235  10.395  0.957   1.00 43.42  ? 76  ASP A N     1 
ATOM   533  C CA    . ASP A 1 65  ? -1.163  10.469  -0.499  1.00 42.01  ? 76  ASP A CA    1 
ATOM   534  C C     . ASP A 1 65  ? -0.076  11.455  -0.936  1.00 39.48  ? 76  ASP A C     1 
ATOM   535  O O     . ASP A 1 65  ? 0.810   11.121  -1.728  1.00 43.02  ? 76  ASP A O     1 
ATOM   536  C CB    . ASP A 1 65  ? -2.533  10.867  -1.081  1.00 42.35  ? 76  ASP A CB    1 
ATOM   537  C CG    . ASP A 1 65  ? -3.546  9.716   -1.077  1.00 43.75  ? 76  ASP A CG    1 
ATOM   538  O OD1   . ASP A 1 65  ? -3.181  8.566   -0.762  1.00 43.07  ? 76  ASP A OD1   1 
ATOM   539  O OD2   . ASP A 1 65  ? -4.718  9.969   -1.415  1.00 44.20  ? 76  ASP A OD2   1 
ATOM   540  N N     . ALA A 1 66  ? -0.128  12.647  -0.369  1.00 37.07  ? 77  ALA A N     1 
ATOM   541  C CA    . ALA A 1 66  ? 0.810   13.715  -0.707  1.00 37.17  ? 77  ALA A CA    1 
ATOM   542  C C     . ALA A 1 66  ? 2.257   13.318  -0.395  1.00 36.47  ? 77  ALA A C     1 
ATOM   543  O O     . ALA A 1 66  ? 3.134   13.493  -1.229  1.00 36.57  ? 77  ALA A O     1 
ATOM   544  C CB    . ALA A 1 66  ? 0.426   15.007  0.031   1.00 35.11  ? 77  ALA A CB    1 
ATOM   545  N N     . ALA A 1 67  ? 2.475   12.774  0.802   1.00 36.12  ? 78  ALA A N     1 
ATOM   546  C CA    . ALA A 1 67  ? 3.794   12.353  1.255   1.00 34.40  ? 78  ALA A CA    1 
ATOM   547  C C     . ALA A 1 67  ? 4.348   11.224  0.395   1.00 34.67  ? 78  ALA A C     1 
ATOM   548  O O     . ALA A 1 67  ? 5.542   11.222  0.077   1.00 35.69  ? 78  ALA A O     1 
ATOM   549  C CB    . ALA A 1 67  ? 3.748   11.928  2.714   1.00 33.38  ? 78  ALA A CB    1 
ATOM   550  N N     . MET A 1 68  ? 3.489   10.284  0.006   1.00 33.86  ? 79  MET A N     1 
ATOM   551  C CA    . MET A 1 68  ? 3.901   9.162   -0.850  1.00 34.95  ? 79  MET A CA    1 
ATOM   552  C C     . MET A 1 68  ? 4.257   9.626   -2.271  1.00 36.28  ? 79  MET A C     1 
ATOM   553  O O     . MET A 1 68  ? 5.262   9.191   -2.848  1.00 34.63  ? 79  MET A O     1 
ATOM   554  C CB    . MET A 1 68  ? 2.812   8.084   -0.870  1.00 34.46  ? 79  MET A CB    1 
ATOM   555  C CG    . MET A 1 68  ? 2.655   7.374   0.461   1.00 34.53  ? 79  MET A CG    1 
ATOM   556  S SD    . MET A 1 68  ? 4.151   6.590   1.111   1.00 36.06  ? 79  MET A SD    1 
ATOM   557  C CE    . MET A 1 68  ? 4.271   5.080   0.157   1.00 33.84  ? 79  MET A CE    1 
ATOM   558  N N     . ALA A 1 69  ? 3.436   10.534  -2.812  1.00 37.78  ? 80  ALA A N     1 
ATOM   559  C CA    . ALA A 1 69  ? 3.778   11.292  -4.024  1.00 36.99  ? 80  ALA A CA    1 
ATOM   560  C C     . ALA A 1 69  ? 5.111   12.083  -3.990  1.00 36.92  ? 80  ALA A C     1 
ATOM   561  O O     . ALA A 1 69  ? 5.625   12.452  -5.040  1.00 36.12  ? 80  ALA A O     1 
ATOM   562  C CB    . ALA A 1 69  ? 2.645   12.245  -4.383  1.00 35.67  ? 80  ALA A CB    1 
ATOM   563  N N     . ALA A 1 70  ? 5.647   12.368  -2.808  1.00 36.90  ? 81  ALA A N     1 
ATOM   564  C CA    . ALA A 1 70  ? 6.881   13.135  -2.680  1.00 39.87  ? 81  ALA A CA    1 
ATOM   565  C C     . ALA A 1 70  ? 8.149   12.283  -2.665  1.00 40.98  ? 81  ALA A C     1 
ATOM   566  O O     . ALA A 1 70  ? 9.253   12.820  -2.661  1.00 39.88  ? 81  ALA A O     1 
ATOM   567  C CB    . ALA A 1 70  ? 6.817   13.979  -1.425  1.00 42.17  ? 81  ALA A CB    1 
ATOM   568  N N     . ARG A 1 71  ? 7.979   10.962  -2.652  1.00 44.41  ? 82  ARG A N     1 
ATOM   569  C CA    . ARG A 1 71  ? 9.092   10.018  -2.589  1.00 44.13  ? 82  ARG A CA    1 
ATOM   570  C C     . ARG A 1 71  ? 10.090  10.253  -3.696  1.00 46.98  ? 82  ARG A C     1 
ATOM   571  O O     . ARG A 1 71  ? 9.729   10.763  -4.747  1.00 51.28  ? 82  ARG A O     1 
ATOM   572  C CB    . ARG A 1 71  ? 8.591   8.578   -2.660  1.00 41.51  ? 82  ARG A CB    1 
ATOM   573  C CG    . ARG A 1 71  ? 8.092   8.043   -1.334  1.00 39.91  ? 82  ARG A CG    1 
ATOM   574  C CD    . ARG A 1 71  ? 7.619   6.625   -1.528  1.00 40.32  ? 82  ARG A CD    1 
ATOM   575  N NE    . ARG A 1 71  ? 6.521   6.560   -2.500  1.00 39.33  ? 82  ARG A NE    1 
ATOM   576  C CZ    . ARG A 1 71  ? 6.148   5.471   -3.181  1.00 40.15  ? 82  ARG A CZ    1 
ATOM   577  N NH1   . ARG A 1 71  ? 6.768   4.294   -3.050  1.00 40.37  ? 82  ARG A NH1   1 
ATOM   578  N NH2   . ARG A 1 71  ? 5.129   5.563   -4.020  1.00 42.29  ? 82  ARG A NH2   1 
ATOM   579  N N     . PRO A 1 72  ? 11.356  9.871   -3.470  1.00 49.93  ? 83  PRO A N     1 
ATOM   580  C CA    . PRO A 1 72  ? 11.885  9.143   -2.324  1.00 47.72  ? 83  PRO A CA    1 
ATOM   581  C C     . PRO A 1 72  ? 12.189  10.069  -1.148  1.00 44.07  ? 83  PRO A C     1 
ATOM   582  O O     . PRO A 1 72  ? 12.358  11.286  -1.334  1.00 39.77  ? 83  PRO A O     1 
ATOM   583  C CB    . PRO A 1 72  ? 13.171  8.550   -2.880  1.00 50.48  ? 83  PRO A CB    1 
ATOM   584  C CG    . PRO A 1 72  ? 13.652  9.589   -3.837  1.00 51.19  ? 83  PRO A CG    1 
ATOM   585  C CD    . PRO A 1 72  ? 12.447  10.354  -4.333  1.00 51.20  ? 83  PRO A CD    1 
ATOM   586  N N     . HIS A 1 73  ? 12.265  9.463   0.041   1.00 40.78  ? 84  HIS A N     1 
ATOM   587  C CA    . HIS A 1 73  ? 12.457  10.167  1.304   1.00 37.09  ? 84  HIS A CA    1 
ATOM   588  C C     . HIS A 1 73  ? 13.820  9.878   1.942   1.00 36.43  ? 84  HIS A C     1 
ATOM   589  O O     . HIS A 1 73  ? 14.128  8.720   2.216   1.00 31.97  ? 84  HIS A O     1 
ATOM   590  C CB    . HIS A 1 73  ? 11.355  9.762   2.279   1.00 36.99  ? 84  HIS A CB    1 
ATOM   591  C CG    . HIS A 1 73  ? 9.975   10.087  1.806   1.00 36.79  ? 84  HIS A CG    1 
ATOM   592  N ND1   . HIS A 1 73  ? 8.849   9.566   2.401   1.00 38.23  ? 84  HIS A ND1   1 
ATOM   593  C CD2   . HIS A 1 73  ? 9.534   10.884  0.803   1.00 37.93  ? 84  HIS A CD2   1 
ATOM   594  C CE1   . HIS A 1 73  ? 7.770   10.027  1.789   1.00 37.85  ? 84  HIS A CE1   1 
ATOM   595  N NE2   . HIS A 1 73  ? 8.159   10.827  0.813   1.00 39.21  ? 84  HIS A NE2   1 
ATOM   596  N N     . SER A 1 74  ? 14.611  10.941  2.163   1.00 38.92  ? 85  SER A N     1 
ATOM   597  C CA    . SER A 1 74  ? 15.920  10.894  2.857   1.00 40.76  ? 85  SER A CA    1 
ATOM   598  C C     . SER A 1 74  ? 15.806  11.531  4.251   1.00 40.48  ? 85  SER A C     1 
ATOM   599  O O     . SER A 1 74  ? 15.683  12.758  4.384   1.00 40.87  ? 85  SER A O     1 
ATOM   600  C CB    . SER A 1 74  ? 17.018  11.611  2.046   1.00 42.26  ? 85  SER A CB    1 
ATOM   601  O OG    . SER A 1 74  ? 17.786  10.704  1.264   1.00 45.13  ? 85  SER A OG    1 
ATOM   602  N N     . ILE A 1 75  ? 15.831  10.695  5.284   1.00 38.76  ? 86  ILE A N     1 
ATOM   603  C CA    . ILE A 1 75  ? 15.691  11.158  6.648   1.00 38.51  ? 86  ILE A CA    1 
ATOM   604  C C     . ILE A 1 75  ? 16.972  10.792  7.349   1.00 40.74  ? 86  ILE A C     1 
ATOM   605  O O     . ILE A 1 75  ? 17.263  9.601   7.550   1.00 43.01  ? 86  ILE A O     1 
ATOM   606  C CB    . ILE A 1 75  ? 14.495  10.515  7.377   1.00 40.90  ? 86  ILE A CB    1 
ATOM   607  C CG1   . ILE A 1 75  ? 13.198  10.725  6.567   1.00 41.05  ? 86  ILE A CG1   1 
ATOM   608  C CG2   . ILE A 1 75  ? 14.371  11.079  8.796   1.00 40.76  ? 86  ILE A CG2   1 
ATOM   609  C CD1   . ILE A 1 75  ? 11.945  10.147  7.194   1.00 40.20  ? 86  ILE A CD1   1 
ATOM   610  N N     . ASP A 1 76  ? 17.711  11.841  7.726   1.00 44.05  ? 87  ASP A N     1 
ATOM   611  C CA    . ASP A 1 76  ? 19.010  11.756  8.390   1.00 42.93  ? 87  ASP A CA    1 
ATOM   612  C C     . ASP A 1 76  ? 20.033  11.069  7.456   1.00 42.33  ? 87  ASP A C     1 
ATOM   613  O O     . ASP A 1 76  ? 20.752  10.155  7.872   1.00 39.95  ? 87  ASP A O     1 
ATOM   614  C CB    . ASP A 1 76  ? 18.883  11.075  9.782   1.00 45.15  ? 87  ASP A CB    1 
ATOM   615  C CG    . ASP A 1 76  ? 17.981  11.864  10.771  1.00 46.69  ? 87  ASP A CG    1 
ATOM   616  O OD1   . ASP A 1 76  ? 18.188  13.083  10.904  1.00 47.38  ? 87  ASP A OD1   1 
ATOM   617  O OD2   . ASP A 1 76  ? 17.084  11.278  11.440  1.00 45.45  ? 87  ASP A OD2   1 
ATOM   618  N N     . GLY A 1 77  ? 20.057  11.501  6.185   1.00 40.78  ? 88  GLY A N     1 
ATOM   619  C CA    . GLY A 1 77  ? 21.061  11.057  5.195   1.00 39.75  ? 88  GLY A CA    1 
ATOM   620  C C     . GLY A 1 77  ? 20.934  9.644   4.645   1.00 40.43  ? 88  GLY A C     1 
ATOM   621  O O     . GLY A 1 77  ? 21.907  9.063   4.142   1.00 37.72  ? 88  GLY A O     1 
ATOM   622  N N     . ARG A 1 78  ? 19.723  9.108   4.713   1.00 42.95  ? 89  ARG A N     1 
ATOM   623  C CA    . ARG A 1 78  ? 19.462  7.716   4.383   1.00 45.11  ? 89  ARG A CA    1 
ATOM   624  C C     . ARG A 1 78  ? 18.078  7.633   3.761   1.00 43.91  ? 89  ARG A C     1 
ATOM   625  O O     . ARG A 1 78  ? 17.096  8.093   4.344   1.00 42.07  ? 89  ARG A O     1 
ATOM   626  C CB    . ARG A 1 78  ? 19.522  6.857   5.652   1.00 48.10  ? 89  ARG A CB    1 
ATOM   627  C CG    . ARG A 1 78  ? 19.186  5.390   5.445   1.00 50.46  ? 89  ARG A CG    1 
ATOM   628  C CD    . ARG A 1 78  ? 19.198  4.592   6.748   1.00 56.09  ? 89  ARG A CD    1 
ATOM   629  N NE    . ARG A 1 78  ? 20.498  3.985   7.061   1.00 55.64  ? 89  ARG A NE    1 
ATOM   630  C CZ    . ARG A 1 78  ? 20.706  2.959   7.893   1.00 55.99  ? 89  ARG A CZ    1 
ATOM   631  N NH1   . ARG A 1 78  ? 19.709  2.369   8.550   1.00 57.58  ? 89  ARG A NH1   1 
ATOM   632  N NH2   . ARG A 1 78  ? 21.941  2.513   8.072   1.00 58.34  ? 89  ARG A NH2   1 
ATOM   633  N N     . VAL A 1 79  ? 18.001  7.011   2.597   1.00 42.90  ? 90  VAL A N     1 
ATOM   634  C CA    . VAL A 1 79  ? 16.735  6.892   1.903   1.00 42.82  ? 90  VAL A CA    1 
ATOM   635  C C     . VAL A 1 79  ? 15.924  5.872   2.677   1.00 41.17  ? 90  VAL A C     1 
ATOM   636  O O     . VAL A 1 79  ? 16.352  4.729   2.818   1.00 45.11  ? 90  VAL A O     1 
ATOM   637  C CB    . VAL A 1 79  ? 16.905  6.438   0.432   1.00 41.65  ? 90  VAL A CB    1 
ATOM   638  C CG1   . VAL A 1 79  ? 15.556  6.358   -0.261  1.00 39.55  ? 90  VAL A CG1   1 
ATOM   639  C CG2   . VAL A 1 79  ? 17.832  7.389   -0.311  1.00 42.43  ? 90  VAL A CG2   1 
ATOM   640  N N     . VAL A 1 80  ? 14.774  6.289   3.193   1.00 40.21  ? 91  VAL A N     1 
ATOM   641  C CA    . VAL A 1 80  ? 13.880  5.370   3.918   1.00 40.60  ? 91  VAL A CA    1 
ATOM   642  C C     . VAL A 1 80  ? 12.772  4.771   3.025   1.00 42.17  ? 91  VAL A C     1 
ATOM   643  O O     . VAL A 1 80  ? 12.415  5.328   1.956   1.00 34.93  ? 91  VAL A O     1 
ATOM   644  C CB    . VAL A 1 80  ? 13.244  6.034   5.157   1.00 41.20  ? 91  VAL A CB    1 
ATOM   645  C CG1   . VAL A 1 80  ? 14.275  6.193   6.279   1.00 40.62  ? 91  VAL A CG1   1 
ATOM   646  C CG2   . VAL A 1 80  ? 12.576  7.366   4.801   1.00 41.08  ? 91  VAL A CG2   1 
ATOM   647  N N     . GLU A 1 81  ? 12.232  3.642   3.489   1.00 44.36  ? 92  GLU A N     1 
ATOM   648  C CA    . GLU A 1 81  ? 11.178  2.908   2.777   1.00 51.31  ? 92  GLU A CA    1 
ATOM   649  C C     . GLU A 1 81  ? 9.782   3.023   3.472   1.00 44.45  ? 92  GLU A C     1 
ATOM   650  O O     . GLU A 1 81  ? 9.422   2.191   4.342   1.00 40.95  ? 92  GLU A O     1 
ATOM   651  C CB    . GLU A 1 81  ? 11.610  1.445   2.595   1.00 61.97  ? 92  GLU A CB    1 
ATOM   652  C CG    . GLU A 1 81  ? 10.964  0.752   1.386   1.00 72.09  ? 92  GLU A CG    1 
ATOM   653  C CD    . GLU A 1 81  ? 11.049  -0.777  1.437   1.00 82.72  ? 92  GLU A CD    1 
ATOM   654  O OE1   . GLU A 1 81  ? 11.141  -1.343  2.558   1.00 85.84  ? 92  GLU A OE1   1 
ATOM   655  O OE2   . GLU A 1 81  ? 11.003  -1.422  0.354   1.00 86.74  ? 92  GLU A OE2   1 
ATOM   656  N N     . PRO A 1 82  ? 8.997   4.063   3.099   1.00 36.86  ? 93  PRO A N     1 
ATOM   657  C CA    . PRO A 1 82  ? 7.697   4.274   3.712   1.00 35.47  ? 93  PRO A CA    1 
ATOM   658  C C     . PRO A 1 82  ? 6.638   3.434   3.023   1.00 36.30  ? 93  PRO A C     1 
ATOM   659  O O     . PRO A 1 82  ? 6.669   3.292   1.791   1.00 40.36  ? 93  PRO A O     1 
ATOM   660  C CB    . PRO A 1 82  ? 7.442   5.748   3.476   1.00 34.98  ? 93  PRO A CB    1 
ATOM   661  C CG    . PRO A 1 82  ? 8.082   6.011   2.175   1.00 35.79  ? 93  PRO A CG    1 
ATOM   662  C CD    . PRO A 1 82  ? 9.296   5.122   2.123   1.00 36.36  ? 93  PRO A CD    1 
ATOM   663  N N     . LYS A 1 83  ? 5.732   2.852   3.808   1.00 34.76  ? 94  LYS A N     1 
ATOM   664  C CA    . LYS A 1 83  ? 4.649   2.027   3.265   1.00 35.85  ? 94  LYS A CA    1 
ATOM   665  C C     . LYS A 1 83  ? 3.376   2.249   4.040   1.00 33.75  ? 94  LYS A C     1 
ATOM   666  O O     . LYS A 1 83  ? 3.405   2.540   5.222   1.00 33.77  ? 94  LYS A O     1 
ATOM   667  C CB    . LYS A 1 83  ? 4.994   0.537   3.329   1.00 36.63  ? 94  LYS A CB    1 
ATOM   668  C CG    . LYS A 1 83  ? 6.257   0.107   2.596   1.00 39.33  ? 94  LYS A CG    1 
ATOM   669  C CD    . LYS A 1 83  ? 6.547   -1.348  2.927   1.00 40.15  ? 94  LYS A CD    1 
ATOM   670  C CE    . LYS A 1 83  ? 7.871   -1.806  2.357   1.00 41.40  ? 94  LYS A CE    1 
ATOM   671  N NZ    . LYS A 1 83  ? 8.033   -3.286  2.459   1.00 43.55  ? 94  LYS A NZ    1 
ATOM   672  N N     . ARG A 1 84  ? 2.241   2.071   3.394   1.00 34.12  ? 95  ARG A N     1 
ATOM   673  C CA    . ARG A 1 84  ? 0.983   2.141   4.138   1.00 34.34  ? 95  ARG A CA    1 
ATOM   674  C C     . ARG A 1 84  ? 0.991   0.965   5.109   1.00 34.73  ? 95  ARG A C     1 
ATOM   675  O O     . ARG A 1 84  ? 1.436   -0.142  4.756   1.00 36.41  ? 95  ARG A O     1 
ATOM   676  C CB    . ARG A 1 84  ? -0.223  2.169   3.209   1.00 32.48  ? 95  ARG A CB    1 
ATOM   677  C CG    . ARG A 1 84  ? -0.224  3.449   2.379   1.00 32.96  ? 95  ARG A CG    1 
ATOM   678  C CD    . ARG A 1 84  ? -1.199  3.379   1.230   1.00 33.98  ? 95  ARG A CD    1 
ATOM   679  N NE    . ARG A 1 84  ? -1.034  4.471   0.257   1.00 34.81  ? 95  ARG A NE    1 
ATOM   680  C CZ    . ARG A 1 84  ? -1.697  5.633   0.259   1.00 35.05  ? 95  ARG A CZ    1 
ATOM   681  N NH1   . ARG A 1 84  ? -2.604  5.934   1.196   1.00 35.44  ? 95  ARG A NH1   1 
ATOM   682  N NH2   . ARG A 1 84  ? -1.447  6.514   -0.707  1.00 35.25  ? 95  ARG A NH2   1 
ATOM   683  N N     . ALA A 1 85  ? 0.567   1.245   6.342   1.00 32.82  ? 96  ALA A N     1 
ATOM   684  C CA    . ALA A 1 85  ? 0.712   0.322   7.453   1.00 30.98  ? 96  ALA A CA    1 
ATOM   685  C C     . ALA A 1 85  ? -0.316  -0.797  7.416   1.00 30.54  ? 96  ALA A C     1 
ATOM   686  O O     . ALA A 1 85  ? -1.371  -0.687  6.804   1.00 30.99  ? 96  ALA A O     1 
ATOM   687  C CB    . ALA A 1 85  ? 0.668   1.054   8.806   1.00 30.18  ? 96  ALA A CB    1 
ATOM   688  N N     . VAL A 1 86  ? -0.011  -1.825  8.189   1.00 30.25  ? 97  VAL A N     1 
ATOM   689  C CA    . VAL A 1 86  ? -0.657  -3.103  8.187   1.00 31.20  ? 97  VAL A CA    1 
ATOM   690  C C     . VAL A 1 86  ? -1.125  -3.147  9.611   1.00 29.97  ? 97  VAL A C     1 
ATOM   691  O O     . VAL A 1 86  ? -0.308  -2.944  10.514  1.00 29.68  ? 97  VAL A O     1 
ATOM   692  C CB    . VAL A 1 86  ? 0.340   -4.263  7.991   1.00 30.89  ? 97  VAL A CB    1 
ATOM   693  C CG1   . VAL A 1 86  ? -0.346  -5.588  8.287   1.00 29.77  ? 97  VAL A CG1   1 
ATOM   694  C CG2   . VAL A 1 86  ? 0.935   -4.227  6.585   1.00 30.26  ? 97  VAL A CG2   1 
ATOM   695  N N     . ALA A 1 87  ? -2.416  -3.379  9.811   1.00 28.71  ? 98  ALA A N     1 
ATOM   696  C CA    . ALA A 1 87  ? -3.025  -3.221  11.129  1.00 28.74  ? 98  ALA A CA    1 
ATOM   697  C C     . ALA A 1 87  ? -2.414  -4.238  12.053  1.00 27.77  ? 98  ALA A C     1 
ATOM   698  O O     . ALA A 1 87  ? -1.940  -5.283  11.591  1.00 29.13  ? 98  ALA A O     1 
ATOM   699  C CB    . ALA A 1 87  ? -4.543  -3.394  11.052  1.00 28.93  ? 98  ALA A CB    1 
ATOM   700  N N     . ARG A 1 88  ? -2.423  -3.955  13.346  1.00 27.42  ? 99  ARG A N     1 
ATOM   701  C CA    . ARG A 1 88  ? -1.915  -4.943  14.305  1.00 29.13  ? 99  ARG A CA    1 
ATOM   702  C C     . ARG A 1 88  ? -2.750  -6.239  14.187  1.00 29.79  ? 99  ARG A C     1 
ATOM   703  O O     . ARG A 1 88  ? -2.233  -7.338  14.259  1.00 28.60  ? 99  ARG A O     1 
ATOM   704  C CB    . ARG A 1 88  ? -1.966  -4.383  15.727  1.00 29.11  ? 99  ARG A CB    1 
ATOM   705  C CG    . ARG A 1 88  ? -1.036  -3.193  15.997  1.00 29.95  ? 99  ARG A CG    1 
ATOM   706  C CD    . ARG A 1 88  ? -1.220  -2.696  17.435  1.00 30.50  ? 99  ARG A CD    1 
ATOM   707  N NE    . ARG A 1 88  ? -0.699  -1.359  17.749  1.00 28.65  ? 99  ARG A NE    1 
ATOM   708  C CZ    . ARG A 1 88  ? -1.188  -0.212  17.292  1.00 28.62  ? 99  ARG A CZ    1 
ATOM   709  N NH1   . ARG A 1 88  ? -2.184  -0.177  16.411  1.00 28.94  ? 99  ARG A NH1   1 
ATOM   710  N NH2   . ARG A 1 88  ? -0.646  0.930   17.692  1.00 30.00  ? 99  ARG A NH2   1 
ATOM   711  N N     . GLU A 1 89  ? -4.041  -6.057  13.929  1.00 32.32  ? 100 GLU A N     1 
ATOM   712  C CA    . GLU A 1 89  ? -5.041  -7.116  13.828  1.00 32.98  ? 100 GLU A CA    1 
ATOM   713  C C     . GLU A 1 89  ? -4.872  -8.014  12.584  1.00 34.89  ? 100 GLU A C     1 
ATOM   714  O O     . GLU A 1 89  ? -5.376  -9.137  12.595  1.00 36.55  ? 100 GLU A O     1 
ATOM   715  C CB    . GLU A 1 89  ? -6.459  -6.495  13.832  1.00 33.44  ? 100 GLU A CB    1 
ATOM   716  C CG    . GLU A 1 89  ? -6.894  -5.787  15.139  1.00 35.22  ? 100 GLU A CG    1 
ATOM   717  C CD    . GLU A 1 89  ? -6.119  -4.485  15.496  1.00 35.13  ? 100 GLU A CD    1 
ATOM   718  O OE1   . GLU A 1 89  ? -5.780  -3.707  14.570  1.00 32.69  ? 100 GLU A OE1   1 
ATOM   719  O OE2   . GLU A 1 89  ? -5.842  -4.242  16.709  1.00 32.94  ? 100 GLU A OE2   1 
ATOM   720  N N     . GLU A 1 90  ? -4.196  -7.517  11.531  1.00 34.73  ? 101 GLU A N     1 
ATOM   721  C CA    . GLU A 1 90  ? -3.883  -8.282  10.300  1.00 35.59  ? 101 GLU A CA    1 
ATOM   722  C C     . GLU A 1 90  ? -2.395  -8.570  10.103  1.00 33.75  ? 101 GLU A C     1 
ATOM   723  O O     . GLU A 1 90  ? -2.007  -9.198  9.116   1.00 29.25  ? 101 GLU A O     1 
ATOM   724  C CB    . GLU A 1 90  ? -4.344  -7.511  9.056   1.00 40.33  ? 101 GLU A CB    1 
ATOM   725  C CG    . GLU A 1 90  ? -5.822  -7.616  8.712   1.00 43.93  ? 101 GLU A CG    1 
ATOM   726  C CD    . GLU A 1 90  ? -6.447  -6.244  8.525   1.00 51.13  ? 101 GLU A CD    1 
ATOM   727  O OE1   . GLU A 1 90  ? -5.907  -5.434  7.719   1.00 54.27  ? 101 GLU A OE1   1 
ATOM   728  O OE2   . GLU A 1 90  ? -7.446  -5.954  9.233   1.00 55.97  ? 101 GLU A OE2   1 
ATOM   729  N N     . SER A 1 91  ? -1.552  -8.108  11.022  1.00 35.26  ? 102 SER A N     1 
ATOM   730  C CA    . SER A 1 91  ? -0.091  -8.324  10.931  1.00 34.70  ? 102 SER A CA    1 
ATOM   731  C C     . SER A 1 91  ? 0.337   -9.761  10.726  1.00 33.06  ? 102 SER A C     1 
ATOM   732  O O     . SER A 1 91  ? 1.453   -9.987  10.321  1.00 35.37  ? 102 SER A O     1 
ATOM   733  C CB    . SER A 1 91  ? 0.621   -7.769  12.178  1.00 35.80  ? 102 SER A CB    1 
ATOM   734  O OG    . SER A 1 91  ? 0.070   -8.305  13.384  1.00 34.98  ? 102 SER A OG    1 
ATOM   735  N N     . GLY A 1 92  ? -0.523  -10.730 11.016  1.00 34.66  ? 103 GLY A N     1 
ATOM   736  C CA    . GLY A 1 92  ? -0.170  -12.142 10.838  1.00 37.82  ? 103 GLY A CA    1 
ATOM   737  C C     . GLY A 1 92  ? -0.899  -12.952 9.782   1.00 40.63  ? 103 GLY A C     1 
ATOM   738  O O     . GLY A 1 92  ? -0.832  -14.184 9.847   1.00 41.49  ? 103 GLY A O     1 
ATOM   739  N N     . LYS A 1 93  ? -1.584  -12.295 8.832   1.00 41.59  ? 104 LYS A N     1 
ATOM   740  C CA    . LYS A 1 93  ? -2.095  -12.979 7.639   1.00 46.10  ? 104 LYS A CA    1 
ATOM   741  C C     . LYS A 1 93  ? -0.905  -13.387 6.810   1.00 44.88  ? 104 LYS A C     1 
ATOM   742  O O     . LYS A 1 93  ? 0.062   -12.630 6.719   1.00 47.93  ? 104 LYS A O     1 
ATOM   743  C CB    . LYS A 1 93  ? -3.009  -12.106 6.766   1.00 50.31  ? 104 LYS A CB    1 
ATOM   744  C CG    . LYS A 1 93  ? -4.419  -12.016 7.290   1.00 56.41  ? 104 LYS A CG    1 
ATOM   745  C CD    . LYS A 1 93  ? -5.331  -11.143 6.436   1.00 64.49  ? 104 LYS A CD    1 
ATOM   746  C CE    . LYS A 1 93  ? -6.610  -10.855 7.228   1.00 70.43  ? 104 LYS A CE    1 
ATOM   747  N NZ    . LYS A 1 93  ? -7.578  -9.970  6.535   1.00 72.57  ? 104 LYS A NZ    1 
ATOM   748  N N     . PRO A 1 94  ? -0.961  -14.586 6.204   1.00 43.71  ? 105 PRO A N     1 
ATOM   749  C CA    . PRO A 1 94  ? 0.096   -14.877 5.247   1.00 43.52  ? 105 PRO A CA    1 
ATOM   750  C C     . PRO A 1 94  ? 0.282   -13.735 4.206   1.00 41.20  ? 105 PRO A C     1 
ATOM   751  O O     . PRO A 1 94  ? -0.691  -13.176 3.683   1.00 43.20  ? 105 PRO A O     1 
ATOM   752  C CB    . PRO A 1 94  ? -0.373  -16.193 4.621   1.00 43.93  ? 105 PRO A CB    1 
ATOM   753  C CG    . PRO A 1 94  ? -1.158  -16.853 5.726   1.00 42.60  ? 105 PRO A CG    1 
ATOM   754  C CD    . PRO A 1 94  ? -1.891  -15.727 6.373   1.00 42.21  ? 105 PRO A CD    1 
ATOM   755  N N     . GLY A 1 95  ? 1.540   -13.390 3.958   1.00 38.65  ? 106 GLY A N     1 
ATOM   756  C CA    . GLY A 1 95  ? 1.914   -12.300 3.051   1.00 36.93  ? 106 GLY A CA    1 
ATOM   757  C C     . GLY A 1 95  ? 1.603   -10.868 3.432   1.00 34.45  ? 106 GLY A C     1 
ATOM   758  O O     . GLY A 1 95  ? 1.703   -9.980  2.610   1.00 32.09  ? 106 GLY A O     1 
ATOM   759  N N     . ALA A 1 96  ? 1.264   -10.639 4.690   1.00 36.77  ? 107 ALA A N     1 
ATOM   760  C CA    . ALA A 1 96  ? 0.818   -9.320  5.167   1.00 36.39  ? 107 ALA A CA    1 
ATOM   761  C C     . ALA A 1 96  ? 1.788   -8.168  4.886   1.00 35.57  ? 107 ALA A C     1 
ATOM   762  O O     . ALA A 1 96  ? 1.330   -7.076  4.509   1.00 34.99  ? 107 ALA A O     1 
ATOM   763  C CB    . ALA A 1 96  ? 0.512   -9.394  6.664   1.00 37.84  ? 107 ALA A CB    1 
ATOM   764  N N     . HIS A 1 97  ? 3.098   -8.413  5.082   1.00 35.26  ? 108 HIS A N     1 
ATOM   765  C CA    . HIS A 1 97  ? 4.127   -7.353  5.028   1.00 34.84  ? 108 HIS A CA    1 
ATOM   766  C C     . HIS A 1 97  ? 4.880   -7.307  3.707   1.00 33.40  ? 108 HIS A C     1 
ATOM   767  O O     . HIS A 1 97  ? 5.849   -6.561  3.578   1.00 36.92  ? 108 HIS A O     1 
ATOM   768  C CB    . HIS A 1 97  ? 5.142   -7.485  6.198   1.00 36.10  ? 108 HIS A CB    1 
ATOM   769  C CG    . HIS A 1 97  ? 4.502   -7.497  7.554   1.00 36.73  ? 108 HIS A CG    1 
ATOM   770  N ND1   . HIS A 1 97  ? 4.678   -8.526  8.452   1.00 38.66  ? 108 HIS A ND1   1 
ATOM   771  C CD2   . HIS A 1 97  ? 3.625   -6.644  8.133   1.00 37.67  ? 108 HIS A CD2   1 
ATOM   772  C CE1   . HIS A 1 97  ? 3.952   -8.299  9.532   1.00 38.70  ? 108 HIS A CE1   1 
ATOM   773  N NE2   . HIS A 1 97  ? 3.301   -7.162  9.362   1.00 38.43  ? 108 HIS A NE2   1 
ATOM   774  N N     . VAL A 1 98  ? 4.435   -8.066  2.718   1.00 31.15  ? 109 VAL A N     1 
ATOM   775  C CA    . VAL A 1 98  ? 5.156   -8.146  1.458   1.00 30.76  ? 109 VAL A CA    1 
ATOM   776  C C     . VAL A 1 98  ? 4.645   -7.124  0.427   1.00 29.71  ? 109 VAL A C     1 
ATOM   777  O O     . VAL A 1 98  ? 3.494   -7.141  0.017   1.00 25.72  ? 109 VAL A O     1 
ATOM   778  C CB    . VAL A 1 98  ? 5.097   -9.552  0.861   1.00 32.78  ? 109 VAL A CB    1 
ATOM   779  C CG1   . VAL A 1 98  ? 6.086   -9.664  -0.303  1.00 34.02  ? 109 VAL A CG1   1 
ATOM   780  C CG2   . VAL A 1 98  ? 5.378   -10.605 1.939   1.00 32.18  ? 109 VAL A CG2   1 
ATOM   781  N N     . THR A 1 99  ? 5.557   -6.240  0.044   1.00 30.17  ? 110 THR A N     1 
ATOM   782  C CA    . THR A 1 99  ? 5.365   -5.179  -0.946  1.00 30.99  ? 110 THR A CA    1 
ATOM   783  C C     . THR A 1 99  ? 5.435   -5.692  -2.401  1.00 29.96  ? 110 THR A C     1 
ATOM   784  O O     . THR A 1 99  ? 6.459   -6.231  -2.816  1.00 26.19  ? 110 THR A O     1 
ATOM   785  C CB    . THR A 1 99  ? 6.468   -4.124  -0.673  1.00 32.06  ? 110 THR A CB    1 
ATOM   786  O OG1   . THR A 1 99  ? 6.127   -3.440  0.537   1.00 33.84  ? 110 THR A OG1   1 
ATOM   787  C CG2   . THR A 1 99  ? 6.707   -3.141  -1.823  1.00 31.53  ? 110 THR A CG2   1 
ATOM   788  N N     . VAL A 1 100 ? 4.349   -5.531  -3.163  1.00 30.10  ? 111 VAL A N     1 
ATOM   789  C CA    . VAL A 1 100 ? 4.345   -5.909  -4.594  1.00 29.54  ? 111 VAL A CA    1 
ATOM   790  C C     . VAL A 1 100 ? 3.655   -4.878  -5.473  1.00 29.92  ? 111 VAL A C     1 
ATOM   791  O O     . VAL A 1 100 ? 2.778   -4.129  -5.023  1.00 28.27  ? 111 VAL A O     1 
ATOM   792  C CB    . VAL A 1 100 ? 3.641   -7.264  -4.878  1.00 29.62  ? 111 VAL A CB    1 
ATOM   793  C CG1   . VAL A 1 100 ? 4.237   -8.400  -4.064  1.00 28.88  ? 111 VAL A CG1   1 
ATOM   794  C CG2   . VAL A 1 100 ? 2.118   -7.170  -4.674  1.00 29.93  ? 111 VAL A CG2   1 
ATOM   795  N N     . LYS A 1 101 ? 4.020   -4.913  -6.754  1.00 31.77  ? 112 LYS A N     1 
ATOM   796  C CA    . LYS A 1 101 ? 3.387   -4.076  -7.790  1.00 32.46  ? 112 LYS A CA    1 
ATOM   797  C C     . LYS A 1 101 ? 2.176   -4.710  -8.493  1.00 32.29  ? 112 LYS A C     1 
ATOM   798  O O     . LYS A 1 101 ? 1.414   -3.997  -9.187  1.00 30.63  ? 112 LYS A O     1 
ATOM   799  C CB    . LYS A 1 101 ? 4.421   -3.710  -8.845  1.00 33.44  ? 112 LYS A CB    1 
ATOM   800  C CG    . LYS A 1 101 ? 5.513   -2.828  -8.318  1.00 33.67  ? 112 LYS A CG    1 
ATOM   801  C CD    . LYS A 1 101 ? 6.567   -2.599  -9.363  1.00 35.93  ? 112 LYS A CD    1 
ATOM   802  C CE    . LYS A 1 101 ? 7.757   -1.922  -8.708  1.00 38.40  ? 112 LYS A CE    1 
ATOM   803  N NZ    . LYS A 1 101 ? 8.825   -1.587  -9.683  1.00 41.46  ? 112 LYS A NZ    1 
ATOM   804  N N     . LYS A 1 102 ? 2.011   -6.028  -8.331  1.00 31.80  ? 113 LYS A N     1 
ATOM   805  C CA    . LYS A 1 102 ? 0.972   -6.751  -9.031  1.00 32.97  ? 113 LYS A CA    1 
ATOM   806  C C     . LYS A 1 102 ? -0.289  -6.841  -8.181  1.00 31.44  ? 113 LYS A C     1 
ATOM   807  O O     . LYS A 1 102 ? -0.279  -7.407  -7.089  1.00 30.33  ? 113 LYS A O     1 
ATOM   808  C CB    . LYS A 1 102 ? 1.477   -8.130  -9.452  1.00 35.67  ? 113 LYS A CB    1 
ATOM   809  C CG    . LYS A 1 102 ? 0.644   -8.809  -10.544 1.00 37.84  ? 113 LYS A CG    1 
ATOM   810  C CD    . LYS A 1 102 ? 1.420   -9.943  -11.200 1.00 40.57  ? 113 LYS A CD    1 
ATOM   811  C CE    . LYS A 1 102 ? 0.519   -10.948 -11.902 1.00 43.88  ? 113 LYS A CE    1 
ATOM   812  N NZ    . LYS A 1 102 ? 1.273   -12.134 -12.419 1.00 45.15  ? 113 LYS A NZ    1 
ATOM   813  N N     . LEU A 1 103 ? -1.367  -6.252  -8.704  1.00 32.65  ? 114 LEU A N     1 
ATOM   814  C CA    . LEU A 1 103 ? -2.730  -6.307  -8.123  1.00 32.56  ? 114 LEU A CA    1 
ATOM   815  C C     . LEU A 1 103 ? -3.552  -7.498  -8.659  1.00 33.65  ? 114 LEU A C     1 
ATOM   816  O O     . LEU A 1 103 ? -3.596  -7.707  -9.869  1.00 33.88  ? 114 LEU A O     1 
ATOM   817  C CB    . LEU A 1 103 ? -3.463  -5.021  -8.468  1.00 31.40  ? 114 LEU A CB    1 
ATOM   818  C CG    . LEU A 1 103 ? -4.813  -4.781  -7.784  1.00 33.59  ? 114 LEU A CG    1 
ATOM   819  C CD1   . LEU A 1 103 ? -4.611  -4.503  -6.282  1.00 33.86  ? 114 LEU A CD1   1 
ATOM   820  C CD2   . LEU A 1 103 ? -5.580  -3.641  -8.478  1.00 30.40  ? 114 LEU A CD2   1 
ATOM   821  N N     . PHE A 1 104 ? -4.176  -8.278  -7.767  1.00 34.77  ? 115 PHE A N     1 
ATOM   822  C CA    . PHE A 1 104 ? -5.202  -9.269  -8.166  1.00 37.30  ? 115 PHE A CA    1 
ATOM   823  C C     . PHE A 1 104 ? -6.567  -8.630  -8.261  1.00 36.39  ? 115 PHE A C     1 
ATOM   824  O O     . PHE A 1 104 ? -6.958  -7.860  -7.389  1.00 38.11  ? 115 PHE A O     1 
ATOM   825  C CB    . PHE A 1 104 ? -5.341  -10.420 -7.176  1.00 37.72  ? 115 PHE A CB    1 
ATOM   826  C CG    . PHE A 1 104 ? -6.577  -11.260 -7.415  1.00 38.20  ? 115 PHE A CG    1 
ATOM   827  C CD1   . PHE A 1 104 ? -6.588  -12.241 -8.421  1.00 35.49  ? 115 PHE A CD1   1 
ATOM   828  C CD2   . PHE A 1 104 ? -7.747  -11.058 -6.652  1.00 38.77  ? 115 PHE A CD2   1 
ATOM   829  C CE1   . PHE A 1 104 ? -7.720  -13.015 -8.660  1.00 35.12  ? 115 PHE A CE1   1 
ATOM   830  C CE2   . PHE A 1 104 ? -8.879  -11.833 -6.890  1.00 38.09  ? 115 PHE A CE2   1 
ATOM   831  C CZ    . PHE A 1 104 ? -8.869  -12.799 -7.909  1.00 36.77  ? 115 PHE A CZ    1 
ATOM   832  N N     . VAL A 1 105 ? -7.313  -8.984  -9.294  1.00 36.17  ? 116 VAL A N     1 
ATOM   833  C CA    . VAL A 1 105 ? -8.667  -8.466  -9.458  1.00 35.96  ? 116 VAL A CA    1 
ATOM   834  C C     . VAL A 1 105 ? -9.648  -9.543  -9.950  1.00 35.21  ? 116 VAL A C     1 
ATOM   835  O O     . VAL A 1 105 ? -9.661  -9.873  -11.129 1.00 33.96  ? 116 VAL A O     1 
ATOM   836  C CB    . VAL A 1 105 ? -8.683  -7.310  -10.453 1.00 36.22  ? 116 VAL A CB    1 
ATOM   837  C CG1   . VAL A 1 105 ? -10.048 -6.603  -10.399 1.00 37.41  ? 116 VAL A CG1   1 
ATOM   838  C CG2   . VAL A 1 105 ? -7.504  -6.371  -10.207 1.00 34.93  ? 116 VAL A CG2   1 
ATOM   839  N N     . GLY A 1 106 ? -10.477 -10.055 -9.040  1.00 33.77  ? 117 GLY A N     1 
ATOM   840  C CA    . GLY A 1 106 ? -11.495 -11.065 -9.353  1.00 31.67  ? 117 GLY A CA    1 
ATOM   841  C C     . GLY A 1 106 ? -12.870 -10.494 -9.143  1.00 29.86  ? 117 GLY A C     1 
ATOM   842  O O     . GLY A 1 106 ? -12.991 -9.347  -8.750  1.00 28.45  ? 117 GLY A O     1 
ATOM   843  N N     . GLY A 1 107 ? -13.895 -11.308 -9.413  1.00 30.22  ? 118 GLY A N     1 
ATOM   844  C CA    . GLY A 1 107 ? -15.304 -10.891 -9.381  1.00 30.76  ? 118 GLY A CA    1 
ATOM   845  C C     . GLY A 1 107 ? -15.847 -10.310 -10.690 1.00 33.82  ? 118 GLY A C     1 
ATOM   846  O O     . GLY A 1 107 ? -17.013 -9.875  -10.749 1.00 30.69  ? 118 GLY A O     1 
ATOM   847  N N     . ILE A 1 108 ? -15.005 -10.249 -11.698 1.00 33.82  ? 119 ILE A N     1 
ATOM   848  C CA    . ILE A 1 108 ? -15.323 -9.613  -12.948 1.00 34.97  ? 119 ILE A CA    1 
ATOM   849  C C     . ILE A 1 108 ? -16.048 -10.378 -14.048 1.00 36.02  ? 119 ILE A C     1 
ATOM   850  O O     . ILE A 1 108 ? -16.310 -9.848  -15.085 1.00 33.19  ? 119 ILE A O     1 
ATOM   851  C CB    . ILE A 1 108 ? -14.126 -8.812  -13.448 1.00 33.89  ? 119 ILE A CB    1 
ATOM   852  C CG1   . ILE A 1 108 ? -12.935 -9.702  -13.684 1.00 33.75  ? 119 ILE A CG1   1 
ATOM   853  C CG2   . ILE A 1 108 ? -13.758 -7.780  -12.422 1.00 34.27  ? 119 ILE A CG2   1 
ATOM   854  C CD1   . ILE A 1 108 ? -11.783 -9.035  -14.370 1.00 33.00  ? 119 ILE A CD1   1 
ATOM   855  N N     . LYS A 1 109 ? -16.387 -11.632 -13.764 1.00 36.34  ? 120 LYS A N     1 
ATOM   856  C CA    . LYS A 1 109 ? -17.114 -12.477 -14.708 1.00 38.54  ? 120 LYS A CA    1 
ATOM   857  C C     . LYS A 1 109 ? -16.529 -12.804 -16.078 1.00 39.25  ? 120 LYS A C     1 
ATOM   858  O O     . LYS A 1 109 ? -15.379 -13.233 -16.186 1.00 37.60  ? 120 LYS A O     1 
ATOM   859  C CB    . LYS A 1 109 ? -18.566 -12.007 -14.833 1.00 40.31  ? 120 LYS A CB    1 
ATOM   860  C CG    . LYS A 1 109 ? -19.207 -11.618 -13.511 1.00 42.65  ? 120 LYS A CG    1 
ATOM   861  C CD    . LYS A 1 109 ? -19.304 -12.809 -12.572 1.00 48.95  ? 120 LYS A CD    1 
ATOM   862  C CE    . LYS A 1 109 ? -20.145 -12.481 -11.349 1.00 51.24  ? 120 LYS A CE    1 
ATOM   863  N NZ    . LYS A 1 109 ? -21.591 -12.754 -11.578 1.00 52.40  ? 120 LYS A NZ    1 
ATOM   864  N N     . GLU A 1 110 ? -17.296 -12.536 -17.126 1.00 42.25  ? 121 GLU A N     1 
ATOM   865  C CA    . GLU A 1 110 ? -16.812 -12.688 -18.476 1.00 41.49  ? 121 GLU A CA    1 
ATOM   866  C C     . GLU A 1 110 ? -16.903 -11.491 -19.356 1.00 41.77  ? 121 GLU A C     1 
ATOM   867  O O     . GLU A 1 110 ? -16.340 -11.496 -20.397 1.00 41.81  ? 121 GLU A O     1 
ATOM   868  C CB    . GLU A 1 110 ? -17.511 -13.826 -19.167 1.00 44.21  ? 121 GLU A CB    1 
ATOM   869  C CG    . GLU A 1 110 ? -17.256 -15.132 -18.481 1.00 51.85  ? 121 GLU A CG    1 
ATOM   870  C CD    . GLU A 1 110 ? -18.054 -16.278 -19.026 1.00 59.13  ? 121 GLU A CD    1 
ATOM   871  O OE1   . GLU A 1 110 ? -18.071 -16.464 -20.239 1.00 71.89  ? 121 GLU A OE1   1 
ATOM   872  O OE2   . GLU A 1 110 ? -18.656 -17.018 -18.248 1.00 60.83  ? 121 GLU A OE2   1 
ATOM   873  N N     . ASP A 1 111 ? -17.621 -10.471 -18.951 1.00 43.88  ? 122 ASP A N     1 
ATOM   874  C CA    . ASP A 1 111 ? -17.796 -9.305  -19.777 1.00 44.11  ? 122 ASP A CA    1 
ATOM   875  C C     . ASP A 1 111 ? -16.760 -8.269  -19.544 1.00 44.26  ? 122 ASP A C     1 
ATOM   876  O O     . ASP A 1 111 ? -16.643 -7.339  -20.267 1.00 47.02  ? 122 ASP A O     1 
ATOM   877  C CB    . ASP A 1 111 ? -19.152 -8.709  -19.521 1.00 41.76  ? 122 ASP A CB    1 
ATOM   878  C CG    . ASP A 1 111 ? -19.478 -8.669  -18.096 1.00 41.60  ? 122 ASP A CG    1 
ATOM   879  O OD1   . ASP A 1 111 ? -19.863 -9.679  -17.563 1.00 45.79  ? 122 ASP A OD1   1 
ATOM   880  O OD2   . ASP A 1 111 ? -19.359 -7.643  -17.484 1.00 45.39  ? 122 ASP A OD2   1 
ATOM   881  N N     . THR A 1 112 ? -15.993 -8.442  -18.513 1.00 45.38  ? 123 THR A N     1 
ATOM   882  C CA    . THR A 1 112 ? -14.954 -7.462  -18.216 1.00 44.51  ? 123 THR A CA    1 
ATOM   883  C C     . THR A 1 112 ? -13.666 -7.771  -19.006 1.00 44.29  ? 123 THR A C     1 
ATOM   884  O O     . THR A 1 112 ? -13.301 -8.940  -19.211 1.00 46.28  ? 123 THR A O     1 
ATOM   885  C CB    . THR A 1 112 ? -14.718 -7.330  -16.704 1.00 41.83  ? 123 THR A CB    1 
ATOM   886  O OG1   . THR A 1 112 ? -15.982 -7.316  -16.014 1.00 37.40  ? 123 THR A OG1   1 
ATOM   887  C CG2   . THR A 1 112 ? -13.979 -6.034  -16.395 1.00 41.45  ? 123 THR A CG2   1 
ATOM   888  N N     . GLU A 1 113 ? -13.007 -6.685  -19.417 1.00 46.18  ? 124 GLU A N     1 
ATOM   889  C CA    . GLU A 1 113 ? -11.971 -6.635  -20.450 1.00 46.43  ? 124 GLU A CA    1 
ATOM   890  C C     . GLU A 1 113 ? -10.943 -5.582  -20.021 1.00 45.10  ? 124 GLU A C     1 
ATOM   891  O O     . GLU A 1 113 ? -11.229 -4.701  -19.184 1.00 42.12  ? 124 GLU A O     1 
ATOM   892  C CB    . GLU A 1 113 ? -12.544 -6.244  -21.821 1.00 51.01  ? 124 GLU A CB    1 
ATOM   893  C CG    . GLU A 1 113 ? -13.186 -7.389  -22.611 1.00 57.31  ? 124 GLU A CG    1 
ATOM   894  C CD    . GLU A 1 113 ? -13.387 -7.103  -24.110 1.00 62.88  ? 124 GLU A CD    1 
ATOM   895  O OE1   . GLU A 1 113 ? -12.718 -6.218  -24.716 1.00 60.45  ? 124 GLU A OE1   1 
ATOM   896  O OE2   . GLU A 1 113 ? -14.225 -7.806  -24.708 1.00 70.51  ? 124 GLU A OE2   1 
ATOM   897  N N     . GLU A 1 114 ? -9.758  -5.689  -20.616 1.00 41.43  ? 125 GLU A N     1 
ATOM   898  C CA    . GLU A 1 114 ? -8.606  -4.845  -20.297 1.00 39.86  ? 125 GLU A CA    1 
ATOM   899  C C     . GLU A 1 114 ? -8.888  -3.346  -20.262 1.00 37.45  ? 125 GLU A C     1 
ATOM   900  O O     . GLU A 1 114 ? -8.321  -2.636  -19.424 1.00 35.32  ? 125 GLU A O     1 
ATOM   901  C CB    . GLU A 1 114 ? -7.438  -5.154  -21.269 1.00 39.94  ? 125 GLU A CB    1 
ATOM   902  C CG    . GLU A 1 114 ? -6.254  -4.173  -21.261 1.00 38.01  ? 125 GLU A CG    1 
ATOM   903  C CD    . GLU A 1 114 ? -5.101  -4.605  -22.174 1.00 38.50  ? 125 GLU A CD    1 
ATOM   904  O OE1   . GLU A 1 114 ? -4.181  -3.776  -22.382 1.00 38.08  ? 125 GLU A OE1   1 
ATOM   905  O OE2   . GLU A 1 114 ? -5.100  -5.753  -22.695 1.00 37.42  ? 125 GLU A OE2   1 
ATOM   906  N N     . HIS A 1 115 ? -9.734  -2.867  -21.168 1.00 38.38  ? 126 HIS A N     1 
ATOM   907  C CA    . HIS A 1 115 ? -10.033 -1.433  -21.248 1.00 39.27  ? 126 HIS A CA    1 
ATOM   908  C C     . HIS A 1 115 ? -10.842 -0.960  -20.025 1.00 37.25  ? 126 HIS A C     1 
ATOM   909  O O     . HIS A 1 115 ? -10.709 0.186   -19.611 1.00 34.54  ? 126 HIS A O     1 
ATOM   910  C CB    . HIS A 1 115 ? -10.732 -1.070  -22.581 1.00 41.18  ? 126 HIS A CB    1 
ATOM   911  C CG    . HIS A 1 115 ? -12.210 -1.283  -22.561 1.00 43.74  ? 126 HIS A CG    1 
ATOM   912  N ND1   . HIS A 1 115 ? -12.799 -2.445  -23.015 1.00 45.50  ? 126 HIS A ND1   1 
ATOM   913  C CD2   . HIS A 1 115 ? -13.216 -0.499  -22.101 1.00 46.66  ? 126 HIS A CD2   1 
ATOM   914  C CE1   . HIS A 1 115 ? -14.106 -2.367  -22.836 1.00 48.22  ? 126 HIS A CE1   1 
ATOM   915  N NE2   . HIS A 1 115 ? -14.385 -1.198  -22.281 1.00 49.87  ? 126 HIS A NE2   1 
ATOM   916  N N     . HIS A 1 116 ? -11.677 -1.839  -19.462 1.00 39.21  ? 127 HIS A N     1 
ATOM   917  C CA    . HIS A 1 116 ? -12.425 -1.518  -18.226 1.00 39.53  ? 127 HIS A CA    1 
ATOM   918  C C     . HIS A 1 116 ? -11.475 -1.339  -17.071 1.00 35.07  ? 127 HIS A C     1 
ATOM   919  O O     . HIS A 1 116 ? -11.624 -0.427  -16.266 1.00 33.68  ? 127 HIS A O     1 
ATOM   920  C CB    . HIS A 1 116 ? -13.436 -2.607  -17.840 1.00 40.06  ? 127 HIS A CB    1 
ATOM   921  C CG    . HIS A 1 116 ? -14.561 -2.758  -18.802 1.00 39.88  ? 127 HIS A CG    1 
ATOM   922  N ND1   . HIS A 1 116 ? -14.742 -3.894  -19.556 1.00 40.67  ? 127 HIS A ND1   1 
ATOM   923  C CD2   . HIS A 1 116 ? -15.575 -1.922  -19.129 1.00 41.24  ? 127 HIS A CD2   1 
ATOM   924  C CE1   . HIS A 1 116 ? -15.816 -3.750  -20.312 1.00 40.64  ? 127 HIS A CE1   1 
ATOM   925  N NE2   . HIS A 1 116 ? -16.339 -2.562  -20.073 1.00 38.62  ? 127 HIS A NE2   1 
ATOM   926  N N     . LEU A 1 117 ? -10.499 -2.230  -16.990 1.00 35.41  ? 128 LEU A N     1 
ATOM   927  C CA    . LEU A 1 117 ? -9.483  -2.147  -15.938 1.00 35.48  ? 128 LEU A CA    1 
ATOM   928  C C     . LEU A 1 117 ? -8.602  -0.937  -16.081 1.00 37.87  ? 128 LEU A C     1 
ATOM   929  O O     . LEU A 1 117 ? -8.469  -0.180  -15.123 1.00 41.06  ? 128 LEU A O     1 
ATOM   930  C CB    . LEU A 1 117 ? -8.636  -3.409  -15.891 1.00 34.68  ? 128 LEU A CB    1 
ATOM   931  C CG    . LEU A 1 117 ? -9.398  -4.702  -15.576 1.00 34.02  ? 128 LEU A CG    1 
ATOM   932  C CD1   . LEU A 1 117 ? -8.394  -5.807  -15.264 1.00 36.17  ? 128 LEU A CD1   1 
ATOM   933  C CD2   . LEU A 1 117 ? -10.404 -4.545  -14.439 1.00 32.63  ? 128 LEU A CD2   1 
ATOM   934  N N     . ARG A 1 118 ? -8.035  -0.734  -17.274 1.00 43.83  ? 129 ARG A N     1 
ATOM   935  C CA    . ARG A 1 118 ? -7.207  0.464   -17.579 1.00 46.83  ? 129 ARG A CA    1 
ATOM   936  C C     . ARG A 1 118 ? -7.938  1.769   -17.206 1.00 44.77  ? 129 ARG A C     1 
ATOM   937  O O     . ARG A 1 118 ? -7.454  2.594   -16.410 1.00 45.20  ? 129 ARG A O     1 
ATOM   938  C CB    . ARG A 1 118 ? -6.820  0.486   -19.066 1.00 50.61  ? 129 ARG A CB    1 
ATOM   939  C CG    . ARG A 1 118 ? -5.773  1.540   -19.446 1.00 55.47  ? 129 ARG A CG    1 
ATOM   940  C CD    . ARG A 1 118 ? -6.134  2.296   -20.729 1.00 57.65  ? 129 ARG A CD    1 
ATOM   941  N NE    . ARG A 1 118 ? -7.138  3.371   -20.543 1.00 56.80  ? 129 ARG A NE    1 
ATOM   942  C CZ    . ARG A 1 118 ? -8.360  3.440   -21.096 1.00 60.40  ? 129 ARG A CZ    1 
ATOM   943  N NH1   . ARG A 1 118 ? -8.851  2.497   -21.907 1.00 58.05  ? 129 ARG A NH1   1 
ATOM   944  N NH2   . ARG A 1 118 ? -9.129  4.489   -20.812 1.00 66.26  ? 129 ARG A NH2   1 
ATOM   945  N N     . ASP A 1 119 ? -9.129  1.921   -17.753 1.00 40.21  ? 130 ASP A N     1 
ATOM   946  C CA    . ASP A 1 119 ? -9.939  3.100   -17.482 1.00 41.86  ? 130 ASP A CA    1 
ATOM   947  C C     . ASP A 1 119 ? -10.192 3.309   -15.972 1.00 39.65  ? 130 ASP A C     1 
ATOM   948  O O     . ASP A 1 119 ? -9.970  4.395   -15.465 1.00 40.79  ? 130 ASP A O     1 
ATOM   949  C CB    . ASP A 1 119 ? -11.243 2.992   -18.284 1.00 43.26  ? 130 ASP A CB    1 
ATOM   950  C CG    . ASP A 1 119 ? -12.088 4.185   -18.152 1.00 41.56  ? 130 ASP A CG    1 
ATOM   951  O OD1   . ASP A 1 119 ? -11.657 5.273   -18.609 1.00 42.62  ? 130 ASP A OD1   1 
ATOM   952  O OD2   . ASP A 1 119 ? -13.169 4.022   -17.570 1.00 41.51  ? 130 ASP A OD2   1 
ATOM   953  N N     . TYR A 1 120 ? -10.581 2.249   -15.263 1.00 39.45  ? 131 TYR A N     1 
ATOM   954  C CA    . TYR A 1 120 ? -10.824 2.302   -13.805 1.00 38.62  ? 131 TYR A CA    1 
ATOM   955  C C     . TYR A 1 120 ? -9.598  2.634   -12.967 1.00 39.55  ? 131 TYR A C     1 
ATOM   956  O O     . TYR A 1 120 ? -9.661  3.491   -12.073 1.00 41.74  ? 131 TYR A O     1 
ATOM   957  C CB    . TYR A 1 120 ? -11.402 0.977   -13.278 1.00 36.77  ? 131 TYR A CB    1 
ATOM   958  C CG    . TYR A 1 120 ? -11.785 1.074   -11.815 1.00 37.86  ? 131 TYR A CG    1 
ATOM   959  C CD1   . TYR A 1 120 ? -13.030 1.612   -11.415 1.00 38.51  ? 131 TYR A CD1   1 
ATOM   960  C CD2   . TYR A 1 120 ? -10.885 0.686   -10.808 1.00 38.30  ? 131 TYR A CD2   1 
ATOM   961  C CE1   . TYR A 1 120 ? -13.366 1.725   -10.062 1.00 36.66  ? 131 TYR A CE1   1 
ATOM   962  C CE2   . TYR A 1 120 ? -11.209 0.795   -9.456  1.00 35.85  ? 131 TYR A CE2   1 
ATOM   963  C CZ    . TYR A 1 120 ? -12.440 1.307   -9.095  1.00 35.90  ? 131 TYR A CZ    1 
ATOM   964  O OH    . TYR A 1 120 ? -12.727 1.403   -7.779  1.00 33.89  ? 131 TYR A OH    1 
ATOM   965  N N     . PHE A 1 121 ? -8.506  1.919   -13.245 1.00 40.51  ? 132 PHE A N     1 
ATOM   966  C CA    . PHE A 1 121 ? -7.277  1.946   -12.422 1.00 38.46  ? 132 PHE A CA    1 
ATOM   967  C C     . PHE A 1 121 ? -6.197  2.964   -12.789 1.00 39.34  ? 132 PHE A C     1 
ATOM   968  O O     . PHE A 1 121 ? -5.384  3.285   -11.942 1.00 39.05  ? 132 PHE A O     1 
ATOM   969  C CB    . PHE A 1 121 ? -6.644  0.553   -12.384 1.00 36.21  ? 132 PHE A CB    1 
ATOM   970  C CG    . PHE A 1 121 ? -7.344  -0.393  -11.456 1.00 35.49  ? 132 PHE A CG    1 
ATOM   971  C CD1   . PHE A 1 121 ? -7.510  -0.068  -10.106 1.00 33.58  ? 132 PHE A CD1   1 
ATOM   972  C CD2   . PHE A 1 121 ? -7.836  -1.611  -11.915 1.00 37.51  ? 132 PHE A CD2   1 
ATOM   973  C CE1   . PHE A 1 121 ? -8.157  -0.917  -9.236  1.00 33.79  ? 132 PHE A CE1   1 
ATOM   974  C CE2   . PHE A 1 121 ? -8.479  -2.481  -11.042 1.00 38.39  ? 132 PHE A CE2   1 
ATOM   975  C CZ    . PHE A 1 121 ? -8.637  -2.131  -9.694  1.00 35.88  ? 132 PHE A CZ    1 
ATOM   976  N N     . GLU A 1 122 ? -6.176  3.429   -14.042 1.00 43.11  ? 133 GLU A N     1 
ATOM   977  C CA    . GLU A 1 122 ? -5.420  4.629   -14.467 1.00 44.85  ? 133 GLU A CA    1 
ATOM   978  C C     . GLU A 1 122 ? -5.310  5.724   -13.401 1.00 42.22  ? 133 GLU A C     1 
ATOM   979  O O     . GLU A 1 122 ? -4.223  6.236   -13.174 1.00 45.57  ? 133 GLU A O     1 
ATOM   980  C CB    . GLU A 1 122 ? -6.073  5.277   -15.705 1.00 48.66  ? 133 GLU A CB    1 
ATOM   981  C CG    . GLU A 1 122 ? -5.492  4.942   -17.071 1.00 50.14  ? 133 GLU A CG    1 
ATOM   982  C CD    . GLU A 1 122 ? -6.258  5.637   -18.205 1.00 55.81  ? 133 GLU A CD    1 
ATOM   983  O OE1   . GLU A 1 122 ? -7.315  6.259   -17.928 1.00 53.24  ? 133 GLU A OE1   1 
ATOM   984  O OE2   . GLU A 1 122 ? -5.819  5.558   -19.389 1.00 60.15  ? 133 GLU A OE2   1 
ATOM   985  N N     . GLU A 1 123 ? -6.433  6.073   -12.774 1.00 39.80  ? 134 GLU A N     1 
ATOM   986  C CA    . GLU A 1 123 ? -6.486  7.165   -11.808 1.00 43.94  ? 134 GLU A CA    1 
ATOM   987  C C     . GLU A 1 123 ? -5.708  6.921   -10.482 1.00 44.43  ? 134 GLU A C     1 
ATOM   988  O O     . GLU A 1 123 ? -5.658  7.818   -9.639  1.00 43.28  ? 134 GLU A O     1 
ATOM   989  C CB    . GLU A 1 123 ? -7.953  7.503   -11.473 1.00 47.13  ? 134 GLU A CB    1 
ATOM   990  C CG    . GLU A 1 123 ? -8.544  6.661   -10.343 1.00 51.49  ? 134 GLU A CG    1 
ATOM   991  C CD    . GLU A 1 123 ? -10.031 6.864   -10.141 1.00 56.69  ? 134 GLU A CD    1 
ATOM   992  O OE1   . GLU A 1 123 ? -10.827 6.033   -10.676 1.00 57.82  ? 134 GLU A OE1   1 
ATOM   993  O OE2   . GLU A 1 123 ? -10.389 7.844   -9.436  1.00 57.49  ? 134 GLU A OE2   1 
ATOM   994  N N     . TYR A 1 124 ? -5.184  5.705   -10.278 1.00 43.29  ? 135 TYR A N     1 
ATOM   995  C CA    . TYR A 1 124 ? -4.348  5.350   -9.115  1.00 43.93  ? 135 TYR A CA    1 
ATOM   996  C C     . TYR A 1 124 ? -2.852  5.389   -9.375  1.00 44.60  ? 135 TYR A C     1 
ATOM   997  O O     . TYR A 1 124 ? -2.074  5.526   -8.421  1.00 42.69  ? 135 TYR A O     1 
ATOM   998  C CB    . TYR A 1 124 ? -4.664  3.933   -8.644  1.00 42.70  ? 135 TYR A CB    1 
ATOM   999  C CG    . TYR A 1 124 ? -5.987  3.821   -7.982  1.00 40.71  ? 135 TYR A CG    1 
ATOM   1000 C CD1   . TYR A 1 124 ? -6.151  4.226   -6.677  1.00 39.45  ? 135 TYR A CD1   1 
ATOM   1001 C CD2   . TYR A 1 124 ? -7.089  3.313   -8.662  1.00 41.02  ? 135 TYR A CD2   1 
ATOM   1002 C CE1   . TYR A 1 124 ? -7.378  4.130   -6.064  1.00 39.52  ? 135 TYR A CE1   1 
ATOM   1003 C CE2   . TYR A 1 124 ? -8.321  3.210   -8.054  1.00 37.87  ? 135 TYR A CE2   1 
ATOM   1004 C CZ    . TYR A 1 124 ? -8.450  3.622   -6.762  1.00 36.50  ? 135 TYR A CZ    1 
ATOM   1005 O OH    . TYR A 1 124 ? -9.640  3.518   -6.136  1.00 37.50  ? 135 TYR A OH    1 
ATOM   1006 N N     . GLY A 1 125 ? -2.448  5.186   -10.632 1.00 42.82  ? 136 GLY A N     1 
ATOM   1007 C CA    . GLY A 1 125 ? -1.042  5.301   -10.995 1.00 44.78  ? 136 GLY A CA    1 
ATOM   1008 C C     . GLY A 1 125 ? -0.718  4.875   -12.400 1.00 46.90  ? 136 GLY A C     1 
ATOM   1009 O O     . GLY A 1 125 ? -1.623  4.632   -13.207 1.00 50.04  ? 136 GLY A O     1 
ATOM   1010 N N     . LYS A 1 126 ? 0.585   4.817   -12.684 1.00 49.22  ? 137 LYS A N     1 
ATOM   1011 C CA    . LYS A 1 126 ? 1.111   4.310   -13.953 1.00 48.77  ? 137 LYS A CA    1 
ATOM   1012 C C     . LYS A 1 126 ? 1.004   2.795   -13.962 1.00 47.98  ? 137 LYS A C     1 
ATOM   1013 O O     . LYS A 1 126 ? 1.628   2.123   -13.128 1.00 44.73  ? 137 LYS A O     1 
ATOM   1014 C CB    . LYS A 1 126 ? 2.578   4.687   -14.151 1.00 51.15  ? 137 LYS A CB    1 
ATOM   1015 C CG    . LYS A 1 126 ? 2.825   5.990   -14.870 1.00 56.73  ? 137 LYS A CG    1 
ATOM   1016 C CD    . LYS A 1 126 ? 4.325   6.268   -14.889 1.00 66.83  ? 137 LYS A CD    1 
ATOM   1017 C CE    . LYS A 1 126 ? 4.771   7.159   -16.047 1.00 74.19  ? 137 LYS A CE    1 
ATOM   1018 N NZ    . LYS A 1 126 ? 6.239   7.010   -16.285 1.00 77.12  ? 137 LYS A NZ    1 
ATOM   1019 N N     . ILE A 1 127 ? 0.232   2.275   -14.920 1.00 46.40  ? 138 ILE A N     1 
ATOM   1020 C CA    . ILE A 1 127 ? 0.039   0.836   -15.111 1.00 43.37  ? 138 ILE A CA    1 
ATOM   1021 C C     . ILE A 1 127 ? 1.138   0.329   -16.031 1.00 43.24  ? 138 ILE A C     1 
ATOM   1022 O O     . ILE A 1 127 ? 1.427   0.985   -17.007 1.00 47.62  ? 138 ILE A O     1 
ATOM   1023 C CB    . ILE A 1 127 ? -1.332  0.550   -15.767 1.00 40.75  ? 138 ILE A CB    1 
ATOM   1024 C CG1   . ILE A 1 127 ? -2.450  1.113   -14.888 1.00 40.52  ? 138 ILE A CG1   1 
ATOM   1025 C CG2   . ILE A 1 127 ? -1.513  -0.949  -15.973 1.00 42.74  ? 138 ILE A CG2   1 
ATOM   1026 C CD1   . ILE A 1 127 ? -3.863  0.811   -15.342 1.00 40.69  ? 138 ILE A CD1   1 
ATOM   1027 N N     . ASP A 1 128 ? 1.760   -0.810  -15.739 1.00 40.47  ? 139 ASP A N     1 
ATOM   1028 C CA    . ASP A 1 128 ? 2.708   -1.411  -16.693 1.00 41.87  ? 139 ASP A CA    1 
ATOM   1029 C C     . ASP A 1 128 ? 2.041   -2.436  -17.589 1.00 44.78  ? 139 ASP A C     1 
ATOM   1030 O O     . ASP A 1 128 ? 2.278   -2.475  -18.799 1.00 46.11  ? 139 ASP A O     1 
ATOM   1031 C CB    . ASP A 1 128 ? 3.894   -2.065  -15.983 1.00 39.62  ? 139 ASP A CB    1 
ATOM   1032 C CG    . ASP A 1 128 ? 4.953   -1.072  -15.574 1.00 39.77  ? 139 ASP A CG    1 
ATOM   1033 O OD1   . ASP A 1 128 ? 4.845   0.126   -15.926 1.00 37.17  ? 139 ASP A OD1   1 
ATOM   1034 O OD2   . ASP A 1 128 ? 5.906   -1.500  -14.876 1.00 43.19  ? 139 ASP A OD2   1 
ATOM   1035 N N     . THR A 1 129 ? 1.209   -3.264  -16.977 1.00 47.05  ? 140 THR A N     1 
ATOM   1036 C CA    . THR A 1 129 ? 0.677   -4.454  -17.606 1.00 45.17  ? 140 THR A CA    1 
ATOM   1037 C C     . THR A 1 129 ? -0.738  -4.657  -17.147 1.00 43.85  ? 140 THR A C     1 
ATOM   1038 O O     . THR A 1 129 ? -1.064  -4.357  -16.005 1.00 43.88  ? 140 THR A O     1 
ATOM   1039 C CB    . THR A 1 129 ? 1.546   -5.658  -17.217 1.00 47.42  ? 140 THR A CB    1 
ATOM   1040 O OG1   . THR A 1 129 ? 2.840   -5.460  -17.788 1.00 52.28  ? 140 THR A OG1   1 
ATOM   1041 C CG2   . THR A 1 129 ? 0.993   -6.982  -17.722 1.00 48.38  ? 140 THR A CG2   1 
ATOM   1042 N N     . ILE A 1 130 ? -1.581  -5.129  -18.066 1.00 46.18  ? 141 ILE A N     1 
ATOM   1043 C CA    . ILE A 1 130 ? -2.911  -5.668  -17.749 1.00 42.15  ? 141 ILE A CA    1 
ATOM   1044 C C     . ILE A 1 130 ? -3.055  -6.980  -18.508 1.00 43.68  ? 141 ILE A C     1 
ATOM   1045 O O     . ILE A 1 130 ? -2.811  -7.036  -19.716 1.00 41.23  ? 141 ILE A O     1 
ATOM   1046 C CB    . ILE A 1 130 ? -4.052  -4.716  -18.137 1.00 40.69  ? 141 ILE A CB    1 
ATOM   1047 C CG1   . ILE A 1 130 ? -3.715  -3.281  -17.695 1.00 38.79  ? 141 ILE A CG1   1 
ATOM   1048 C CG2   . ILE A 1 130 ? -5.378  -5.221  -17.551 1.00 40.75  ? 141 ILE A CG2   1 
ATOM   1049 C CD1   . ILE A 1 130 ? -4.827  -2.269  -17.851 1.00 37.92  ? 141 ILE A CD1   1 
ATOM   1050 N N     . GLU A 1 131 ? -3.423  -8.032  -17.778 1.00 47.32  ? 142 GLU A N     1 
ATOM   1051 C CA    . GLU A 1 131 ? -3.664  -9.342  -18.367 1.00 49.47  ? 142 GLU A CA    1 
ATOM   1052 C C     . GLU A 1 131 ? -5.004  -9.898  -17.828 1.00 48.34  ? 142 GLU A C     1 
ATOM   1053 O O     . GLU A 1 131 ? -5.164  -10.130 -16.634 1.00 47.42  ? 142 GLU A O     1 
ATOM   1054 C CB    . GLU A 1 131 ? -2.438  -10.290 -18.191 1.00 50.89  ? 142 GLU A CB    1 
ATOM   1055 C CG    . GLU A 1 131 ? -2.257  -10.992 -16.840 1.00 54.70  ? 142 GLU A CG    1 
ATOM   1056 C CD    . GLU A 1 131 ? -0.802  -11.433 -16.534 1.00 58.72  ? 142 GLU A CD    1 
ATOM   1057 O OE1   . GLU A 1 131 ? 0.130   -10.600 -16.702 1.00 55.45  ? 142 GLU A OE1   1 
ATOM   1058 O OE2   . GLU A 1 131 ? -0.593  -12.598 -16.079 1.00 54.08  ? 142 GLU A OE2   1 
ATOM   1059 N N     . ILE A 1 132 ? -5.973  -10.037 -18.734 1.00 46.86  ? 143 ILE A N     1 
ATOM   1060 C CA    . ILE A 1 132 ? -7.250  -10.698 -18.461 1.00 47.63  ? 143 ILE A CA    1 
ATOM   1061 C C     . ILE A 1 132 ? -7.051  -12.196 -18.659 1.00 43.29  ? 143 ILE A C     1 
ATOM   1062 O O     . ILE A 1 132 ? -6.702  -12.620 -19.745 1.00 45.23  ? 143 ILE A O     1 
ATOM   1063 C CB    . ILE A 1 132 ? -8.363  -10.164 -19.407 1.00 49.27  ? 143 ILE A CB    1 
ATOM   1064 C CG1   . ILE A 1 132 ? -8.710  -8.707  -19.054 1.00 50.20  ? 143 ILE A CG1   1 
ATOM   1065 C CG2   . ILE A 1 132 ? -9.616  -11.037 -19.368 1.00 50.00  ? 143 ILE A CG2   1 
ATOM   1066 C CD1   . ILE A 1 132 ? -9.415  -8.519  -17.722 1.00 50.43  ? 143 ILE A CD1   1 
ATOM   1067 N N     . ILE A 1 133 ? -7.290  -12.990 -17.621 1.00 43.73  ? 144 ILE A N     1 
ATOM   1068 C CA    . ILE A 1 133 ? -7.062  -14.443 -17.679 1.00 47.70  ? 144 ILE A CA    1 
ATOM   1069 C C     . ILE A 1 133 ? -8.171  -15.167 -18.414 1.00 50.76  ? 144 ILE A C     1 
ATOM   1070 O O     . ILE A 1 133 ? -9.361  -15.082 -18.051 1.00 56.34  ? 144 ILE A O     1 
ATOM   1071 C CB    . ILE A 1 133 ? -6.897  -15.078 -16.272 1.00 47.61  ? 144 ILE A CB    1 
ATOM   1072 C CG1   . ILE A 1 133 ? -5.712  -14.421 -15.559 1.00 48.42  ? 144 ILE A CG1   1 
ATOM   1073 C CG2   . ILE A 1 133 ? -6.717  -16.598 -16.366 1.00 46.05  ? 144 ILE A CG2   1 
ATOM   1074 C CD1   . ILE A 1 133 ? -4.425  -14.401 -16.378 1.00 48.41  ? 144 ILE A CD1   1 
ATOM   1075 N N     . THR A 1 134 ? -7.753  -15.876 -19.451 1.00 51.70  ? 145 THR A N     1 
ATOM   1076 C CA    . THR A 1 134 ? -8.619  -16.749 -20.189 1.00 57.08  ? 145 THR A CA    1 
ATOM   1077 C C     . THR A 1 134 ? -8.148  -18.155 -19.872 1.00 62.86  ? 145 THR A C     1 
ATOM   1078 O O     . THR A 1 134 ? -7.017  -18.362 -19.421 1.00 65.64  ? 145 THR A O     1 
ATOM   1079 C CB    . THR A 1 134 ? -8.523  -16.452 -21.692 1.00 57.11  ? 145 THR A CB    1 
ATOM   1080 O OG1   . THR A 1 134 ? -7.187  -16.721 -22.140 1.00 55.13  ? 145 THR A OG1   1 
ATOM   1081 C CG2   . THR A 1 134 ? -8.880  -14.982 -21.973 1.00 53.46  ? 145 THR A CG2   1 
ATOM   1082 N N     . ASP A 1 135 ? -9.031  -19.114 -20.104 1.00 71.40  ? 146 ASP A N     1 
ATOM   1083 C CA    . ASP A 1 135 ? -8.783  -20.519 -19.789 1.00 74.72  ? 146 ASP A CA    1 
ATOM   1084 C C     . ASP A 1 135 ? -7.650  -21.037 -20.665 1.00 84.81  ? 146 ASP A C     1 
ATOM   1085 O O     . ASP A 1 135 ? -7.573  -20.680 -21.848 1.00 92.80  ? 146 ASP A O     1 
ATOM   1086 C CB    . ASP A 1 135 ? -10.063 -21.315 -20.050 1.00 71.83  ? 146 ASP A CB    1 
ATOM   1087 C CG    . ASP A 1 135 ? -10.045 -22.678 -19.436 1.00 68.00  ? 146 ASP A CG    1 
ATOM   1088 O OD1   . ASP A 1 135 ? -9.957  -22.757 -18.198 1.00 70.46  ? 146 ASP A OD1   1 
ATOM   1089 O OD2   . ASP A 1 135 ? -10.155 -23.667 -20.182 1.00 66.72  ? 146 ASP A OD2   1 
ATOM   1090 N N     . ARG A 1 136 ? -6.761  -21.846 -20.089 1.00 94.26  ? 147 ARG A N     1 
ATOM   1091 C CA    . ARG A 1 136 ? -5.714  -22.499 -20.876 1.00 101.55 ? 147 ARG A CA    1 
ATOM   1092 C C     . ARG A 1 136 ? -6.393  -23.461 -21.865 1.00 104.13 ? 147 ARG A C     1 
ATOM   1093 O O     . ARG A 1 136 ? -7.028  -24.432 -21.449 1.00 99.09  ? 147 ARG A O     1 
ATOM   1094 C CB    . ARG A 1 136 ? -4.701  -23.229 -19.969 1.00 106.14 ? 147 ARG A CB    1 
ATOM   1095 C CG    . ARG A 1 136 ? -3.527  -23.906 -20.690 1.00 110.62 ? 147 ARG A CG    1 
ATOM   1096 C CD    . ARG A 1 136 ? -2.582  -22.922 -21.379 1.00 111.05 ? 147 ARG A CD    1 
ATOM   1097 N NE    . ARG A 1 136 ? -1.683  -23.574 -22.345 1.00 112.28 ? 147 ARG A NE    1 
ATOM   1098 C CZ    . ARG A 1 136 ? -1.941  -23.799 -23.641 1.00 112.27 ? 147 ARG A CZ    1 
ATOM   1099 N NH1   . ARG A 1 136 ? -1.021  -24.400 -24.395 1.00 117.48 ? 147 ARG A NH1   1 
ATOM   1100 N NH2   . ARG A 1 136 ? -3.096  -23.440 -24.206 1.00 108.88 ? 147 ARG A NH2   1 
ATOM   1101 N N     . GLN A 1 137 ? -6.308  -23.130 -23.161 1.00 108.38 ? 148 GLN A N     1 
ATOM   1102 C CA    . GLN A 1 137 ? -6.754  -23.990 -24.285 1.00 108.72 ? 148 GLN A CA    1 
ATOM   1103 C C     . GLN A 1 137 ? -8.255  -23.915 -24.648 1.00 106.76 ? 148 GLN A C     1 
ATOM   1104 O O     . GLN A 1 137 ? -8.661  -24.535 -25.632 1.00 104.10 ? 148 GLN A O     1 
ATOM   1105 C CB    . GLN A 1 137 ? -6.313  -25.452 -24.071 1.00 112.88 ? 148 GLN A CB    1 
ATOM   1106 C CG    . GLN A 1 137 ? -6.007  -26.246 -25.337 1.00 110.48 ? 148 GLN A CG    1 
ATOM   1107 C CD    . GLN A 1 137 ? -5.292  -27.560 -25.045 1.00 107.81 ? 148 GLN A CD    1 
ATOM   1108 O OE1   . GLN A 1 137 ? -5.081  -27.932 -23.883 1.00 100.23 ? 148 GLN A OE1   1 
ATOM   1109 N NE2   . GLN A 1 137 ? -4.907  -28.266 -26.103 1.00 107.94 ? 148 GLN A NE2   1 
ATOM   1110 N N     . SER A 1 138 ? -9.066  -23.185 -23.869 1.00 105.73 ? 149 SER A N     1 
ATOM   1111 C CA    . SER A 1 138 ? -10.446 -22.824 -24.268 1.00 103.66 ? 149 SER A CA    1 
ATOM   1112 C C     . SER A 1 138 ? -10.556 -21.382 -24.785 1.00 101.44 ? 149 SER A C     1 
ATOM   1113 O O     . SER A 1 138 ? -11.279 -21.129 -25.760 1.00 100.50 ? 149 SER A O     1 
ATOM   1114 C CB    . SER A 1 138 ? -11.440 -23.002 -23.108 1.00 98.72  ? 149 SER A CB    1 
ATOM   1115 O OG    . SER A 1 138 ? -11.352 -24.283 -22.529 1.00 96.80  ? 149 SER A OG    1 
ATOM   1116 N N     . GLY A 1 139 ? -9.864  -20.448 -24.122 1.00 95.95  ? 150 GLY A N     1 
ATOM   1117 C CA    . GLY A 1 139 ? -10.066 -19.006 -24.348 1.00 97.44  ? 150 GLY A CA    1 
ATOM   1118 C C     . GLY A 1 139 ? -11.277 -18.423 -23.617 1.00 94.94  ? 150 GLY A C     1 
ATOM   1119 O O     . GLY A 1 139 ? -11.547 -17.225 -23.725 1.00 90.31  ? 150 GLY A O     1 
ATOM   1120 N N     . LYS A 1 140 ? -12.001 -19.281 -22.888 1.00 92.05  ? 151 LYS A N     1 
ATOM   1121 C CA    . LYS A 1 140 ? -13.100 -18.912 -21.987 1.00 86.03  ? 151 LYS A CA    1 
ATOM   1122 C C     . LYS A 1 140 ? -12.570 -17.990 -20.869 1.00 78.37  ? 151 LYS A C     1 
ATOM   1123 O O     . LYS A 1 140 ? -11.576 -18.325 -20.212 1.00 72.06  ? 151 LYS A O     1 
ATOM   1124 C CB    . LYS A 1 140 ? -13.743 -20.214 -21.432 1.00 86.15  ? 151 LYS A CB    1 
ATOM   1125 C CG    . LYS A 1 140 ? -14.370 -20.181 -20.040 1.00 88.42  ? 151 LYS A CG    1 
ATOM   1126 C CD    . LYS A 1 140 ? -15.584 -19.263 -19.930 1.00 90.49  ? 151 LYS A CD    1 
ATOM   1127 C CE    . LYS A 1 140 ? -16.243 -19.378 -18.554 1.00 90.72  ? 151 LYS A CE    1 
ATOM   1128 N NZ    . LYS A 1 140 ? -17.341 -20.387 -18.487 1.00 89.24  ? 151 LYS A NZ    1 
ATOM   1129 N N     . LYS A 1 141 ? -13.216 -16.837 -20.665 1.00 68.84  ? 152 LYS A N     1 
ATOM   1130 C CA    . LYS A 1 141 ? -12.768 -15.875 -19.639 1.00 62.26  ? 152 LYS A CA    1 
ATOM   1131 C C     . LYS A 1 141 ? -13.061 -16.433 -18.248 1.00 56.75  ? 152 LYS A C     1 
ATOM   1132 O O     . LYS A 1 141 ? -14.108 -17.017 -18.025 1.00 52.33  ? 152 LYS A O     1 
ATOM   1133 C CB    . LYS A 1 141 ? -13.395 -14.488 -19.831 1.00 58.43  ? 152 LYS A CB    1 
ATOM   1134 C CG    . LYS A 1 141 ? -13.147 -13.899 -21.214 1.00 60.58  ? 152 LYS A CG    1 
ATOM   1135 C CD    . LYS A 1 141 ? -13.095 -12.370 -21.234 1.00 63.48  ? 152 LYS A CD    1 
ATOM   1136 C CE    . LYS A 1 141 ? -13.541 -11.785 -22.576 1.00 67.16  ? 152 LYS A CE    1 
ATOM   1137 N NZ    . LYS A 1 141 ? -12.954 -12.477 -23.769 1.00 69.29  ? 152 LYS A NZ    1 
ATOM   1138 N N     . ARG A 1 142 ? -12.116 -16.259 -17.330 1.00 58.09  ? 153 ARG A N     1 
ATOM   1139 C CA    . ARG A 1 142 ? -12.133 -16.946 -16.025 1.00 59.77  ? 153 ARG A CA    1 
ATOM   1140 C C     . ARG A 1 142 ? -12.674 -16.122 -14.820 1.00 54.36  ? 153 ARG A C     1 
ATOM   1141 O O     . ARG A 1 142 ? -12.783 -16.647 -13.701 1.00 43.67  ? 153 ARG A O     1 
ATOM   1142 C CB    . ARG A 1 142 ? -10.726 -17.493 -15.736 1.00 65.34  ? 153 ARG A CB    1 
ATOM   1143 C CG    . ARG A 1 142 ? -10.359 -18.685 -16.623 1.00 69.55  ? 153 ARG A CG    1 
ATOM   1144 C CD    . ARG A 1 142 ? -9.165  -19.471 -16.102 1.00 74.76  ? 153 ARG A CD    1 
ATOM   1145 N NE    . ARG A 1 142 ? -9.335  -19.924 -14.715 1.00 79.62  ? 153 ARG A NE    1 
ATOM   1146 C CZ    . ARG A 1 142 ? -8.356  -20.385 -13.928 1.00 85.50  ? 153 ARG A CZ    1 
ATOM   1147 N NH1   . ARG A 1 142 ? -7.095  -20.474 -14.362 1.00 94.00  ? 153 ARG A NH1   1 
ATOM   1148 N NH2   . ARG A 1 142 ? -8.636  -20.764 -12.684 1.00 81.13  ? 153 ARG A NH2   1 
ATOM   1149 N N     . GLY A 1 143 ? -13.027 -14.854 -15.066 1.00 53.14  ? 154 GLY A N     1 
ATOM   1150 C CA    . GLY A 1 143 ? -13.586 -13.965 -14.034 1.00 50.17  ? 154 GLY A CA    1 
ATOM   1151 C C     . GLY A 1 143 ? -12.575 -13.094 -13.291 1.00 45.57  ? 154 GLY A C     1 
ATOM   1152 O O     . GLY A 1 143 ? -12.903 -12.522 -12.246 1.00 40.63  ? 154 GLY A O     1 
ATOM   1153 N N     . PHE A 1 144 ? -11.347 -13.003 -13.812 1.00 42.78  ? 155 PHE A N     1 
ATOM   1154 C CA    . PHE A 1 144 ? -10.281 -12.318 -13.092 1.00 39.85  ? 155 PHE A CA    1 
ATOM   1155 C C     . PHE A 1 144 ? -9.082  -12.011 -13.971 1.00 41.35  ? 155 PHE A C     1 
ATOM   1156 O O     . PHE A 1 144 ? -8.903  -12.644 -15.011 1.00 43.95  ? 155 PHE A O     1 
ATOM   1157 C CB    . PHE A 1 144 ? -9.839  -13.087 -11.825 1.00 37.42  ? 155 PHE A CB    1 
ATOM   1158 C CG    . PHE A 1 144 ? -9.076  -14.353 -12.097 1.00 33.69  ? 155 PHE A CG    1 
ATOM   1159 C CD1   . PHE A 1 144 ? -9.744  -15.544 -12.294 1.00 32.48  ? 155 PHE A CD1   1 
ATOM   1160 C CD2   . PHE A 1 144 ? -7.689  -14.352 -12.103 1.00 32.14  ? 155 PHE A CD2   1 
ATOM   1161 C CE1   . PHE A 1 144 ? -9.057  -16.710 -12.526 1.00 32.85  ? 155 PHE A CE1   1 
ATOM   1162 C CE2   . PHE A 1 144 ? -6.987  -15.508 -12.332 1.00 31.90  ? 155 PHE A CE2   1 
ATOM   1163 C CZ    . PHE A 1 144 ? -7.669  -16.693 -12.548 1.00 33.47  ? 155 PHE A CZ    1 
ATOM   1164 N N     . GLY A 1 145 ? -8.299  -11.021 -13.521 1.00 39.85  ? 156 GLY A N     1 
ATOM   1165 C CA    . GLY A 1 145 ? -7.049  -10.614 -14.132 1.00 38.46  ? 156 GLY A CA    1 
ATOM   1166 C C     . GLY A 1 145 ? -6.119  -9.925  -13.134 1.00 38.19  ? 156 GLY A C     1 
ATOM   1167 O O     . GLY A 1 145 ? -6.399  -9.833  -11.940 1.00 39.13  ? 156 GLY A O     1 
ATOM   1168 N N     . PHE A 1 146 ? -4.996  -9.445  -13.658 1.00 38.96  ? 157 PHE A N     1 
ATOM   1169 C CA    . PHE A 1 146 ? -3.890  -8.892  -12.887 1.00 36.97  ? 157 PHE A CA    1 
ATOM   1170 C C     . PHE A 1 146 ? -3.519  -7.558  -13.478 1.00 36.60  ? 157 PHE A C     1 
ATOM   1171 O O     . PHE A 1 146 ? -3.326  -7.471  -14.691 1.00 36.58  ? 157 PHE A O     1 
ATOM   1172 C CB    . PHE A 1 146 ? -2.683  -9.822  -12.943 1.00 36.68  ? 157 PHE A CB    1 
ATOM   1173 C CG    . PHE A 1 146 ? -2.948  -11.168 -12.337 1.00 39.70  ? 157 PHE A CG    1 
ATOM   1174 C CD1   . PHE A 1 146 ? -2.911  -11.341 -10.951 1.00 40.36  ? 157 PHE A CD1   1 
ATOM   1175 C CD2   . PHE A 1 146 ? -3.281  -12.260 -13.145 1.00 40.16  ? 157 PHE A CD2   1 
ATOM   1176 C CE1   . PHE A 1 146 ? -3.178  -12.578 -10.391 1.00 40.68  ? 157 PHE A CE1   1 
ATOM   1177 C CE2   . PHE A 1 146 ? -3.549  -13.502 -12.594 1.00 40.07  ? 157 PHE A CE2   1 
ATOM   1178 C CZ    . PHE A 1 146 ? -3.500  -13.661 -11.215 1.00 41.85  ? 157 PHE A CZ    1 
ATOM   1179 N N     . VAL A 1 147 ? -3.462  -6.526  -12.631 1.00 36.00  ? 158 VAL A N     1 
ATOM   1180 C CA    . VAL A 1 147 ? -2.943  -5.216  -13.020 1.00 36.72  ? 158 VAL A CA    1 
ATOM   1181 C C     . VAL A 1 147 ? -1.599  -5.041  -12.339 1.00 36.05  ? 158 VAL A C     1 
ATOM   1182 O O     . VAL A 1 147 ? -1.470  -5.293  -11.147 1.00 35.70  ? 158 VAL A O     1 
ATOM   1183 C CB    . VAL A 1 147 ? -3.871  -4.072  -12.606 1.00 36.92  ? 158 VAL A CB    1 
ATOM   1184 C CG1   . VAL A 1 147 ? -3.282  -2.726  -13.007 1.00 37.19  ? 158 VAL A CG1   1 
ATOM   1185 C CG2   . VAL A 1 147 ? -5.240  -4.265  -13.247 1.00 39.46  ? 158 VAL A CG2   1 
ATOM   1186 N N     . THR A 1 148 ? -0.602  -4.618  -13.108 1.00 34.91  ? 159 THR A N     1 
ATOM   1187 C CA    . THR A 1 148 ? 0.721   -4.370  -12.581 1.00 34.00  ? 159 THR A CA    1 
ATOM   1188 C C     . THR A 1 148 ? 1.077   -2.921  -12.800 1.00 33.35  ? 159 THR A C     1 
ATOM   1189 O O     . THR A 1 148 ? 1.087   -2.439  -13.932 1.00 32.97  ? 159 THR A O     1 
ATOM   1190 C CB    . THR A 1 148 ? 1.752   -5.273  -13.245 1.00 33.18  ? 159 THR A CB    1 
ATOM   1191 O OG1   . THR A 1 148 ? 1.392   -6.643  -13.002 1.00 33.71  ? 159 THR A OG1   1 
ATOM   1192 C CG2   . THR A 1 148 ? 3.142   -4.991  -12.697 1.00 33.39  ? 159 THR A CG2   1 
ATOM   1193 N N     . PHE A 1 149 ? 1.370   -2.233  -11.706 1.00 33.80  ? 160 PHE A N     1 
ATOM   1194 C CA    . PHE A 1 149 ? 1.780   -0.836  -11.760 1.00 33.95  ? 160 PHE A CA    1 
ATOM   1195 C C     . PHE A 1 149 ? 3.294   -0.774  -11.725 1.00 33.01  ? 160 PHE A C     1 
ATOM   1196 O O     . PHE A 1 149 ? 3.962   -1.777  -11.507 1.00 31.25  ? 160 PHE A O     1 
ATOM   1197 C CB    . PHE A 1 149 ? 1.192   -0.048  -10.577 1.00 34.38  ? 160 PHE A CB    1 
ATOM   1198 C CG    . PHE A 1 149 ? -0.326  -0.055  -10.517 1.00 34.72  ? 160 PHE A CG    1 
ATOM   1199 C CD1   . PHE A 1 149 ? -1.023  -1.154  -9.990  1.00 34.38  ? 160 PHE A CD1   1 
ATOM   1200 C CD2   . PHE A 1 149 ? -1.057  1.030   -10.972 1.00 33.77  ? 160 PHE A CD2   1 
ATOM   1201 C CE1   . PHE A 1 149 ? -2.412  -1.162  -9.923  1.00 32.60  ? 160 PHE A CE1   1 
ATOM   1202 C CE2   . PHE A 1 149 ? -2.447  1.026   -10.893 1.00 34.83  ? 160 PHE A CE2   1 
ATOM   1203 C CZ    . PHE A 1 149 ? -3.123  -0.069  -10.363 1.00 33.13  ? 160 PHE A CZ    1 
ATOM   1204 N N     . ASP A 1 150 ? 3.820   0.419   -11.950 1.00 35.36  ? 161 ASP A N     1 
ATOM   1205 C CA    . ASP A 1 150 ? 5.246   0.680   -11.786 1.00 38.62  ? 161 ASP A CA    1 
ATOM   1206 C C     . ASP A 1 150 ? 5.662   0.874   -10.329 1.00 38.57  ? 161 ASP A C     1 
ATOM   1207 O O     . ASP A 1 150 ? 6.858   0.948   -10.037 1.00 41.35  ? 161 ASP A O     1 
ATOM   1208 C CB    . ASP A 1 150 ? 5.711   1.868   -12.655 1.00 40.95  ? 161 ASP A CB    1 
ATOM   1209 C CG    . ASP A 1 150 ? 5.264   3.247   -12.126 1.00 43.42  ? 161 ASP A CG    1 
ATOM   1210 O OD1   . ASP A 1 150 ? 4.522   3.344   -11.109 1.00 47.32  ? 161 ASP A OD1   1 
ATOM   1211 O OD2   . ASP A 1 150 ? 5.671   4.249   -12.772 1.00 41.64  ? 161 ASP A OD2   1 
ATOM   1212 N N     . ASP A 1 151 ? 4.691   0.980   -9.426  1.00 37.66  ? 162 ASP A N     1 
ATOM   1213 C CA    . ASP A 1 151 ? 4.993   1.140   -8.012  1.00 36.30  ? 162 ASP A CA    1 
ATOM   1214 C C     . ASP A 1 151 ? 4.026   0.365   -7.119  1.00 32.49  ? 162 ASP A C     1 
ATOM   1215 O O     . ASP A 1 151 ? 2.871   0.142   -7.461  1.00 30.23  ? 162 ASP A O     1 
ATOM   1216 C CB    . ASP A 1 151 ? 5.013   2.635   -7.648  1.00 38.41  ? 162 ASP A CB    1 
ATOM   1217 C CG    . ASP A 1 151 ? 5.608   2.897   -6.259  1.00 40.32  ? 162 ASP A CG    1 
ATOM   1218 O OD1   . ASP A 1 151 ? 6.849   2.732   -6.118  1.00 42.06  ? 162 ASP A OD1   1 
ATOM   1219 O OD2   . ASP A 1 151 ? 4.828   3.245   -5.325  1.00 37.92  ? 162 ASP A OD2   1 
ATOM   1220 N N     . HIS A 1 152 ? 4.532   -0.050  -5.962  1.00 32.41  ? 163 HIS A N     1 
ATOM   1221 C CA    . HIS A 1 152 ? 3.724   -0.791  -4.992  1.00 31.20  ? 163 HIS A CA    1 
ATOM   1222 C C     . HIS A 1 152 ? 2.566   -0.001  -4.359  1.00 30.31  ? 163 HIS A C     1 
ATOM   1223 O O     . HIS A 1 152 ? 1.580   -0.599  -3.957  1.00 30.53  ? 163 HIS A O     1 
ATOM   1224 C CB    . HIS A 1 152 ? 4.608   -1.337  -3.881  1.00 30.38  ? 163 HIS A CB    1 
ATOM   1225 C CG    . HIS A 1 152 ? 5.121   -0.291  -2.934  1.00 30.45  ? 163 HIS A CG    1 
ATOM   1226 N ND1   . HIS A 1 152 ? 4.464   0.045   -1.770  1.00 30.00  ? 163 HIS A ND1   1 
ATOM   1227 C CD2   . HIS A 1 152 ? 6.233   0.484   -2.977  1.00 31.44  ? 163 HIS A CD2   1 
ATOM   1228 C CE1   . HIS A 1 152 ? 5.134   0.999   -1.148  1.00 31.08  ? 163 HIS A CE1   1 
ATOM   1229 N NE2   . HIS A 1 152 ? 6.217   1.280   -1.858  1.00 31.07  ? 163 HIS A NE2   1 
ATOM   1230 N N     . ASP A 1 153 ? 2.701   1.317   -4.236  1.00 29.19  ? 164 ASP A N     1 
ATOM   1231 C CA    . ASP A 1 153 ? 1.727   2.126   -3.472  1.00 29.32  ? 164 ASP A CA    1 
ATOM   1232 C C     . ASP A 1 153 ? 0.275   2.185   -3.999  1.00 29.09  ? 164 ASP A C     1 
ATOM   1233 O O     . ASP A 1 153 ? -0.672  2.025   -3.210  1.00 26.28  ? 164 ASP A O     1 
ATOM   1234 C CB    . ASP A 1 153 ? 2.224   3.558   -3.269  1.00 28.20  ? 164 ASP A CB    1 
ATOM   1235 C CG    . ASP A 1 153 ? 1.443   4.264   -2.198  1.00 29.09  ? 164 ASP A CG    1 
ATOM   1236 O OD1   . ASP A 1 153 ? 1.322   3.672   -1.100  1.00 28.94  ? 164 ASP A OD1   1 
ATOM   1237 O OD2   . ASP A 1 153 ? 0.909   5.369   -2.443  1.00 29.72  ? 164 ASP A OD2   1 
ATOM   1238 N N     . PRO A 1 154 ? 0.096   2.446   -5.314  1.00 30.55  ? 165 PRO A N     1 
ATOM   1239 C CA    . PRO A 1 154 ? -1.263  2.302   -5.869  1.00 31.47  ? 165 PRO A CA    1 
ATOM   1240 C C     . PRO A 1 154 ? -1.918  0.993   -5.455  1.00 30.47  ? 165 PRO A C     1 
ATOM   1241 O O     . PRO A 1 154 ? -3.078  1.008   -5.106  1.00 34.11  ? 165 PRO A O     1 
ATOM   1242 C CB    . PRO A 1 154 ? -1.052  2.340   -7.392  1.00 33.10  ? 165 PRO A CB    1 
ATOM   1243 C CG    . PRO A 1 154 ? 0.449   2.414   -7.611  1.00 32.18  ? 165 PRO A CG    1 
ATOM   1244 C CD    . PRO A 1 154 ? 1.071   2.874   -6.341  1.00 30.83  ? 165 PRO A CD    1 
ATOM   1245 N N     . VAL A 1 155 ? -1.172  -0.117  -5.439  1.00 27.46  ? 166 VAL A N     1 
ATOM   1246 C CA    . VAL A 1 155 ? -1.729  -1.407  -4.995  1.00 26.35  ? 166 VAL A CA    1 
ATOM   1247 C C     . VAL A 1 155 ? -2.198  -1.343  -3.559  1.00 26.86  ? 166 VAL A C     1 
ATOM   1248 O O     . VAL A 1 155 ? -3.331  -1.704  -3.240  1.00 27.44  ? 166 VAL A O     1 
ATOM   1249 C CB    . VAL A 1 155 ? -0.733  -2.581  -5.127  1.00 24.84  ? 166 VAL A CB    1 
ATOM   1250 C CG1   . VAL A 1 155 ? -1.262  -3.843  -4.433  1.00 24.46  ? 166 VAL A CG1   1 
ATOM   1251 C CG2   . VAL A 1 155 ? -0.436  -2.854  -6.599  1.00 24.52  ? 166 VAL A CG2   1 
ATOM   1252 N N     . ASP A 1 156 ? -1.308  -0.872  -2.698  1.00 28.04  ? 167 ASP A N     1 
ATOM   1253 C CA    . ASP A 1 156 ? -1.601  -0.792  -1.282  1.00 27.41  ? 167 ASP A CA    1 
ATOM   1254 C C     . ASP A 1 156 ? -2.800  0.117   -1.059  1.00 27.76  ? 167 ASP A C     1 
ATOM   1255 O O     . ASP A 1 156 ? -3.699  -0.227  -0.296  1.00 26.89  ? 167 ASP A O     1 
ATOM   1256 C CB    . ASP A 1 156 ? -0.398  -0.275  -0.497  1.00 27.46  ? 167 ASP A CB    1 
ATOM   1257 C CG    . ASP A 1 156 ? 0.832   -1.142  -0.660  1.00 28.23  ? 167 ASP A CG    1 
ATOM   1258 O OD1   . ASP A 1 156 ? 0.692   -2.364  -0.982  1.00 30.60  ? 167 ASP A OD1   1 
ATOM   1259 O OD2   . ASP A 1 156 ? 1.929   -0.584  -0.446  1.00 25.81  ? 167 ASP A OD2   1 
ATOM   1260 N N     . LYS A 1 157 ? -2.814  1.269   -1.722  1.00 28.64  ? 168 LYS A N     1 
ATOM   1261 C CA    . LYS A 1 157 ? -3.929  2.191   -1.569  1.00 31.08  ? 168 LYS A CA    1 
ATOM   1262 C C     . LYS A 1 157 ? -5.240  1.555   -2.069  1.00 31.24  ? 168 LYS A C     1 
ATOM   1263 O O     . LYS A 1 157 ? -6.293  1.741   -1.464  1.00 28.55  ? 168 LYS A O     1 
ATOM   1264 C CB    . LYS A 1 157 ? -3.658  3.513   -2.305  1.00 32.68  ? 168 LYS A CB    1 
ATOM   1265 C CG    . LYS A 1 157 ? -4.873  4.434   -2.391  1.00 34.08  ? 168 LYS A CG    1 
ATOM   1266 C CD    . LYS A 1 157 ? -4.496  5.822   -2.884  1.00 36.69  ? 168 LYS A CD    1 
ATOM   1267 C CE    . LYS A 1 157 ? -5.699  6.475   -3.555  1.00 39.09  ? 168 LYS A CE    1 
ATOM   1268 N NZ    . LYS A 1 157 ? -5.438  7.870   -3.990  1.00 40.99  ? 168 LYS A NZ    1 
ATOM   1269 N N     . ILE A 1 158 ? -5.154  0.814   -3.171  1.00 31.14  ? 169 ILE A N     1 
ATOM   1270 C CA    . ILE A 1 158 ? -6.317  0.215   -3.783  1.00 32.70  ? 169 ILE A CA    1 
ATOM   1271 C C     . ILE A 1 158 ? -6.898  -0.788  -2.817  1.00 33.56  ? 169 ILE A C     1 
ATOM   1272 O O     . ILE A 1 158 ? -8.085  -0.734  -2.551  1.00 33.12  ? 169 ILE A O     1 
ATOM   1273 C CB    . ILE A 1 158 ? -5.966  -0.463  -5.135  1.00 35.41  ? 169 ILE A CB    1 
ATOM   1274 C CG1   . ILE A 1 158 ? -5.872  0.589   -6.260  1.00 35.40  ? 169 ILE A CG1   1 
ATOM   1275 C CG2   . ILE A 1 158 ? -6.999  -1.523  -5.514  1.00 35.17  ? 169 ILE A CG2   1 
ATOM   1276 C CD1   . ILE A 1 158 ? -5.060  0.133   -7.461  1.00 35.87  ? 169 ILE A CD1   1 
ATOM   1277 N N     . VAL A 1 159 ? -6.050  -1.668  -2.274  1.00 34.19  ? 170 VAL A N     1 
ATOM   1278 C CA    . VAL A 1 159 ? -6.499  -2.770  -1.401  1.00 35.04  ? 170 VAL A CA    1 
ATOM   1279 C C     . VAL A 1 159 ? -7.040  -2.261  -0.034  1.00 34.46  ? 170 VAL A C     1 
ATOM   1280 O O     . VAL A 1 159 ? -7.949  -2.843  0.562   1.00 33.36  ? 170 VAL A O     1 
ATOM   1281 C CB    . VAL A 1 159 ? -5.388  -3.848  -1.241  1.00 35.83  ? 170 VAL A CB    1 
ATOM   1282 C CG1   . VAL A 1 159 ? -5.891  -5.052  -0.457  1.00 35.95  ? 170 VAL A CG1   1 
ATOM   1283 C CG2   . VAL A 1 159 ? -4.922  -4.369  -2.594  1.00 37.02  ? 170 VAL A CG2   1 
ATOM   1284 N N     . LEU A 1 160 ? -6.501  -1.146  0.423   1.00 36.54  ? 171 LEU A N     1 
ATOM   1285 C CA    . LEU A 1 160 ? -6.974  -0.452  1.631   1.00 39.18  ? 171 LEU A CA    1 
ATOM   1286 C C     . LEU A 1 160 ? -8.408  0.064   1.551   1.00 37.55  ? 171 LEU A C     1 
ATOM   1287 O O     . LEU A 1 160 ? -9.106  0.103   2.538   1.00 38.16  ? 171 LEU A O     1 
ATOM   1288 C CB    . LEU A 1 160 ? -6.061  0.738   1.902   1.00 43.49  ? 171 LEU A CB    1 
ATOM   1289 C CG    . LEU A 1 160 ? -5.800  1.073   3.353   1.00 47.05  ? 171 LEU A CG    1 
ATOM   1290 C CD1   . LEU A 1 160 ? -4.875  0.042   4.015   1.00 51.33  ? 171 LEU A CD1   1 
ATOM   1291 C CD2   . LEU A 1 160 ? -5.182  2.467   3.371   1.00 48.42  ? 171 LEU A CD2   1 
ATOM   1292 N N     . GLN A 1 161 ? -8.801  0.517   0.368   1.00 39.31  ? 172 GLN A N     1 
ATOM   1293 C CA    . GLN A 1 161 ? -10.186 0.803   0.013   1.00 38.01  ? 172 GLN A CA    1 
ATOM   1294 C C     . GLN A 1 161 ? -10.591 -0.536  -0.527  1.00 41.88  ? 172 GLN A C     1 
ATOM   1295 O O     . GLN A 1 161 ? -10.193 -0.887  -1.624  1.00 47.32  ? 172 GLN A O     1 
ATOM   1296 C CB    . GLN A 1 161 ? -10.227 1.819   -1.132  1.00 37.40  ? 172 GLN A CB    1 
ATOM   1297 C CG    . GLN A 1 161 ? -9.359  3.066   -0.971  1.00 36.69  ? 172 GLN A CG    1 
ATOM   1298 C CD    . GLN A 1 161 ? -9.220  3.877   -2.251  1.00 38.29  ? 172 GLN A CD    1 
ATOM   1299 O OE1   . GLN A 1 161 ? -9.372  3.366   -3.360  1.00 35.82  ? 172 GLN A OE1   1 
ATOM   1300 N NE2   . GLN A 1 161 ? -8.922  5.169   -2.097  1.00 42.83  ? 172 GLN A NE2   1 
ATOM   1301 N N     . LYS A 1 162 ? -11.274 -1.372  0.222   1.00 41.73  ? 173 LYS A N     1 
ATOM   1302 C CA    . LYS A 1 162 ? -11.409 -2.733  -0.286  1.00 38.08  ? 173 LYS A CA    1 
ATOM   1303 C C     . LYS A 1 162 ? -12.561 -2.865  -1.292  1.00 36.80  ? 173 LYS A C     1 
ATOM   1304 O O     . LYS A 1 162 ? -12.579 -3.824  -2.090  1.00 33.23  ? 173 LYS A O     1 
ATOM   1305 C CB    . LYS A 1 162 ? -11.474 -3.731  0.862   1.00 39.95  ? 173 LYS A CB    1 
ATOM   1306 C CG    . LYS A 1 162 ? -12.812 -3.943  1.544   1.00 41.07  ? 173 LYS A CG    1 
ATOM   1307 C CD    . LYS A 1 162 ? -12.642 -5.037  2.588   1.00 42.21  ? 173 LYS A CD    1 
ATOM   1308 C CE    . LYS A 1 162 ? -13.927 -5.422  3.294   1.00 43.88  ? 173 LYS A CE    1 
ATOM   1309 N NZ    . LYS A 1 162 ? -13.742 -6.736  3.982   1.00 46.47  ? 173 LYS A NZ    1 
ATOM   1310 N N     . TYR A 1 163 ? -13.476 -1.873  -1.272  1.00 38.38  ? 174 TYR A N     1 
ATOM   1311 C CA    . TYR A 1 163 ? -14.719 -1.854  -2.100  1.00 38.21  ? 174 TYR A CA    1 
ATOM   1312 C C     . TYR A 1 163 ? -14.483 -1.079  -3.403  1.00 38.03  ? 174 TYR A C     1 
ATOM   1313 O O     . TYR A 1 163 ? -14.249 0.132   -3.382  1.00 38.43  ? 174 TYR A O     1 
ATOM   1314 C CB    . TYR A 1 163 ? -15.923 -1.231  -1.343  1.00 36.00  ? 174 TYR A CB    1 
ATOM   1315 C CG    . TYR A 1 163 ? -16.060 -1.704  0.077   1.00 35.94  ? 174 TYR A CG    1 
ATOM   1316 C CD1   . TYR A 1 163 ? -16.663 -2.927  0.382   1.00 37.18  ? 174 TYR A CD1   1 
ATOM   1317 C CD2   . TYR A 1 163 ? -15.537 -0.953  1.118   1.00 35.83  ? 174 TYR A CD2   1 
ATOM   1318 C CE1   . TYR A 1 163 ? -16.759 -3.374  1.708   1.00 38.01  ? 174 TYR A CE1   1 
ATOM   1319 C CE2   . TYR A 1 163 ? -15.629 -1.386  2.434   1.00 37.11  ? 174 TYR A CE2   1 
ATOM   1320 C CZ    . TYR A 1 163 ? -16.235 -2.586  2.728   1.00 37.63  ? 174 TYR A CZ    1 
ATOM   1321 O OH    . TYR A 1 163 ? -16.272 -2.967  4.040   1.00 39.42  ? 174 TYR A OH    1 
ATOM   1322 N N     . HIS A 1 164 ? -14.524 -1.802  -4.519  1.00 37.55  ? 175 HIS A N     1 
ATOM   1323 C CA    . HIS A 1 164 ? -14.341 -1.244  -5.850  1.00 39.76  ? 175 HIS A CA    1 
ATOM   1324 C C     . HIS A 1 164 ? -15.390 -1.870  -6.767  1.00 40.95  ? 175 HIS A C     1 
ATOM   1325 O O     . HIS A 1 164 ? -15.594 -3.086  -6.747  1.00 40.84  ? 175 HIS A O     1 
ATOM   1326 C CB    . HIS A 1 164 ? -12.957 -1.586  -6.388  1.00 39.64  ? 175 HIS A CB    1 
ATOM   1327 C CG    . HIS A 1 164 ? -11.836 -1.061  -5.552  1.00 40.62  ? 175 HIS A CG    1 
ATOM   1328 N ND1   . HIS A 1 164 ? -11.183 0.122   -5.832  1.00 41.40  ? 175 HIS A ND1   1 
ATOM   1329 C CD2   . HIS A 1 164 ? -11.234 -1.568  -4.453  1.00 39.28  ? 175 HIS A CD2   1 
ATOM   1330 C CE1   . HIS A 1 164 ? -10.239 0.327   -4.932  1.00 38.57  ? 175 HIS A CE1   1 
ATOM   1331 N NE2   . HIS A 1 164 ? -10.240 -0.691  -4.093  1.00 37.56  ? 175 HIS A NE2   1 
ATOM   1332 N N     . THR A 1 165 ? -16.055 -1.053  -7.563  1.00 40.19  ? 176 THR A N     1 
ATOM   1333 C CA    . THR A 1 165 ? -17.081 -1.568  -8.450  1.00 41.20  ? 176 THR A CA    1 
ATOM   1334 C C     . THR A 1 165 ? -16.573 -1.394  -9.858  1.00 41.33  ? 176 THR A C     1 
ATOM   1335 O O     . THR A 1 165 ? -16.226 -0.280  -10.252 1.00 48.28  ? 176 THR A O     1 
ATOM   1336 C CB    . THR A 1 165 ? -18.408 -0.819  -8.245  1.00 40.96  ? 176 THR A CB    1 
ATOM   1337 O OG1   . THR A 1 165 ? -18.811 -0.947  -6.866  1.00 40.17  ? 176 THR A OG1   1 
ATOM   1338 C CG2   . THR A 1 165 ? -19.485 -1.369  -9.167  1.00 39.02  ? 176 THR A CG2   1 
ATOM   1339 N N     . ILE A 1 166 ? -16.497 -2.486  -10.611 1.00 39.64  ? 177 ILE A N     1 
ATOM   1340 C CA    . ILE A 1 166 ? -15.909 -2.433  -11.939 1.00 39.09  ? 177 ILE A CA    1 
ATOM   1341 C C     . ILE A 1 166 ? -16.784 -3.133  -12.969 1.00 39.87  ? 177 ILE A C     1 
ATOM   1342 O O     . ILE A 1 166 ? -17.063 -4.347  -12.850 1.00 35.93  ? 177 ILE A O     1 
ATOM   1343 C CB    . ILE A 1 166 ? -14.502 -3.067  -11.973 1.00 38.59  ? 177 ILE A CB    1 
ATOM   1344 C CG1   . ILE A 1 166 ? -13.594 -2.440  -10.894 1.00 37.44  ? 177 ILE A CG1   1 
ATOM   1345 C CG2   . ILE A 1 166 ? -13.913 -2.966  -13.393 1.00 38.06  ? 177 ILE A CG2   1 
ATOM   1346 C CD1   . ILE A 1 166 ? -12.216 -3.068  -10.774 1.00 36.48  ? 177 ILE A CD1   1 
ATOM   1347 N N     . ASN A 1 167 ? -17.169 -2.366  -14.000 1.00 41.14  ? 178 ASN A N     1 
ATOM   1348 C CA    . ASN A 1 167 ? -17.996 -2.861  -15.108 1.00 40.28  ? 178 ASN A CA    1 
ATOM   1349 C C     . ASN A 1 167 ? -19.292 -3.442  -14.538 1.00 37.03  ? 178 ASN A C     1 
ATOM   1350 O O     . ASN A 1 167 ? -19.788 -4.466  -14.987 1.00 34.33  ? 178 ASN A O     1 
ATOM   1351 C CB    . ASN A 1 167 ? -17.204 -3.912  -15.911 1.00 42.09  ? 178 ASN A CB    1 
ATOM   1352 C CG    . ASN A 1 167 ? -17.848 -4.268  -17.232 1.00 40.79  ? 178 ASN A CG    1 
ATOM   1353 O OD1   . ASN A 1 167 ? -18.672 -3.526  -17.752 1.00 39.72  ? 178 ASN A OD1   1 
ATOM   1354 N ND2   . ASN A 1 167 ? -17.469 -5.421  -17.781 1.00 40.17  ? 178 ASN A ND2   1 
ATOM   1355 N N     . GLY A 1 168 ? -19.797 -2.776  -13.501 1.00 38.02  ? 179 GLY A N     1 
ATOM   1356 C CA    . GLY A 1 168 ? -20.947 -3.228  -12.756 1.00 38.49  ? 179 GLY A CA    1 
ATOM   1357 C C     . GLY A 1 168 ? -20.710 -4.275  -11.688 1.00 39.63  ? 179 GLY A C     1 
ATOM   1358 O O     . GLY A 1 168 ? -21.615 -4.543  -10.925 1.00 40.53  ? 179 GLY A O     1 
ATOM   1359 N N     . HIS A 1 169 ? -19.524 -4.878  -11.623 1.00 44.42  ? 180 HIS A N     1 
ATOM   1360 C CA    . HIS A 1 169 ? -19.263 -6.006  -10.720 1.00 46.53  ? 180 HIS A CA    1 
ATOM   1361 C C     . HIS A 1 169 ? -18.560 -5.589  -9.417  1.00 46.56  ? 180 HIS A C     1 
ATOM   1362 O O     . HIS A 1 169 ? -17.748 -4.653  -9.418  1.00 45.88  ? 180 HIS A O     1 
ATOM   1363 C CB    . HIS A 1 169 ? -18.402 -7.066  -11.419 1.00 47.78  ? 180 HIS A CB    1 
ATOM   1364 C CG    . HIS A 1 169 ? -18.955 -7.552  -12.727 1.00 49.73  ? 180 HIS A CG    1 
ATOM   1365 N ND1   . HIS A 1 169 ? -20.222 -8.080  -12.862 1.00 49.93  ? 180 HIS A ND1   1 
ATOM   1366 C CD2   . HIS A 1 169 ? -18.389 -7.619  -13.956 1.00 51.39  ? 180 HIS A CD2   1 
ATOM   1367 C CE1   . HIS A 1 169 ? -20.421 -8.429  -14.120 1.00 48.87  ? 180 HIS A CE1   1 
ATOM   1368 N NE2   . HIS A 1 169 ? -19.325 -8.156  -14.806 1.00 48.95  ? 180 HIS A NE2   1 
ATOM   1369 N N     . ASN A 1 170 ? -18.862 -6.305  -8.325  1.00 44.81  ? 181 ASN A N     1 
ATOM   1370 C CA    . ASN A 1 170 ? -18.068 -6.208  -7.089  1.00 44.60  ? 181 ASN A CA    1 
ATOM   1371 C C     . ASN A 1 170 ? -16.771 -6.960  -7.209  1.00 41.94  ? 181 ASN A C     1 
ATOM   1372 O O     . ASN A 1 170 ? -16.746 -8.186  -7.134  1.00 39.38  ? 181 ASN A O     1 
ATOM   1373 C CB    . ASN A 1 170 ? -18.828 -6.731  -5.885  1.00 45.63  ? 181 ASN A CB    1 
ATOM   1374 C CG    . ASN A 1 170 ? -20.039 -5.894  -5.578  1.00 50.42  ? 181 ASN A CG    1 
ATOM   1375 O OD1   . ASN A 1 170 ? -21.159 -6.405  -5.489  1.00 50.52  ? 181 ASN A OD1   1 
ATOM   1376 N ND2   . ASN A 1 170 ? -19.830 -4.581  -5.440  1.00 53.79  ? 181 ASN A ND2   1 
ATOM   1377 N N     . ALA A 1 171 ? -15.703 -6.226  -7.368  1.00 42.94  ? 182 ALA A N     1 
ATOM   1378 C CA    . ALA A 1 171 ? -14.415 -6.802  -7.511  1.00 41.57  ? 182 ALA A CA    1 
ATOM   1379 C C     . ALA A 1 171 ? -13.675 -7.085  -6.221  1.00 43.03  ? 182 ALA A C     1 
ATOM   1380 O O     . ALA A 1 171 ? -13.633 -6.283  -5.334  1.00 43.37  ? 182 ALA A O     1 
ATOM   1381 C CB    . ALA A 1 171 ? -13.597 -5.898  -8.381  1.00 39.62  ? 182 ALA A CB    1 
ATOM   1382 N N     . GLU A 1 172 ? -13.052 -8.228  -6.198  1.00 43.62  ? 183 GLU A N     1 
ATOM   1383 C CA    . GLU A 1 172 ? -12.203 -8.690  -5.170  1.00 52.08  ? 183 GLU A CA    1 
ATOM   1384 C C     . GLU A 1 172 ? -10.844 -8.138  -5.558  1.00 48.40  ? 183 GLU A C     1 
ATOM   1385 O O     . GLU A 1 172 ? -10.339 -8.514  -6.564  1.00 45.22  ? 183 GLU A O     1 
ATOM   1386 C CB    . GLU A 1 172 ? -12.110 -10.180 -5.392  1.00 61.31  ? 183 GLU A CB    1 
ATOM   1387 C CG    . GLU A 1 172 ? -12.367 -11.149 -4.277  1.00 68.00  ? 183 GLU A CG    1 
ATOM   1388 C CD    . GLU A 1 172 ? -12.177 -12.567 -4.781  1.00 73.83  ? 183 GLU A CD    1 
ATOM   1389 O OE1   . GLU A 1 172 ? -12.624 -12.847 -5.908  1.00 79.45  ? 183 GLU A OE1   1 
ATOM   1390 O OE2   . GLU A 1 172 ? -11.581 -13.395 -4.055  1.00 72.30  ? 183 GLU A OE2   1 
ATOM   1391 N N     . VAL A 1 173 ? -10.235 -7.249  -4.800  1.00 46.60  ? 184 VAL A N     1 
ATOM   1392 C CA    . VAL A 1 173 ? -8.930  -6.791  -5.189  1.00 45.04  ? 184 VAL A CA    1 
ATOM   1393 C C     . VAL A 1 173 ? -7.964  -7.078  -4.075  1.00 42.66  ? 184 VAL A C     1 
ATOM   1394 O O     . VAL A 1 173 ? -8.107  -6.587  -3.001  1.00 42.55  ? 184 VAL A O     1 
ATOM   1395 C CB    . VAL A 1 173 ? -8.897  -5.286  -5.501  1.00 45.24  ? 184 VAL A CB    1 
ATOM   1396 C CG1   . VAL A 1 173 ? -9.616  -4.957  -6.773  1.00 45.53  ? 184 VAL A CG1   1 
ATOM   1397 C CG2   . VAL A 1 173 ? -9.426  -4.483  -4.353  1.00 44.92  ? 184 VAL A CG2   1 
ATOM   1398 N N     . ARG A 1 174 ? -6.976  -7.888  -4.357  1.00 41.88  ? 185 ARG A N     1 
ATOM   1399 C CA    . ARG A 1 174 ? -5.938  -8.188  -3.376  1.00 44.08  ? 185 ARG A CA    1 
ATOM   1400 C C     . ARG A 1 174 ? -4.557  -8.016  -4.013  1.00 39.64  ? 185 ARG A C     1 
ATOM   1401 O O     . ARG A 1 174 ? -4.458  -7.662  -5.182  1.00 36.55  ? 185 ARG A O     1 
ATOM   1402 C CB    . ARG A 1 174 ? -6.147  -9.600  -2.813  1.00 50.15  ? 185 ARG A CB    1 
ATOM   1403 C CG    . ARG A 1 174 ? -7.611  -9.924  -2.488  1.00 55.36  ? 185 ARG A CG    1 
ATOM   1404 C CD    . ARG A 1 174 ? -7.815  -10.791 -1.251  1.00 61.98  ? 185 ARG A CD    1 
ATOM   1405 N NE    . ARG A 1 174 ? -9.091  -11.499 -1.373  1.00 68.26  ? 185 ARG A NE    1 
ATOM   1406 C CZ    . ARG A 1 174 ? -9.251  -12.781 -1.728  1.00 71.57  ? 185 ARG A CZ    1 
ATOM   1407 N NH1   . ARG A 1 174 ? -8.215  -13.588 -1.962  1.00 70.70  ? 185 ARG A NH1   1 
ATOM   1408 N NH2   . ARG A 1 174 ? -10.480 -13.276 -1.835  1.00 73.79  ? 185 ARG A NH2   1 
ATOM   1409 N N     . LYS A 1 175 ? -3.493  -8.221  -3.246  1.00 37.56  ? 186 LYS A N     1 
ATOM   1410 C CA    . LYS A 1 175 ? -2.148  -8.266  -3.829  1.00 37.08  ? 186 LYS A CA    1 
ATOM   1411 C C     . LYS A 1 175 ? -2.011  -9.623  -4.529  1.00 35.13  ? 186 LYS A C     1 
ATOM   1412 O O     . LYS A 1 175 ? -2.621  -10.617 -4.086  1.00 32.26  ? 186 LYS A O     1 
ATOM   1413 C CB    . LYS A 1 175 ? -1.051  -8.100  -2.770  1.00 39.35  ? 186 LYS A CB    1 
ATOM   1414 C CG    . LYS A 1 175 ? -1.153  -6.836  -1.919  1.00 42.20  ? 186 LYS A CG    1 
ATOM   1415 C CD    . LYS A 1 175 ? 0.000   -6.715  -0.918  1.00 41.27  ? 186 LYS A CD    1 
ATOM   1416 C CE    . LYS A 1 175 ? -0.179  -7.578  0.320   1.00 42.89  ? 186 LYS A CE    1 
ATOM   1417 N NZ    . LYS A 1 175 ? 1.028   -7.409  1.184   1.00 43.76  ? 186 LYS A NZ    1 
ATOM   1418 N N     . ALA A 1 176 ? -1.247  -9.648  -5.632  1.00 33.15  ? 187 ALA A N     1 
ATOM   1419 C CA    . ALA A 1 176 ? -0.965  -10.880 -6.369  1.00 32.71  ? 187 ALA A CA    1 
ATOM   1420 C C     . ALA A 1 176 ? 0.362   -11.445 -5.873  1.00 36.38  ? 187 ALA A C     1 
ATOM   1421 O O     . ALA A 1 176 ? 1.437   -11.140 -6.402  1.00 37.49  ? 187 ALA A O     1 
ATOM   1422 C CB    . ALA A 1 176 ? -0.919  -10.624 -7.861  1.00 33.16  ? 187 ALA A CB    1 
ATOM   1423 N N     . LEU A 1 177 ? 0.290   -12.286 -4.873  1.00 38.43  ? 188 LEU A N     1 
ATOM   1424 C CA    . LEU A 1 177 ? 1.460   -12.852 -4.307  1.00 39.73  ? 188 LEU A CA    1 
ATOM   1425 C C     . LEU A 1 177 ? 1.657   -14.252 -4.740  1.00 40.44  ? 188 LEU A C     1 
ATOM   1426 O O     . LEU A 1 177 ? 0.717   -14.973 -4.900  1.00 37.08  ? 188 LEU A O     1 
ATOM   1427 C CB    . LEU A 1 177 ? 1.371   -12.846 -2.788  1.00 38.38  ? 188 LEU A CB    1 
ATOM   1428 C CG    . LEU A 1 177 ? 1.064   -11.577 -2.021  1.00 38.56  ? 188 LEU A CG    1 
ATOM   1429 C CD1   . LEU A 1 177 ? 0.747   -11.893 -0.589  1.00 38.73  ? 188 LEU A CD1   1 
ATOM   1430 C CD2   . LEU A 1 177 ? 2.130   -10.525 -2.115  1.00 37.14  ? 188 LEU A CD2   1 
ATOM   1431 N N     . SER A 1 178 ? 2.914   -14.619 -4.906  1.00 41.03  ? 189 SER A N     1 
ATOM   1432 C CA    . SER A 1 178 ? 3.293   -15.949 -5.245  1.00 42.84  ? 189 SER A CA    1 
ATOM   1433 C C     . SER A 1 178 ? 3.311   -16.563 -3.894  1.00 43.75  ? 189 SER A C     1 
ATOM   1434 O O     . SER A 1 178 ? 2.753   -16.023 -3.000  1.00 40.11  ? 189 SER A O     1 
ATOM   1435 C CB    . SER A 1 178 ? 4.685   -15.964 -5.846  1.00 42.99  ? 189 SER A CB    1 
ATOM   1436 O OG    . SER A 1 178 ? 5.689   -15.814 -4.882  1.00 41.11  ? 189 SER A OG    1 
ATOM   1437 N N     . ARG A 1 179 ? 3.982   -17.676 -3.739  1.00 52.03  ? 190 ARG A N     1 
ATOM   1438 C CA    . ARG A 1 179 ? 4.093   -18.289 -2.436  1.00 60.12  ? 190 ARG A CA    1 
ATOM   1439 C C     . ARG A 1 179 ? 5.193   -17.603 -1.627  1.00 59.68  ? 190 ARG A C     1 
ATOM   1440 O O     . ARG A 1 179 ? 5.883   -18.213 -0.870  1.00 57.11  ? 190 ARG A O     1 
ATOM   1441 C CB    . ARG A 1 179 ? 4.218   -19.781 -2.558  1.00 65.63  ? 190 ARG A CB    1 
ATOM   1442 C CG    . ARG A 1 179 ? 3.019   -20.322 -3.312  1.00 70.38  ? 190 ARG A CG    1 
ATOM   1443 C CD    . ARG A 1 179 ? 3.078   -21.801 -3.606  1.00 76.04  ? 190 ARG A CD    1 
ATOM   1444 N NE    . ARG A 1 179 ? 3.747   -22.535 -2.551  1.00 81.15  ? 190 ARG A NE    1 
ATOM   1445 C CZ    . ARG A 1 179 ? 4.248   -23.746 -2.695  1.00 77.03  ? 190 ARG A CZ    1 
ATOM   1446 N NH1   . ARG A 1 179 ? 4.857   -24.324 -1.680  1.00 73.68  ? 190 ARG A NH1   1 
ATOM   1447 N NH2   . ARG A 1 179 ? 4.138   -24.351 -3.857  1.00 75.38  ? 190 ARG A NH2   1 
ATOM   1448 N N     . GLN A 1 180 ? 5.289   -16.282 -1.827  1.00 62.16  ? 191 GLN A N     1 
ATOM   1449 C CA    . GLN A 1 180 ? 6.193   -15.391 -1.126  1.00 55.50  ? 191 GLN A CA    1 
ATOM   1450 C C     . GLN A 1 180 ? 5.430   -15.108 0.127   1.00 56.14  ? 191 GLN A C     1 
ATOM   1451 O O     . GLN A 1 180 ? 5.928   -14.600 1.094   1.00 60.15  ? 191 GLN A O     1 
ATOM   1452 C CB    . GLN A 1 180 ? 6.564   -14.148 -1.930  1.00 52.21  ? 191 GLN A CB    1 
ATOM   1453 C CG    . GLN A 1 180 ? 5.475   -13.174 -2.318  1.00 49.30  ? 191 GLN A CG    1 
ATOM   1454 C CD    . GLN A 1 180 ? 5.788   -12.414 -3.604  1.00 47.70  ? 191 GLN A CD    1 
ATOM   1455 O OE1   . GLN A 1 180 ? 5.051   -12.502 -4.552  1.00 44.55  ? 191 GLN A OE1   1 
ATOM   1456 N NE2   . GLN A 1 180 ? 6.859   -11.654 -3.621  1.00 42.45  ? 191 GLN A NE2   1 
ATOM   1457 N N     . GLU A 1 181 ? 4.177   -15.465 0.103   1.00 53.31  ? 192 GLU A N     1 
ATOM   1458 C CA    . GLU A 1 181 ? 3.396   -15.444 1.330   1.00 54.93  ? 192 GLU A CA    1 
ATOM   1459 C C     . GLU A 1 181 ? 3.723   -16.583 2.308   1.00 59.80  ? 192 GLU A C     1 
ATOM   1460 O O     . GLU A 1 181 ? 2.988   -16.810 3.274   1.00 56.48  ? 192 GLU A O     1 
ATOM   1461 C CB    . GLU A 1 181 ? 1.900   -15.393 1.013   1.00 55.03  ? 192 GLU A CB    1 
ATOM   1462 C CG    . GLU A 1 181 ? 1.285   -16.557 0.267   1.00 50.68  ? 192 GLU A CG    1 
ATOM   1463 C CD    . GLU A 1 181 ? -0.102  -16.196 -0.224  1.00 52.29  ? 192 GLU A CD    1 
ATOM   1464 O OE1   . GLU A 1 181 ? -0.860  -15.527 0.517   1.00 53.91  ? 192 GLU A OE1   1 
ATOM   1465 O OE2   . GLU A 1 181 ? -0.444  -16.569 -1.358  1.00 55.58  ? 192 GLU A OE2   1 
ATOM   1466 N N     . MET A 1 182 ? 4.837   -17.277 2.083   1.00 71.98  ? 193 MET A N     1 
ATOM   1467 C CA    . MET A 1 182 ? 5.294   -18.301 3.000   1.00 80.08  ? 193 MET A CA    1 
ATOM   1468 C C     . MET A 1 182 ? 6.314   -17.638 3.905   1.00 80.98  ? 193 MET A C     1 
ATOM   1469 O O     . MET A 1 182 ? 7.427   -17.337 3.487   1.00 86.55  ? 193 MET A O     1 
ATOM   1470 C CB    . MET A 1 182 ? 5.879   -19.506 2.232   1.00 85.16  ? 193 MET A CB    1 
ATOM   1471 C CG    . MET A 1 182 ? 5.490   -20.867 2.801   1.00 90.47  ? 193 MET A CG    1 
ATOM   1472 S SD    . MET A 1 182 ? 3.703   -21.209 2.838   1.00 103.61 ? 193 MET A SD    1 
ATOM   1473 C CE    . MET A 1 182 ? 3.244   -21.279 1.104   1.00 100.50 ? 193 MET A CE    1 
ATOM   1474 N N     . GLN A 1 183 ? 5.885   -17.341 5.126   1.00 81.99  ? 194 GLN A N     1 
ATOM   1475 C CA    . GLN A 1 183 ? 6.795   -17.011 6.226   1.00 89.58  ? 194 GLN A CA    1 
ATOM   1476 C C     . GLN A 1 183 ? 6.144   -17.397 7.559   1.00 88.16  ? 194 GLN A C     1 
ATOM   1477 O O     . GLN A 1 183 ? 4.940   -17.194 7.748   1.00 96.55  ? 194 GLN A O     1 
ATOM   1478 C CB    . GLN A 1 183 ? 7.204   -15.523 6.206   1.00 94.72  ? 194 GLN A CB    1 
ATOM   1479 C CG    . GLN A 1 183 ? 6.104   -14.481 6.489   1.00 95.35  ? 194 GLN A CG    1 
ATOM   1480 C CD    . GLN A 1 183 ? 5.102   -14.243 5.348   1.00 89.40  ? 194 GLN A CD    1 
ATOM   1481 O OE1   . GLN A 1 183 ? 5.309   -14.654 4.194   1.00 85.14  ? 194 GLN A OE1   1 
ATOM   1482 N NE2   . GLN A 1 183 ? 4.019   -13.536 5.677   1.00 78.21  ? 194 GLN A NE2   1 
ATOM   1483 N N     . GLU A 1 184 ? 6.926   -17.968 8.469   1.00 83.21  ? 195 GLU A N     1 
ATOM   1484 C CA    . GLU A 1 184 ? 6.438   -18.308 9.806   1.00 79.86  ? 195 GLU A CA    1 
ATOM   1485 C C     . GLU A 1 184 ? 7.179   -17.466 10.846  1.00 74.20  ? 195 GLU A C     1 
ATOM   1486 O O     . GLU A 1 184 ? 6.566   -16.728 11.618  1.00 67.70  ? 195 GLU A O     1 
ATOM   1487 C CB    . GLU A 1 184 ? 6.599   -19.815 10.079  1.00 81.62  ? 195 GLU A CB    1 
ATOM   1488 C CG    . GLU A 1 184 ? 6.126   -20.208 11.471  1.00 83.60  ? 195 GLU A CG    1 
ATOM   1489 C CD    . GLU A 1 184 ? 5.977   -21.700 11.700  1.00 85.96  ? 195 GLU A CD    1 
ATOM   1490 O OE1   . GLU A 1 184 ? 5.127   -22.338 11.029  1.00 88.16  ? 195 GLU A OE1   1 
ATOM   1491 O OE2   . GLU A 1 184 ? 6.692   -22.226 12.587  1.00 85.71  ? 195 GLU A OE2   1 
ATOM   1492 O "O5'" . A   B 2 1   ? 8.555   -5.183  11.191  1.00 38.93  ? 1   A   B "O5'" 1 
ATOM   1493 C "C5'" . A   B 2 1   ? 8.406   -4.643  12.526  1.00 36.85  ? 1   A   B "C5'" 1 
ATOM   1494 C "C4'" . A   B 2 1   ? 6.945   -4.609  12.917  1.00 35.04  ? 1   A   B "C4'" 1 
ATOM   1495 O "O4'" . A   B 2 1   ? 6.180   -3.599  12.229  1.00 32.47  ? 1   A   B "O4'" 1 
ATOM   1496 C "C3'" . A   B 2 1   ? 6.070   -5.864  13.004  1.00 35.15  ? 1   A   B "C3'" 1 
ATOM   1497 O "O3'" . A   B 2 1   ? 5.199   -5.955  14.129  1.00 32.44  ? 1   A   B "O3'" 1 
ATOM   1498 C "C2'" . A   B 2 1   ? 5.179   -5.748  11.761  1.00 34.25  ? 1   A   B "C2'" 1 
ATOM   1499 O "O2'" . A   B 2 1   ? 3.848   -6.179  11.931  1.00 33.19  ? 1   A   B "O2'" 1 
ATOM   1500 C "C1'" . A   B 2 1   ? 5.202   -4.242  11.441  1.00 32.86  ? 1   A   B "C1'" 1 
ATOM   1501 N N9    . A   B 2 1   ? 5.517   -3.993  10.039  1.00 35.02  ? 1   A   B N9    1 
ATOM   1502 C C8    . A   B 2 1   ? 6.562   -4.420  9.248   1.00 35.14  ? 1   A   B C8    1 
ATOM   1503 N N7    . A   B 2 1   ? 6.473   -4.029  7.998   1.00 33.50  ? 1   A   B N7    1 
ATOM   1504 C C5    . A   B 2 1   ? 5.286   -3.309  7.961   1.00 35.96  ? 1   A   B C5    1 
ATOM   1505 C C6    . A   B 2 1   ? 4.626   -2.626  6.928   1.00 37.71  ? 1   A   B C6    1 
ATOM   1506 N N6    . A   B 2 1   ? 5.082   -2.553  5.677   1.00 39.88  ? 1   A   B N6    1 
ATOM   1507 N N1    . A   B 2 1   ? 3.469   -2.003  7.231   1.00 40.99  ? 1   A   B N1    1 
ATOM   1508 C C2    . A   B 2 1   ? 3.011   -2.073  8.493   1.00 39.99  ? 1   A   B C2    1 
ATOM   1509 N N3    . A   B 2 1   ? 3.537   -2.683  9.546   1.00 34.48  ? 1   A   B N3    1 
ATOM   1510 C C4    . A   B 2 1   ? 4.689   -3.283  9.212   1.00 34.89  ? 1   A   B C4    1 
ATOM   1511 P P     . G   B 2 2   ? 5.760   -6.114  15.622  1.00 32.96  ? 2   G   B P     1 
ATOM   1512 O OP1   . G   B 2 2   ? 7.229   -5.879  15.631  1.00 33.18  ? 2   G   B OP1   1 
ATOM   1513 O OP2   . G   B 2 2   ? 5.266   -7.390  16.163  1.00 32.74  ? 2   G   B OP2   1 
ATOM   1514 O "O5'" . G   B 2 2   ? 5.042   -4.883  16.328  1.00 32.22  ? 2   G   B "O5'" 1 
ATOM   1515 C "C5'" . G   B 2 2   ? 5.248   -3.557  15.805  1.00 30.60  ? 2   G   B "C5'" 1 
ATOM   1516 C "C4'" . G   B 2 2   ? 5.014   -2.534  16.881  1.00 31.05  ? 2   G   B "C4'" 1 
ATOM   1517 O "O4'" . G   B 2 2   ? 4.446   -1.332  16.279  1.00 31.87  ? 2   G   B "O4'" 1 
ATOM   1518 C "C3'" . G   B 2 2   ? 4.038   -2.933  17.983  1.00 30.45  ? 2   G   B "C3'" 1 
ATOM   1519 O "O3'" . G   B 2 2   ? 4.366   -2.254  19.187  1.00 29.63  ? 2   G   B "O3'" 1 
ATOM   1520 C "C2'" . G   B 2 2   ? 2.729   -2.379  17.454  1.00 29.60  ? 2   G   B "C2'" 1 
ATOM   1521 O "O2'" . G   B 2 2   ? 1.762   -2.272  18.464  1.00 28.29  ? 2   G   B "O2'" 1 
ATOM   1522 C "C1'" . G   B 2 2   ? 3.213   -1.036  16.908  1.00 30.59  ? 2   G   B "C1'" 1 
ATOM   1523 N N9    . G   B 2 2   ? 2.337   -0.406  15.931  1.00 30.64  ? 2   G   B N9    1 
ATOM   1524 C C8    . G   B 2 2   ? 1.933   0.906   15.922  1.00 31.97  ? 2   G   B C8    1 
ATOM   1525 N N7    . G   B 2 2   ? 1.156   1.194   14.915  1.00 31.40  ? 2   G   B N7    1 
ATOM   1526 C C5    . G   B 2 2   ? 1.049   0.004   14.210  1.00 29.40  ? 2   G   B C5    1 
ATOM   1527 C C6    . G   B 2 2   ? 0.318   -0.306  13.033  1.00 29.79  ? 2   G   B C6    1 
ATOM   1528 O O6    . G   B 2 2   ? -0.388  0.440   12.345  1.00 28.79  ? 2   G   B O6    1 
ATOM   1529 N N1    . G   B 2 2   ? 0.490   -1.635  12.660  1.00 30.21  ? 2   G   B N1    1 
ATOM   1530 C C2    . G   B 2 2   ? 1.269   -2.550  13.331  1.00 30.06  ? 2   G   B C2    1 
ATOM   1531 N N2    . G   B 2 2   ? 1.310   -3.787  12.815  1.00 30.35  ? 2   G   B N2    1 
ATOM   1532 N N3    . G   B 2 2   ? 1.937   -2.277  14.437  1.00 29.58  ? 2   G   B N3    1 
ATOM   1533 C C4    . G   B 2 2   ? 1.781   -0.992  14.819  1.00 29.25  ? 2   G   B C4    1 
ATOM   1534 P P     . G   B 2 3   ? 4.509   -3.067  20.533  1.00 29.89  ? 3   G   B P     1 
ATOM   1535 O OP1   . G   B 2 3   ? 5.788   -3.820  20.453  1.00 32.12  ? 3   G   B OP1   1 
ATOM   1536 O OP2   . G   B 2 3   ? 3.247   -3.785  20.771  1.00 31.89  ? 3   G   B OP2   1 
ATOM   1537 O "O5'" . G   B 2 3   ? 4.587   -1.915  21.627  1.00 32.69  ? 3   G   B "O5'" 1 
ATOM   1538 C "C5'" . G   B 2 3   ? 5.879   -1.398  22.020  1.00 35.00  ? 3   G   B "C5'" 1 
ATOM   1539 C "C4'" . G   B 2 3   ? 5.756   -0.010  22.593  1.00 34.70  ? 3   G   B "C4'" 1 
ATOM   1540 O "O4'" . G   B 2 3   ? 5.226   0.902   21.604  1.00 36.58  ? 3   G   B "O4'" 1 
ATOM   1541 C "C3'" . G   B 2 3   ? 4.835   0.084   23.803  1.00 36.31  ? 3   G   B "C3'" 1 
ATOM   1542 O "O3'" . G   B 2 3   ? 5.457   0.867   24.813  1.00 39.33  ? 3   G   B "O3'" 1 
ATOM   1543 C "C2'" . G   B 2 3   ? 3.552   0.662   23.228  1.00 34.96  ? 3   G   B "C2'" 1 
ATOM   1544 O "O2'" . G   B 2 3   ? 2.818   1.319   24.238  1.00 34.20  ? 3   G   B "O2'" 1 
ATOM   1545 C "C1'" . G   B 2 3   ? 4.096   1.571   22.125  1.00 35.84  ? 3   G   B "C1'" 1 
ATOM   1546 N N9    . G   B 2 3   ? 3.171   1.795   21.017  1.00 37.12  ? 3   G   B N9    1 
ATOM   1547 C C8    . G   B 2 3   ? 2.507   0.824   20.305  1.00 38.26  ? 3   G   B C8    1 
ATOM   1548 N N7    . G   B 2 3   ? 1.784   1.307   19.330  1.00 37.98  ? 3   G   B N7    1 
ATOM   1549 C C5    . G   B 2 3   ? 1.973   2.680   19.408  1.00 39.53  ? 3   G   B C5    1 
ATOM   1550 C C6    . G   B 2 3   ? 1.433   3.732   18.611  1.00 40.08  ? 3   G   B C6    1 
ATOM   1551 O O6    . G   B 2 3   ? 0.634   3.656   17.664  1.00 36.79  ? 3   G   B O6    1 
ATOM   1552 N N1    . G   B 2 3   ? 1.920   4.975   19.012  1.00 39.61  ? 3   G   B N1    1 
ATOM   1553 C C2    . G   B 2 3   ? 2.784   5.185   20.064  1.00 35.92  ? 3   G   B C2    1 
ATOM   1554 N N2    . G   B 2 3   ? 3.124   6.460   20.302  1.00 32.99  ? 3   G   B N2    1 
ATOM   1555 N N3    . G   B 2 3   ? 3.288   4.214   20.816  1.00 35.45  ? 3   G   B N3    1 
ATOM   1556 C C4    . G   B 2 3   ? 2.844   2.997   20.434  1.00 37.52  ? 3   G   B C4    1 
ATOM   1557 P P     . A   B 2 4   ? 6.464   0.162   25.842  1.00 40.36  ? 4   A   B P     1 
ATOM   1558 O OP1   . A   B 2 4   ? 7.106   1.246   26.620  1.00 39.73  ? 4   A   B OP1   1 
ATOM   1559 O OP2   . A   B 2 4   ? 7.300   -0.798  25.071  1.00 41.99  ? 4   A   B OP2   1 
ATOM   1560 O "O5'" . A   B 2 4   ? 5.512   -0.770  26.729  1.00 40.05  ? 4   A   B "O5'" 1 
ATOM   1561 C "C5'" . A   B 2 4   ? 4.253   -0.259  27.227  1.00 44.10  ? 4   A   B "C5'" 1 
ATOM   1562 C "C4'" . A   B 2 4   ? 3.300   -1.351  27.657  1.00 44.66  ? 4   A   B "C4'" 1 
ATOM   1563 O "O4'" . A   B 2 4   ? 2.382   -0.788  28.639  1.00 44.64  ? 4   A   B "O4'" 1 
ATOM   1564 C "C3'" . A   B 2 4   ? 2.393   -1.937  26.574  1.00 47.89  ? 4   A   B "C3'" 1 
ATOM   1565 O "O3'" . A   B 2 4   ? 2.018   -3.270  26.928  1.00 55.44  ? 4   A   B "O3'" 1 
ATOM   1566 C "C2'" . A   B 2 4   ? 1.182   -1.016  26.639  1.00 45.14  ? 4   A   B "C2'" 1 
ATOM   1567 O "O2'" . A   B 2 4   ? -0.016  -1.526  26.088  1.00 44.83  ? 4   A   B "O2'" 1 
ATOM   1568 C "C1'" . A   B 2 4   ? 1.056   -0.843  28.148  1.00 42.76  ? 4   A   B "C1'" 1 
ATOM   1569 N N9    . A   B 2 4   ? 0.351   0.354   28.589  1.00 41.02  ? 4   A   B N9    1 
ATOM   1570 C C8    . A   B 2 4   ? -0.695  0.417   29.476  1.00 41.69  ? 4   A   B C8    1 
ATOM   1571 N N7    . A   B 2 4   ? -1.130  1.634   29.695  1.00 41.62  ? 4   A   B N7    1 
ATOM   1572 C C5    . A   B 2 4   ? -0.313  2.428   28.904  1.00 44.06  ? 4   A   B C5    1 
ATOM   1573 C C6    . A   B 2 4   ? -0.260  3.819   28.691  1.00 48.05  ? 4   A   B C6    1 
ATOM   1574 N N6    . A   B 2 4   ? -1.084  4.688   29.281  1.00 49.99  ? 4   A   B N6    1 
ATOM   1575 N N1    . A   B 2 4   ? 0.670   4.290   27.828  1.00 46.54  ? 4   A   B N1    1 
ATOM   1576 C C2    . A   B 2 4   ? 1.492   3.414   27.232  1.00 45.40  ? 4   A   B C2    1 
ATOM   1577 N N3    . A   B 2 4   ? 1.539   2.086   27.352  1.00 43.27  ? 4   A   B N3    1 
ATOM   1578 C C4    . A   B 2 4   ? 0.605   1.652   28.216  1.00 42.52  ? 4   A   B C4    1 
ATOM   1579 P P     . C   B 2 5   ? 2.673   -4.532  26.182  1.00 66.00  ? 5   C   B P     1 
ATOM   1580 O OP1   . C   B 2 5   ? 4.040   -4.168  25.712  1.00 67.43  ? 5   C   B OP1   1 
ATOM   1581 O OP2   . C   B 2 5   ? 1.673   -5.046  25.216  1.00 64.53  ? 5   C   B OP2   1 
ATOM   1582 O "O5'" . C   B 2 5   ? 2.874   -5.615  27.335  1.00 77.50  ? 5   C   B "O5'" 1 
ATOM   1583 C "C5'" . C   B 2 5   ? 2.633   -5.360  28.734  1.00 83.51  ? 5   C   B "C5'" 1 
ATOM   1584 C "C4'" . C   B 2 5   ? 3.841   -5.765  29.551  1.00 90.04  ? 5   C   B "C4'" 1 
ATOM   1585 O "O4'" . C   B 2 5   ? 4.371   -7.050  29.093  1.00 96.55  ? 5   C   B "O4'" 1 
ATOM   1586 C "C3'" . C   B 2 5   ? 5.009   -4.785  29.480  1.00 90.75  ? 5   C   B "C3'" 1 
ATOM   1587 O "O3'" . C   B 2 5   ? 5.660   -4.677  30.739  1.00 80.63  ? 5   C   B "O3'" 1 
ATOM   1588 C "C2'" . C   B 2 5   ? 5.931   -5.438  28.458  1.00 98.74  ? 5   C   B "C2'" 1 
ATOM   1589 O "O2'" . C   B 2 5   ? 7.268   -4.967  28.480  1.00 89.09  ? 5   C   B "O2'" 1 
ATOM   1590 C "C1'" . C   B 2 5   ? 5.757   -6.912  28.827  1.00 105.08 ? 5   C   B "C1'" 1 
ATOM   1591 N N1    . C   B 2 5   ? 6.152   -7.841  27.749  1.00 113.32 ? 5   C   B N1    1 
ATOM   1592 C C2    . C   B 2 5   ? 7.514   -8.146  27.587  1.00 118.59 ? 5   C   B C2    1 
ATOM   1593 O O2    . C   B 2 5   ? 8.339   -7.649  28.370  1.00 120.36 ? 5   C   B O2    1 
ATOM   1594 N N3    . C   B 2 5   ? 7.891   -8.979  26.590  1.00 113.60 ? 5   C   B N3    1 
ATOM   1595 C C4    . C   B 2 5   ? 6.973   -9.495  25.769  1.00 110.20 ? 5   C   B C4    1 
ATOM   1596 N N4    . C   B 2 5   ? 7.390   -10.317 24.804  1.00 109.78 ? 5   C   B N4    1 
ATOM   1597 C C5    . C   B 2 5   ? 5.585   -9.195  25.903  1.00 108.33 ? 5   C   B C5    1 
ATOM   1598 C C6    . C   B 2 5   ? 5.222   -8.368  26.893  1.00 109.17 ? 5   C   B C6    1 
ATOM   1599 P P     . U   B 2 6   ? 5.914   -3.248  31.404  1.00 72.01  ? 6   U   B P     1 
ATOM   1600 O OP1   . U   B 2 6   ? 6.057   -2.239  30.313  1.00 72.51  ? 6   U   B OP1   1 
ATOM   1601 O OP2   . U   B 2 6   ? 7.003   -3.398  32.408  1.00 79.07  ? 6   U   B OP2   1 
ATOM   1602 O "O5'" . U   B 2 6   ? 4.558   -2.974  32.193  1.00 67.32  ? 6   U   B "O5'" 1 
ATOM   1603 C "C5'" . U   B 2 6   ? 3.986   -3.925  33.108  1.00 61.34  ? 6   U   B "C5'" 1 
ATOM   1604 C "C4'" . U   B 2 6   ? 2.555   -3.545  33.418  1.00 63.46  ? 6   U   B "C4'" 1 
ATOM   1605 O "O4'" . U   B 2 6   ? 2.440   -2.095  33.481  1.00 59.43  ? 6   U   B "O4'" 1 
ATOM   1606 C "C3'" . U   B 2 6   ? 1.493   -4.005  32.420  1.00 64.22  ? 6   U   B "C3'" 1 
ATOM   1607 O "O3'" . U   B 2 6   ? 0.318   -4.409  33.121  1.00 74.51  ? 6   U   B "O3'" 1 
ATOM   1608 C "C2'" . U   B 2 6   ? 1.273   -2.765  31.555  1.00 56.82  ? 6   U   B "C2'" 1 
ATOM   1609 O "O2'" . U   B 2 6   ? 0.019   -2.710  30.897  1.00 51.46  ? 6   U   B "O2'" 1 
ATOM   1610 C "C1'" . U   B 2 6   ? 1.424   -1.659  32.598  1.00 54.30  ? 6   U   B "C1'" 1 
ATOM   1611 N N1    . U   B 2 6   ? 1.813   -0.345  32.061  1.00 50.61  ? 6   U   B N1    1 
ATOM   1612 C C2    . U   B 2 6   ? 0.953   0.720   32.263  1.00 50.60  ? 6   U   B C2    1 
ATOM   1613 O O2    . U   B 2 6   ? -0.116  0.609   32.841  1.00 54.52  ? 6   U   B O2    1 
ATOM   1614 N N3    . U   B 2 6   ? 1.387   1.916   31.751  1.00 48.89  ? 6   U   B N3    1 
ATOM   1615 C C4    . U   B 2 6   ? 2.571   2.161   31.091  1.00 49.51  ? 6   U   B C4    1 
ATOM   1616 O O4    . U   B 2 6   ? 2.822   3.301   30.701  1.00 52.25  ? 6   U   B O4    1 
ATOM   1617 C C5    . U   B 2 6   ? 3.413   1.015   30.933  1.00 48.99  ? 6   U   B C5    1 
ATOM   1618 C C6    . U   B 2 6   ? 3.019   -0.167  31.418  1.00 49.70  ? 6   U   B C6    1 
ATOM   1619 P P     . G   B 2 7   ? -0.010  -5.970  33.300  1.00 90.80  ? 7   G   B P     1 
ATOM   1620 O OP1   . G   B 2 7   ? -1.221  -6.083  34.150  1.00 96.76  ? 7   G   B OP1   1 
ATOM   1621 O OP2   . G   B 2 7   ? 1.238   -6.667  33.710  1.00 97.59  ? 7   G   B OP2   1 
ATOM   1622 O "O5'" . G   B 2 7   ? -0.370  -6.423  31.816  1.00 97.79  ? 7   G   B "O5'" 1 
ATOM   1623 C "C5'" . G   B 2 7   ? -1.458  -5.806  31.093  1.00 111.17 ? 7   G   B "C5'" 1 
ATOM   1624 C "C4'" . G   B 2 7   ? -2.216  -6.850  30.311  1.00 120.06 ? 7   G   B "C4'" 1 
ATOM   1625 O "O4'" . G   B 2 7   ? -1.274  -7.589  29.486  1.00 123.46 ? 7   G   B "O4'" 1 
ATOM   1626 C "C3'" . G   B 2 7   ? -2.953  -7.894  31.148  1.00 124.85 ? 7   G   B "C3'" 1 
ATOM   1627 O "O3'" . G   B 2 7   ? -4.162  -8.320  30.525  1.00 123.16 ? 7   G   B "O3'" 1 
ATOM   1628 C "C2'" . G   B 2 7   ? -1.935  -9.025  31.247  1.00 124.24 ? 7   G   B "C2'" 1 
ATOM   1629 O "O2'" . G   B 2 7   ? -2.498  -10.294 31.524  1.00 114.64 ? 7   G   B "O2'" 1 
ATOM   1630 C "C1'" . G   B 2 7   ? -1.276  -8.951  29.870  1.00 125.63 ? 7   G   B "C1'" 1 
ATOM   1631 N N9    . G   B 2 7   ? 0.097   -9.449  29.836  1.00 128.43 ? 7   G   B N9    1 
ATOM   1632 C C8    . G   B 2 7   ? 1.262   -8.730  29.953  1.00 125.92 ? 7   G   B C8    1 
ATOM   1633 N N7    . G   B 2 7   ? 2.333   -9.473  29.869  1.00 124.70 ? 7   G   B N7    1 
ATOM   1634 C C5    . G   B 2 7   ? 1.845   -10.758 29.685  1.00 131.75 ? 7   G   B C5    1 
ATOM   1635 C C6    . G   B 2 7   ? 2.533   -11.992 29.528  1.00 130.51 ? 7   G   B C6    1 
ATOM   1636 O O6    . G   B 2 7   ? 3.753   -12.199 29.519  1.00 119.73 ? 7   G   B O6    1 
ATOM   1637 N N1    . G   B 2 7   ? 1.647   -13.056 29.365  1.00 130.49 ? 7   G   B N1    1 
ATOM   1638 C C2    . G   B 2 7   ? 0.274   -12.948 29.357  1.00 124.24 ? 7   G   B C2    1 
ATOM   1639 N N2    . G   B 2 7   ? -0.414  -14.089 29.190  1.00 110.56 ? 7   G   B N2    1 
ATOM   1640 N N3    . G   B 2 7   ? -0.376  -11.805 29.502  1.00 131.90 ? 7   G   B N3    1 
ATOM   1641 C C4    . G   B 2 7   ? 0.465   -10.760 29.662  1.00 133.30 ? 7   G   B C4    1 
HETATM 1642 O O     . HOH C 3 .   ? 2.086   -4.107  -2.506  1.00 23.99  ? 201 HOH A O     1 
HETATM 1643 O O     . HOH C 3 .   ? -3.542  3.124   14.423  1.00 45.24  ? 202 HOH A O     1 
HETATM 1644 O O     . HOH C 3 .   ? 7.854   3.189   -0.818  1.00 34.73  ? 203 HOH A O     1 
HETATM 1645 O O     . HOH C 3 .   ? 2.075   6.758   14.658  1.00 29.01  ? 204 HOH A O     1 
HETATM 1646 O O     . HOH C 3 .   ? -0.594  -7.416  -15.044 1.00 37.67  ? 205 HOH A O     1 
HETATM 1647 O O     . HOH C 3 .   ? -15.597 -4.953  -3.930  1.00 21.76  ? 206 HOH A O     1 
HETATM 1648 O O     . HOH C 3 .   ? 19.439  4.151   18.264  1.00 19.85  ? 207 HOH A O     1 
HETATM 1649 O O     . HOH C 3 .   ? 4.193   -11.124 -6.987  1.00 15.28  ? 208 HOH A O     1 
HETATM 1650 O O     . HOH C 3 .   ? -3.810  -8.032  -0.287  1.00 31.41  ? 209 HOH A O     1 
HETATM 1651 O O     . HOH C 3 .   ? -0.506  -14.660 -13.727 1.00 31.97  ? 210 HOH A O     1 
HETATM 1652 O O     . HOH D 3 .   ? 2.355   -5.707  14.238  1.00 42.29  ? 101 HOH B O     1 
# 
loop_
_pdbx_poly_seq_scheme.asym_id 
_pdbx_poly_seq_scheme.entity_id 
_pdbx_poly_seq_scheme.seq_id 
_pdbx_poly_seq_scheme.mon_id 
_pdbx_poly_seq_scheme.ndb_seq_num 
_pdbx_poly_seq_scheme.pdb_seq_num 
_pdbx_poly_seq_scheme.auth_seq_num 
_pdbx_poly_seq_scheme.pdb_mon_id 
_pdbx_poly_seq_scheme.auth_mon_id 
_pdbx_poly_seq_scheme.pdb_strand_id 
_pdbx_poly_seq_scheme.pdb_ins_code 
_pdbx_poly_seq_scheme.hetero 
A 1 1   ARG 1   12  12  ARG ARG A . n 
A 1 2   LYS 2   13  13  LYS LYS A . n 
A 1 3   LYS 3   14  14  LYS LYS A . n 
A 1 4   ARG 4   15  15  ARG ARG A . n 
A 1 5   GLU 5   16  16  GLU GLU A . n 
A 1 6   LYS 6   17  17  LYS LYS A . n 
A 1 7   GLU 7   18  18  GLU GLU A . n 
A 1 8   GLN 8   19  19  GLN GLN A . n 
A 1 9   PHE 9   20  20  PHE PHE A . n 
A 1 10  ARG 10  21  21  ARG ARG A . n 
A 1 11  LYS 11  22  22  LYS LYS A . n 
A 1 12  LEU 12  23  23  LEU LEU A . n 
A 1 13  PHE 13  24  24  PHE PHE A . n 
A 1 14  ILE 14  25  25  ILE ILE A . n 
A 1 15  GLY 15  26  26  GLY GLY A . n 
A 1 16  GLY 16  27  27  GLY GLY A . n 
A 1 17  LEU 17  28  28  LEU LEU A . n 
A 1 18  SER 18  29  29  SER SER A . n 
A 1 19  PHE 19  30  30  PHE PHE A . n 
A 1 20  GLU 20  31  31  GLU GLU A . n 
A 1 21  THR 21  32  32  THR THR A . n 
A 1 22  THR 22  33  33  THR THR A . n 
A 1 23  GLU 23  34  34  GLU GLU A . n 
A 1 24  GLU 24  35  35  GLU GLU A . n 
A 1 25  SER 25  36  36  SER SER A . n 
A 1 26  LEU 26  37  37  LEU LEU A . n 
A 1 27  ARG 27  38  38  ARG ARG A . n 
A 1 28  ASN 28  39  39  ASN ASN A . n 
A 1 29  TYR 29  40  40  TYR TYR A . n 
A 1 30  TYR 30  41  41  TYR TYR A . n 
A 1 31  GLU 31  42  42  GLU GLU A . n 
A 1 32  GLN 32  43  43  GLN GLN A . n 
A 1 33  TRP 33  44  44  TRP TRP A . n 
A 1 34  GLY 34  45  45  GLY GLY A . n 
A 1 35  LYS 35  46  46  LYS LYS A . n 
A 1 36  LEU 36  47  47  LEU LEU A . n 
A 1 37  THR 37  48  48  THR THR A . n 
A 1 38  ASP 38  49  49  ASP ASP A . n 
A 1 39  CYS 39  50  50  CYS CYS A . n 
A 1 40  VAL 40  51  51  VAL VAL A . n 
A 1 41  VAL 41  52  52  VAL VAL A . n 
A 1 42  MET 42  53  53  MET MET A . n 
A 1 43  ARG 43  54  54  ARG ARG A . n 
A 1 44  ASP 44  55  55  ASP ASP A . n 
A 1 45  PRO 45  56  56  PRO PRO A . n 
A 1 46  ALA 46  57  57  ALA ALA A . n 
A 1 47  SER 47  58  58  SER SER A . n 
A 1 48  LYS 48  59  59  LYS LYS A . n 
A 1 49  ARG 49  60  60  ARG ARG A . n 
A 1 50  SER 50  61  61  SER SER A . n 
A 1 51  ARG 51  62  62  ARG ARG A . n 
A 1 52  GLY 52  63  63  GLY GLY A . n 
A 1 53  PHE 53  64  64  PHE PHE A . n 
A 1 54  GLY 54  65  65  GLY GLY A . n 
A 1 55  PHE 55  66  66  PHE PHE A . n 
A 1 56  VAL 56  67  67  VAL VAL A . n 
A 1 57  THR 57  68  68  THR THR A . n 
A 1 58  PHE 58  69  69  PHE PHE A . n 
A 1 59  SER 59  70  70  SER SER A . n 
A 1 60  SER 60  71  71  SER SER A . n 
A 1 61  MET 61  72  72  MET MET A . n 
A 1 62  ALA 62  73  73  ALA ALA A . n 
A 1 63  GLU 63  74  74  GLU GLU A . n 
A 1 64  VAL 64  75  75  VAL VAL A . n 
A 1 65  ASP 65  76  76  ASP ASP A . n 
A 1 66  ALA 66  77  77  ALA ALA A . n 
A 1 67  ALA 67  78  78  ALA ALA A . n 
A 1 68  MET 68  79  79  MET MET A . n 
A 1 69  ALA 69  80  80  ALA ALA A . n 
A 1 70  ALA 70  81  81  ALA ALA A . n 
A 1 71  ARG 71  82  82  ARG ARG A . n 
A 1 72  PRO 72  83  83  PRO PRO A . n 
A 1 73  HIS 73  84  84  HIS HIS A . n 
A 1 74  SER 74  85  85  SER SER A . n 
A 1 75  ILE 75  86  86  ILE ILE A . n 
A 1 76  ASP 76  87  87  ASP ASP A . n 
A 1 77  GLY 77  88  88  GLY GLY A . n 
A 1 78  ARG 78  89  89  ARG ARG A . n 
A 1 79  VAL 79  90  90  VAL VAL A . n 
A 1 80  VAL 80  91  91  VAL VAL A . n 
A 1 81  GLU 81  92  92  GLU GLU A . n 
A 1 82  PRO 82  93  93  PRO PRO A . n 
A 1 83  LYS 83  94  94  LYS LYS A . n 
A 1 84  ARG 84  95  95  ARG ARG A . n 
A 1 85  ALA 85  96  96  ALA ALA A . n 
A 1 86  VAL 86  97  97  VAL VAL A . n 
A 1 87  ALA 87  98  98  ALA ALA A . n 
A 1 88  ARG 88  99  99  ARG ARG A . n 
A 1 89  GLU 89  100 100 GLU GLU A . n 
A 1 90  GLU 90  101 101 GLU GLU A . n 
A 1 91  SER 91  102 102 SER SER A . n 
A 1 92  GLY 92  103 103 GLY GLY A . n 
A 1 93  LYS 93  104 104 LYS LYS A . n 
A 1 94  PRO 94  105 105 PRO PRO A . n 
A 1 95  GLY 95  106 106 GLY GLY A . n 
A 1 96  ALA 96  107 107 ALA ALA A . n 
A 1 97  HIS 97  108 108 HIS HIS A . n 
A 1 98  VAL 98  109 109 VAL VAL A . n 
A 1 99  THR 99  110 110 THR THR A . n 
A 1 100 VAL 100 111 111 VAL VAL A . n 
A 1 101 LYS 101 112 112 LYS LYS A . n 
A 1 102 LYS 102 113 113 LYS LYS A . n 
A 1 103 LEU 103 114 114 LEU LEU A . n 
A 1 104 PHE 104 115 115 PHE PHE A . n 
A 1 105 VAL 105 116 116 VAL VAL A . n 
A 1 106 GLY 106 117 117 GLY GLY A . n 
A 1 107 GLY 107 118 118 GLY GLY A . n 
A 1 108 ILE 108 119 119 ILE ILE A . n 
A 1 109 LYS 109 120 120 LYS LYS A . n 
A 1 110 GLU 110 121 121 GLU GLU A . n 
A 1 111 ASP 111 122 122 ASP ASP A . n 
A 1 112 THR 112 123 123 THR THR A . n 
A 1 113 GLU 113 124 124 GLU GLU A . n 
A 1 114 GLU 114 125 125 GLU GLU A . n 
A 1 115 HIS 115 126 126 HIS HIS A . n 
A 1 116 HIS 116 127 127 HIS HIS A . n 
A 1 117 LEU 117 128 128 LEU LEU A . n 
A 1 118 ARG 118 129 129 ARG ARG A . n 
A 1 119 ASP 119 130 130 ASP ASP A . n 
A 1 120 TYR 120 131 131 TYR TYR A . n 
A 1 121 PHE 121 132 132 PHE PHE A . n 
A 1 122 GLU 122 133 133 GLU GLU A . n 
A 1 123 GLU 123 134 134 GLU GLU A . n 
A 1 124 TYR 124 135 135 TYR TYR A . n 
A 1 125 GLY 125 136 136 GLY GLY A . n 
A 1 126 LYS 126 137 137 LYS LYS A . n 
A 1 127 ILE 127 138 138 ILE ILE A . n 
A 1 128 ASP 128 139 139 ASP ASP A . n 
A 1 129 THR 129 140 140 THR THR A . n 
A 1 130 ILE 130 141 141 ILE ILE A . n 
A 1 131 GLU 131 142 142 GLU GLU A . n 
A 1 132 ILE 132 143 143 ILE ILE A . n 
A 1 133 ILE 133 144 144 ILE ILE A . n 
A 1 134 THR 134 145 145 THR THR A . n 
A 1 135 ASP 135 146 146 ASP ASP A . n 
A 1 136 ARG 136 147 147 ARG ARG A . n 
A 1 137 GLN 137 148 148 GLN GLN A . n 
A 1 138 SER 138 149 149 SER SER A . n 
A 1 139 GLY 139 150 150 GLY GLY A . n 
A 1 140 LYS 140 151 151 LYS LYS A . n 
A 1 141 LYS 141 152 152 LYS LYS A . n 
A 1 142 ARG 142 153 153 ARG ARG A . n 
A 1 143 GLY 143 154 154 GLY GLY A . n 
A 1 144 PHE 144 155 155 PHE PHE A . n 
A 1 145 GLY 145 156 156 GLY GLY A . n 
A 1 146 PHE 146 157 157 PHE PHE A . n 
A 1 147 VAL 147 158 158 VAL VAL A . n 
A 1 148 THR 148 159 159 THR THR A . n 
A 1 149 PHE 149 160 160 PHE PHE A . n 
A 1 150 ASP 150 161 161 ASP ASP A . n 
A 1 151 ASP 151 162 162 ASP ASP A . n 
A 1 152 HIS 152 163 163 HIS HIS A . n 
A 1 153 ASP 153 164 164 ASP ASP A . n 
A 1 154 PRO 154 165 165 PRO PRO A . n 
A 1 155 VAL 155 166 166 VAL VAL A . n 
A 1 156 ASP 156 167 167 ASP ASP A . n 
A 1 157 LYS 157 168 168 LYS LYS A . n 
A 1 158 ILE 158 169 169 ILE ILE A . n 
A 1 159 VAL 159 170 170 VAL VAL A . n 
A 1 160 LEU 160 171 171 LEU LEU A . n 
A 1 161 GLN 161 172 172 GLN GLN A . n 
A 1 162 LYS 162 173 173 LYS LYS A . n 
A 1 163 TYR 163 174 174 TYR TYR A . n 
A 1 164 HIS 164 175 175 HIS HIS A . n 
A 1 165 THR 165 176 176 THR THR A . n 
A 1 166 ILE 166 177 177 ILE ILE A . n 
A 1 167 ASN 167 178 178 ASN ASN A . n 
A 1 168 GLY 168 179 179 GLY GLY A . n 
A 1 169 HIS 169 180 180 HIS HIS A . n 
A 1 170 ASN 170 181 181 ASN ASN A . n 
A 1 171 ALA 171 182 182 ALA ALA A . n 
A 1 172 GLU 172 183 183 GLU GLU A . n 
A 1 173 VAL 173 184 184 VAL VAL A . n 
A 1 174 ARG 174 185 185 ARG ARG A . n 
A 1 175 LYS 175 186 186 LYS LYS A . n 
A 1 176 ALA 176 187 187 ALA ALA A . n 
A 1 177 LEU 177 188 188 LEU LEU A . n 
A 1 178 SER 178 189 189 SER SER A . n 
A 1 179 ARG 179 190 190 ARG ARG A . n 
A 1 180 GLN 180 191 191 GLN GLN A . n 
A 1 181 GLU 181 192 192 GLU GLU A . n 
A 1 182 MET 182 193 193 MET MET A . n 
A 1 183 GLN 183 194 194 GLN GLN A . n 
A 1 184 GLU 184 195 195 GLU GLU A . n 
B 2 1   A   1   1   1   A   A   B . n 
B 2 2   G   2   2   2   G   G   B . n 
B 2 3   G   3   3   3   G   G   B . n 
B 2 4   A   4   4   4   A   A   B . n 
B 2 5   C   5   5   5   C   C   B . n 
B 2 6   U   6   6   6   U   U   B . n 
B 2 7   G   7   7   7   G   G   B . n 
# 
loop_
_pdbx_nonpoly_scheme.asym_id 
_pdbx_nonpoly_scheme.entity_id 
_pdbx_nonpoly_scheme.mon_id 
_pdbx_nonpoly_scheme.ndb_seq_num 
_pdbx_nonpoly_scheme.pdb_seq_num 
_pdbx_nonpoly_scheme.auth_seq_num 
_pdbx_nonpoly_scheme.pdb_mon_id 
_pdbx_nonpoly_scheme.auth_mon_id 
_pdbx_nonpoly_scheme.pdb_strand_id 
_pdbx_nonpoly_scheme.pdb_ins_code 
C 3 HOH 1  201 2  HOH HOH A . 
C 3 HOH 2  202 7  HOH HOH A . 
C 3 HOH 3  203 9  HOH HOH A . 
C 3 HOH 4  204 4  HOH HOH A . 
C 3 HOH 5  205 10 HOH HOH A . 
C 3 HOH 6  206 8  HOH HOH A . 
C 3 HOH 7  207 6  HOH HOH A . 
C 3 HOH 8  208 5  HOH HOH A . 
C 3 HOH 9  209 3  HOH HOH A . 
C 3 HOH 10 210 1  HOH HOH A . 
D 3 HOH 1  101 11 HOH HOH B . 
# 
_pdbx_struct_assembly.id                   1 
_pdbx_struct_assembly.details              author_defined_assembly 
_pdbx_struct_assembly.method_details       ? 
_pdbx_struct_assembly.oligomeric_details   dimeric 
_pdbx_struct_assembly.oligomeric_count     2 
# 
_pdbx_struct_assembly_gen.assembly_id       1 
_pdbx_struct_assembly_gen.oper_expression   1 
_pdbx_struct_assembly_gen.asym_id_list      A,B,C,D 
# 
loop_
_pdbx_struct_assembly_prop.biol_id 
_pdbx_struct_assembly_prop.type 
_pdbx_struct_assembly_prop.value 
_pdbx_struct_assembly_prop.details 
1 'ABSA (A^2)' 1100  ? 
1 MORE         -2    ? 
1 'SSA (A^2)'  12210 ? 
# 
_pdbx_struct_oper_list.id                   1 
_pdbx_struct_oper_list.type                 'identity operation' 
_pdbx_struct_oper_list.name                 1_555 
_pdbx_struct_oper_list.symmetry_operation   x,y,z 
_pdbx_struct_oper_list.matrix[1][1]         1.0000000000 
_pdbx_struct_oper_list.matrix[1][2]         0.0000000000 
_pdbx_struct_oper_list.matrix[1][3]         0.0000000000 
_pdbx_struct_oper_list.vector[1]            0.0000000000 
_pdbx_struct_oper_list.matrix[2][1]         0.0000000000 
_pdbx_struct_oper_list.matrix[2][2]         1.0000000000 
_pdbx_struct_oper_list.matrix[2][3]         0.0000000000 
_pdbx_struct_oper_list.vector[2]            0.0000000000 
_pdbx_struct_oper_list.matrix[3][1]         0.0000000000 
_pdbx_struct_oper_list.matrix[3][2]         0.0000000000 
_pdbx_struct_oper_list.matrix[3][3]         1.0000000000 
_pdbx_struct_oper_list.vector[3]            0.0000000000 
# 
loop_
_pdbx_audit_revision_history.ordinal 
_pdbx_audit_revision_history.data_content_type 
_pdbx_audit_revision_history.major_revision 
_pdbx_audit_revision_history.minor_revision 
_pdbx_audit_revision_history.revision_date 
1 'Structure model' 1 0 2016-11-09 
2 'Structure model' 1 1 2018-02-07 
3 'Structure model' 1 2 2023-11-08 
# 
_pdbx_audit_revision_details.ordinal             1 
_pdbx_audit_revision_details.revision_ordinal    1 
_pdbx_audit_revision_details.data_content_type   'Structure model' 
_pdbx_audit_revision_details.provider            repository 
_pdbx_audit_revision_details.type                'Initial release' 
_pdbx_audit_revision_details.description         ? 
_pdbx_audit_revision_details.details             ? 
# 
loop_
_pdbx_audit_revision_group.ordinal 
_pdbx_audit_revision_group.revision_ordinal 
_pdbx_audit_revision_group.data_content_type 
_pdbx_audit_revision_group.group 
1 2 'Structure model' 'Database references'    
2 2 'Structure model' 'Derived calculations'   
3 3 'Structure model' 'Data collection'        
4 3 'Structure model' 'Database references'    
5 3 'Structure model' 'Refinement description' 
# 
loop_
_pdbx_audit_revision_category.ordinal 
_pdbx_audit_revision_category.revision_ordinal 
_pdbx_audit_revision_category.data_content_type 
_pdbx_audit_revision_category.category 
1 2 'Structure model' citation                      
2 2 'Structure model' citation_author               
3 2 'Structure model' pdbx_struct_oper_list         
4 3 'Structure model' chem_comp_atom                
5 3 'Structure model' chem_comp_bond                
6 3 'Structure model' database_2                    
7 3 'Structure model' pdbx_initial_refinement_model 
# 
loop_
_pdbx_audit_revision_item.ordinal 
_pdbx_audit_revision_item.revision_ordinal 
_pdbx_audit_revision_item.data_content_type 
_pdbx_audit_revision_item.item 
1 2 'Structure model' '_citation.country'                         
2 2 'Structure model' '_citation.journal_abbrev'                  
3 2 'Structure model' '_citation.journal_id_ISSN'                 
4 2 'Structure model' '_citation.pdbx_database_id_DOI'            
5 2 'Structure model' '_citation.title'                           
6 2 'Structure model' '_citation.year'                            
7 2 'Structure model' '_pdbx_struct_oper_list.symmetry_operation' 
8 3 'Structure model' '_database_2.pdbx_DOI'                      
9 3 'Structure model' '_database_2.pdbx_database_accession'       
# 
loop_
_software.citation_id 
_software.classification 
_software.compiler_name 
_software.compiler_version 
_software.contact_author 
_software.contact_author_email 
_software.date 
_software.description 
_software.dependencies 
_software.hardware 
_software.language 
_software.location 
_software.mods 
_software.name 
_software.os 
_software.os_version 
_software.type 
_software.version 
_software.pdbx_ordinal 
? refinement       ? ? ? ? ? ? ? ? ? ? ? REFMAC   ? ? ? 5.8.0103 1 
? 'data reduction' ? ? ? ? ? ? ? ? ? ? ? DENZO    ? ? ? .        2 
? 'data scaling'   ? ? ? ? ? ? ? ? ? ? ? HKL-3000 ? ? ? .        3 
? phasing          ? ? ? ? ? ? ? ? ? ? ? PHASER   ? ? ? .        4 
# 
loop_
_pdbx_validate_torsion.id 
_pdbx_validate_torsion.PDB_model_num 
_pdbx_validate_torsion.auth_comp_id 
_pdbx_validate_torsion.auth_asym_id 
_pdbx_validate_torsion.auth_seq_id 
_pdbx_validate_torsion.PDB_ins_code 
_pdbx_validate_torsion.label_alt_id 
_pdbx_validate_torsion.phi 
_pdbx_validate_torsion.psi 
1 1 LYS A 59  ? ? 58.29  16.01   
2 1 LYS A 120 ? ? 60.10  -126.18 
3 1 GLN A 148 ? ? 84.24  -5.69   
4 1 ARG A 190 ? ? -81.14 36.11   
# 
loop_
_chem_comp_atom.comp_id 
_chem_comp_atom.atom_id 
_chem_comp_atom.type_symbol 
_chem_comp_atom.pdbx_aromatic_flag 
_chem_comp_atom.pdbx_stereo_config 
_chem_comp_atom.pdbx_ordinal 
A   OP3    O N N 1   
A   P      P N N 2   
A   OP1    O N N 3   
A   OP2    O N N 4   
A   "O5'"  O N N 5   
A   "C5'"  C N N 6   
A   "C4'"  C N R 7   
A   "O4'"  O N N 8   
A   "C3'"  C N S 9   
A   "O3'"  O N N 10  
A   "C2'"  C N R 11  
A   "O2'"  O N N 12  
A   "C1'"  C N R 13  
A   N9     N Y N 14  
A   C8     C Y N 15  
A   N7     N Y N 16  
A   C5     C Y N 17  
A   C6     C Y N 18  
A   N6     N N N 19  
A   N1     N Y N 20  
A   C2     C Y N 21  
A   N3     N Y N 22  
A   C4     C Y N 23  
A   HOP3   H N N 24  
A   HOP2   H N N 25  
A   "H5'"  H N N 26  
A   "H5''" H N N 27  
A   "H4'"  H N N 28  
A   "H3'"  H N N 29  
A   "HO3'" H N N 30  
A   "H2'"  H N N 31  
A   "HO2'" H N N 32  
A   "H1'"  H N N 33  
A   H8     H N N 34  
A   H61    H N N 35  
A   H62    H N N 36  
A   H2     H N N 37  
ALA N      N N N 38  
ALA CA     C N S 39  
ALA C      C N N 40  
ALA O      O N N 41  
ALA CB     C N N 42  
ALA OXT    O N N 43  
ALA H      H N N 44  
ALA H2     H N N 45  
ALA HA     H N N 46  
ALA HB1    H N N 47  
ALA HB2    H N N 48  
ALA HB3    H N N 49  
ALA HXT    H N N 50  
ARG N      N N N 51  
ARG CA     C N S 52  
ARG C      C N N 53  
ARG O      O N N 54  
ARG CB     C N N 55  
ARG CG     C N N 56  
ARG CD     C N N 57  
ARG NE     N N N 58  
ARG CZ     C N N 59  
ARG NH1    N N N 60  
ARG NH2    N N N 61  
ARG OXT    O N N 62  
ARG H      H N N 63  
ARG H2     H N N 64  
ARG HA     H N N 65  
ARG HB2    H N N 66  
ARG HB3    H N N 67  
ARG HG2    H N N 68  
ARG HG3    H N N 69  
ARG HD2    H N N 70  
ARG HD3    H N N 71  
ARG HE     H N N 72  
ARG HH11   H N N 73  
ARG HH12   H N N 74  
ARG HH21   H N N 75  
ARG HH22   H N N 76  
ARG HXT    H N N 77  
ASN N      N N N 78  
ASN CA     C N S 79  
ASN C      C N N 80  
ASN O      O N N 81  
ASN CB     C N N 82  
ASN CG     C N N 83  
ASN OD1    O N N 84  
ASN ND2    N N N 85  
ASN OXT    O N N 86  
ASN H      H N N 87  
ASN H2     H N N 88  
ASN HA     H N N 89  
ASN HB2    H N N 90  
ASN HB3    H N N 91  
ASN HD21   H N N 92  
ASN HD22   H N N 93  
ASN HXT    H N N 94  
ASP N      N N N 95  
ASP CA     C N S 96  
ASP C      C N N 97  
ASP O      O N N 98  
ASP CB     C N N 99  
ASP CG     C N N 100 
ASP OD1    O N N 101 
ASP OD2    O N N 102 
ASP OXT    O N N 103 
ASP H      H N N 104 
ASP H2     H N N 105 
ASP HA     H N N 106 
ASP HB2    H N N 107 
ASP HB3    H N N 108 
ASP HD2    H N N 109 
ASP HXT    H N N 110 
C   OP3    O N N 111 
C   P      P N N 112 
C   OP1    O N N 113 
C   OP2    O N N 114 
C   "O5'"  O N N 115 
C   "C5'"  C N N 116 
C   "C4'"  C N R 117 
C   "O4'"  O N N 118 
C   "C3'"  C N S 119 
C   "O3'"  O N N 120 
C   "C2'"  C N R 121 
C   "O2'"  O N N 122 
C   "C1'"  C N R 123 
C   N1     N N N 124 
C   C2     C N N 125 
C   O2     O N N 126 
C   N3     N N N 127 
C   C4     C N N 128 
C   N4     N N N 129 
C   C5     C N N 130 
C   C6     C N N 131 
C   HOP3   H N N 132 
C   HOP2   H N N 133 
C   "H5'"  H N N 134 
C   "H5''" H N N 135 
C   "H4'"  H N N 136 
C   "H3'"  H N N 137 
C   "HO3'" H N N 138 
C   "H2'"  H N N 139 
C   "HO2'" H N N 140 
C   "H1'"  H N N 141 
C   H41    H N N 142 
C   H42    H N N 143 
C   H5     H N N 144 
C   H6     H N N 145 
CYS N      N N N 146 
CYS CA     C N R 147 
CYS C      C N N 148 
CYS O      O N N 149 
CYS CB     C N N 150 
CYS SG     S N N 151 
CYS OXT    O N N 152 
CYS H      H N N 153 
CYS H2     H N N 154 
CYS HA     H N N 155 
CYS HB2    H N N 156 
CYS HB3    H N N 157 
CYS HG     H N N 158 
CYS HXT    H N N 159 
G   OP3    O N N 160 
G   P      P N N 161 
G   OP1    O N N 162 
G   OP2    O N N 163 
G   "O5'"  O N N 164 
G   "C5'"  C N N 165 
G   "C4'"  C N R 166 
G   "O4'"  O N N 167 
G   "C3'"  C N S 168 
G   "O3'"  O N N 169 
G   "C2'"  C N R 170 
G   "O2'"  O N N 171 
G   "C1'"  C N R 172 
G   N9     N Y N 173 
G   C8     C Y N 174 
G   N7     N Y N 175 
G   C5     C Y N 176 
G   C6     C N N 177 
G   O6     O N N 178 
G   N1     N N N 179 
G   C2     C N N 180 
G   N2     N N N 181 
G   N3     N N N 182 
G   C4     C Y N 183 
G   HOP3   H N N 184 
G   HOP2   H N N 185 
G   "H5'"  H N N 186 
G   "H5''" H N N 187 
G   "H4'"  H N N 188 
G   "H3'"  H N N 189 
G   "HO3'" H N N 190 
G   "H2'"  H N N 191 
G   "HO2'" H N N 192 
G   "H1'"  H N N 193 
G   H8     H N N 194 
G   H1     H N N 195 
G   H21    H N N 196 
G   H22    H N N 197 
GLN N      N N N 198 
GLN CA     C N S 199 
GLN C      C N N 200 
GLN O      O N N 201 
GLN CB     C N N 202 
GLN CG     C N N 203 
GLN CD     C N N 204 
GLN OE1    O N N 205 
GLN NE2    N N N 206 
GLN OXT    O N N 207 
GLN H      H N N 208 
GLN H2     H N N 209 
GLN HA     H N N 210 
GLN HB2    H N N 211 
GLN HB3    H N N 212 
GLN HG2    H N N 213 
GLN HG3    H N N 214 
GLN HE21   H N N 215 
GLN HE22   H N N 216 
GLN HXT    H N N 217 
GLU N      N N N 218 
GLU CA     C N S 219 
GLU C      C N N 220 
GLU O      O N N 221 
GLU CB     C N N 222 
GLU CG     C N N 223 
GLU CD     C N N 224 
GLU OE1    O N N 225 
GLU OE2    O N N 226 
GLU OXT    O N N 227 
GLU H      H N N 228 
GLU H2     H N N 229 
GLU HA     H N N 230 
GLU HB2    H N N 231 
GLU HB3    H N N 232 
GLU HG2    H N N 233 
GLU HG3    H N N 234 
GLU HE2    H N N 235 
GLU HXT    H N N 236 
GLY N      N N N 237 
GLY CA     C N N 238 
GLY C      C N N 239 
GLY O      O N N 240 
GLY OXT    O N N 241 
GLY H      H N N 242 
GLY H2     H N N 243 
GLY HA2    H N N 244 
GLY HA3    H N N 245 
GLY HXT    H N N 246 
HIS N      N N N 247 
HIS CA     C N S 248 
HIS C      C N N 249 
HIS O      O N N 250 
HIS CB     C N N 251 
HIS CG     C Y N 252 
HIS ND1    N Y N 253 
HIS CD2    C Y N 254 
HIS CE1    C Y N 255 
HIS NE2    N Y N 256 
HIS OXT    O N N 257 
HIS H      H N N 258 
HIS H2     H N N 259 
HIS HA     H N N 260 
HIS HB2    H N N 261 
HIS HB3    H N N 262 
HIS HD1    H N N 263 
HIS HD2    H N N 264 
HIS HE1    H N N 265 
HIS HE2    H N N 266 
HIS HXT    H N N 267 
HOH O      O N N 268 
HOH H1     H N N 269 
HOH H2     H N N 270 
ILE N      N N N 271 
ILE CA     C N S 272 
ILE C      C N N 273 
ILE O      O N N 274 
ILE CB     C N S 275 
ILE CG1    C N N 276 
ILE CG2    C N N 277 
ILE CD1    C N N 278 
ILE OXT    O N N 279 
ILE H      H N N 280 
ILE H2     H N N 281 
ILE HA     H N N 282 
ILE HB     H N N 283 
ILE HG12   H N N 284 
ILE HG13   H N N 285 
ILE HG21   H N N 286 
ILE HG22   H N N 287 
ILE HG23   H N N 288 
ILE HD11   H N N 289 
ILE HD12   H N N 290 
ILE HD13   H N N 291 
ILE HXT    H N N 292 
LEU N      N N N 293 
LEU CA     C N S 294 
LEU C      C N N 295 
LEU O      O N N 296 
LEU CB     C N N 297 
LEU CG     C N N 298 
LEU CD1    C N N 299 
LEU CD2    C N N 300 
LEU OXT    O N N 301 
LEU H      H N N 302 
LEU H2     H N N 303 
LEU HA     H N N 304 
LEU HB2    H N N 305 
LEU HB3    H N N 306 
LEU HG     H N N 307 
LEU HD11   H N N 308 
LEU HD12   H N N 309 
LEU HD13   H N N 310 
LEU HD21   H N N 311 
LEU HD22   H N N 312 
LEU HD23   H N N 313 
LEU HXT    H N N 314 
LYS N      N N N 315 
LYS CA     C N S 316 
LYS C      C N N 317 
LYS O      O N N 318 
LYS CB     C N N 319 
LYS CG     C N N 320 
LYS CD     C N N 321 
LYS CE     C N N 322 
LYS NZ     N N N 323 
LYS OXT    O N N 324 
LYS H      H N N 325 
LYS H2     H N N 326 
LYS HA     H N N 327 
LYS HB2    H N N 328 
LYS HB3    H N N 329 
LYS HG2    H N N 330 
LYS HG3    H N N 331 
LYS HD2    H N N 332 
LYS HD3    H N N 333 
LYS HE2    H N N 334 
LYS HE3    H N N 335 
LYS HZ1    H N N 336 
LYS HZ2    H N N 337 
LYS HZ3    H N N 338 
LYS HXT    H N N 339 
MET N      N N N 340 
MET CA     C N S 341 
MET C      C N N 342 
MET O      O N N 343 
MET CB     C N N 344 
MET CG     C N N 345 
MET SD     S N N 346 
MET CE     C N N 347 
MET OXT    O N N 348 
MET H      H N N 349 
MET H2     H N N 350 
MET HA     H N N 351 
MET HB2    H N N 352 
MET HB3    H N N 353 
MET HG2    H N N 354 
MET HG3    H N N 355 
MET HE1    H N N 356 
MET HE2    H N N 357 
MET HE3    H N N 358 
MET HXT    H N N 359 
PHE N      N N N 360 
PHE CA     C N S 361 
PHE C      C N N 362 
PHE O      O N N 363 
PHE CB     C N N 364 
PHE CG     C Y N 365 
PHE CD1    C Y N 366 
PHE CD2    C Y N 367 
PHE CE1    C Y N 368 
PHE CE2    C Y N 369 
PHE CZ     C Y N 370 
PHE OXT    O N N 371 
PHE H      H N N 372 
PHE H2     H N N 373 
PHE HA     H N N 374 
PHE HB2    H N N 375 
PHE HB3    H N N 376 
PHE HD1    H N N 377 
PHE HD2    H N N 378 
PHE HE1    H N N 379 
PHE HE2    H N N 380 
PHE HZ     H N N 381 
PHE HXT    H N N 382 
PRO N      N N N 383 
PRO CA     C N S 384 
PRO C      C N N 385 
PRO O      O N N 386 
PRO CB     C N N 387 
PRO CG     C N N 388 
PRO CD     C N N 389 
PRO OXT    O N N 390 
PRO H      H N N 391 
PRO HA     H N N 392 
PRO HB2    H N N 393 
PRO HB3    H N N 394 
PRO HG2    H N N 395 
PRO HG3    H N N 396 
PRO HD2    H N N 397 
PRO HD3    H N N 398 
PRO HXT    H N N 399 
SER N      N N N 400 
SER CA     C N S 401 
SER C      C N N 402 
SER O      O N N 403 
SER CB     C N N 404 
SER OG     O N N 405 
SER OXT    O N N 406 
SER H      H N N 407 
SER H2     H N N 408 
SER HA     H N N 409 
SER HB2    H N N 410 
SER HB3    H N N 411 
SER HG     H N N 412 
SER HXT    H N N 413 
THR N      N N N 414 
THR CA     C N S 415 
THR C      C N N 416 
THR O      O N N 417 
THR CB     C N R 418 
THR OG1    O N N 419 
THR CG2    C N N 420 
THR OXT    O N N 421 
THR H      H N N 422 
THR H2     H N N 423 
THR HA     H N N 424 
THR HB     H N N 425 
THR HG1    H N N 426 
THR HG21   H N N 427 
THR HG22   H N N 428 
THR HG23   H N N 429 
THR HXT    H N N 430 
TRP N      N N N 431 
TRP CA     C N S 432 
TRP C      C N N 433 
TRP O      O N N 434 
TRP CB     C N N 435 
TRP CG     C Y N 436 
TRP CD1    C Y N 437 
TRP CD2    C Y N 438 
TRP NE1    N Y N 439 
TRP CE2    C Y N 440 
TRP CE3    C Y N 441 
TRP CZ2    C Y N 442 
TRP CZ3    C Y N 443 
TRP CH2    C Y N 444 
TRP OXT    O N N 445 
TRP H      H N N 446 
TRP H2     H N N 447 
TRP HA     H N N 448 
TRP HB2    H N N 449 
TRP HB3    H N N 450 
TRP HD1    H N N 451 
TRP HE1    H N N 452 
TRP HE3    H N N 453 
TRP HZ2    H N N 454 
TRP HZ3    H N N 455 
TRP HH2    H N N 456 
TRP HXT    H N N 457 
TYR N      N N N 458 
TYR CA     C N S 459 
TYR C      C N N 460 
TYR O      O N N 461 
TYR CB     C N N 462 
TYR CG     C Y N 463 
TYR CD1    C Y N 464 
TYR CD2    C Y N 465 
TYR CE1    C Y N 466 
TYR CE2    C Y N 467 
TYR CZ     C Y N 468 
TYR OH     O N N 469 
TYR OXT    O N N 470 
TYR H      H N N 471 
TYR H2     H N N 472 
TYR HA     H N N 473 
TYR HB2    H N N 474 
TYR HB3    H N N 475 
TYR HD1    H N N 476 
TYR HD2    H N N 477 
TYR HE1    H N N 478 
TYR HE2    H N N 479 
TYR HH     H N N 480 
TYR HXT    H N N 481 
U   OP3    O N N 482 
U   P      P N N 483 
U   OP1    O N N 484 
U   OP2    O N N 485 
U   "O5'"  O N N 486 
U   "C5'"  C N N 487 
U   "C4'"  C N R 488 
U   "O4'"  O N N 489 
U   "C3'"  C N S 490 
U   "O3'"  O N N 491 
U   "C2'"  C N R 492 
U   "O2'"  O N N 493 
U   "C1'"  C N R 494 
U   N1     N N N 495 
U   C2     C N N 496 
U   O2     O N N 497 
U   N3     N N N 498 
U   C4     C N N 499 
U   O4     O N N 500 
U   C5     C N N 501 
U   C6     C N N 502 
U   HOP3   H N N 503 
U   HOP2   H N N 504 
U   "H5'"  H N N 505 
U   "H5''" H N N 506 
U   "H4'"  H N N 507 
U   "H3'"  H N N 508 
U   "HO3'" H N N 509 
U   "H2'"  H N N 510 
U   "HO2'" H N N 511 
U   "H1'"  H N N 512 
U   H3     H N N 513 
U   H5     H N N 514 
U   H6     H N N 515 
VAL N      N N N 516 
VAL CA     C N S 517 
VAL C      C N N 518 
VAL O      O N N 519 
VAL CB     C N N 520 
VAL CG1    C N N 521 
VAL CG2    C N N 522 
VAL OXT    O N N 523 
VAL H      H N N 524 
VAL H2     H N N 525 
VAL HA     H N N 526 
VAL HB     H N N 527 
VAL HG11   H N N 528 
VAL HG12   H N N 529 
VAL HG13   H N N 530 
VAL HG21   H N N 531 
VAL HG22   H N N 532 
VAL HG23   H N N 533 
VAL HXT    H N N 534 
# 
loop_
_chem_comp_bond.comp_id 
_chem_comp_bond.atom_id_1 
_chem_comp_bond.atom_id_2 
_chem_comp_bond.value_order 
_chem_comp_bond.pdbx_aromatic_flag 
_chem_comp_bond.pdbx_stereo_config 
_chem_comp_bond.pdbx_ordinal 
A   OP3   P      sing N N 1   
A   OP3   HOP3   sing N N 2   
A   P     OP1    doub N N 3   
A   P     OP2    sing N N 4   
A   P     "O5'"  sing N N 5   
A   OP2   HOP2   sing N N 6   
A   "O5'" "C5'"  sing N N 7   
A   "C5'" "C4'"  sing N N 8   
A   "C5'" "H5'"  sing N N 9   
A   "C5'" "H5''" sing N N 10  
A   "C4'" "O4'"  sing N N 11  
A   "C4'" "C3'"  sing N N 12  
A   "C4'" "H4'"  sing N N 13  
A   "O4'" "C1'"  sing N N 14  
A   "C3'" "O3'"  sing N N 15  
A   "C3'" "C2'"  sing N N 16  
A   "C3'" "H3'"  sing N N 17  
A   "O3'" "HO3'" sing N N 18  
A   "C2'" "O2'"  sing N N 19  
A   "C2'" "C1'"  sing N N 20  
A   "C2'" "H2'"  sing N N 21  
A   "O2'" "HO2'" sing N N 22  
A   "C1'" N9     sing N N 23  
A   "C1'" "H1'"  sing N N 24  
A   N9    C8     sing Y N 25  
A   N9    C4     sing Y N 26  
A   C8    N7     doub Y N 27  
A   C8    H8     sing N N 28  
A   N7    C5     sing Y N 29  
A   C5    C6     sing Y N 30  
A   C5    C4     doub Y N 31  
A   C6    N6     sing N N 32  
A   C6    N1     doub Y N 33  
A   N6    H61    sing N N 34  
A   N6    H62    sing N N 35  
A   N1    C2     sing Y N 36  
A   C2    N3     doub Y N 37  
A   C2    H2     sing N N 38  
A   N3    C4     sing Y N 39  
ALA N     CA     sing N N 40  
ALA N     H      sing N N 41  
ALA N     H2     sing N N 42  
ALA CA    C      sing N N 43  
ALA CA    CB     sing N N 44  
ALA CA    HA     sing N N 45  
ALA C     O      doub N N 46  
ALA C     OXT    sing N N 47  
ALA CB    HB1    sing N N 48  
ALA CB    HB2    sing N N 49  
ALA CB    HB3    sing N N 50  
ALA OXT   HXT    sing N N 51  
ARG N     CA     sing N N 52  
ARG N     H      sing N N 53  
ARG N     H2     sing N N 54  
ARG CA    C      sing N N 55  
ARG CA    CB     sing N N 56  
ARG CA    HA     sing N N 57  
ARG C     O      doub N N 58  
ARG C     OXT    sing N N 59  
ARG CB    CG     sing N N 60  
ARG CB    HB2    sing N N 61  
ARG CB    HB3    sing N N 62  
ARG CG    CD     sing N N 63  
ARG CG    HG2    sing N N 64  
ARG CG    HG3    sing N N 65  
ARG CD    NE     sing N N 66  
ARG CD    HD2    sing N N 67  
ARG CD    HD3    sing N N 68  
ARG NE    CZ     sing N N 69  
ARG NE    HE     sing N N 70  
ARG CZ    NH1    sing N N 71  
ARG CZ    NH2    doub N N 72  
ARG NH1   HH11   sing N N 73  
ARG NH1   HH12   sing N N 74  
ARG NH2   HH21   sing N N 75  
ARG NH2   HH22   sing N N 76  
ARG OXT   HXT    sing N N 77  
ASN N     CA     sing N N 78  
ASN N     H      sing N N 79  
ASN N     H2     sing N N 80  
ASN CA    C      sing N N 81  
ASN CA    CB     sing N N 82  
ASN CA    HA     sing N N 83  
ASN C     O      doub N N 84  
ASN C     OXT    sing N N 85  
ASN CB    CG     sing N N 86  
ASN CB    HB2    sing N N 87  
ASN CB    HB3    sing N N 88  
ASN CG    OD1    doub N N 89  
ASN CG    ND2    sing N N 90  
ASN ND2   HD21   sing N N 91  
ASN ND2   HD22   sing N N 92  
ASN OXT   HXT    sing N N 93  
ASP N     CA     sing N N 94  
ASP N     H      sing N N 95  
ASP N     H2     sing N N 96  
ASP CA    C      sing N N 97  
ASP CA    CB     sing N N 98  
ASP CA    HA     sing N N 99  
ASP C     O      doub N N 100 
ASP C     OXT    sing N N 101 
ASP CB    CG     sing N N 102 
ASP CB    HB2    sing N N 103 
ASP CB    HB3    sing N N 104 
ASP CG    OD1    doub N N 105 
ASP CG    OD2    sing N N 106 
ASP OD2   HD2    sing N N 107 
ASP OXT   HXT    sing N N 108 
C   OP3   P      sing N N 109 
C   OP3   HOP3   sing N N 110 
C   P     OP1    doub N N 111 
C   P     OP2    sing N N 112 
C   P     "O5'"  sing N N 113 
C   OP2   HOP2   sing N N 114 
C   "O5'" "C5'"  sing N N 115 
C   "C5'" "C4'"  sing N N 116 
C   "C5'" "H5'"  sing N N 117 
C   "C5'" "H5''" sing N N 118 
C   "C4'" "O4'"  sing N N 119 
C   "C4'" "C3'"  sing N N 120 
C   "C4'" "H4'"  sing N N 121 
C   "O4'" "C1'"  sing N N 122 
C   "C3'" "O3'"  sing N N 123 
C   "C3'" "C2'"  sing N N 124 
C   "C3'" "H3'"  sing N N 125 
C   "O3'" "HO3'" sing N N 126 
C   "C2'" "O2'"  sing N N 127 
C   "C2'" "C1'"  sing N N 128 
C   "C2'" "H2'"  sing N N 129 
C   "O2'" "HO2'" sing N N 130 
C   "C1'" N1     sing N N 131 
C   "C1'" "H1'"  sing N N 132 
C   N1    C2     sing N N 133 
C   N1    C6     sing N N 134 
C   C2    O2     doub N N 135 
C   C2    N3     sing N N 136 
C   N3    C4     doub N N 137 
C   C4    N4     sing N N 138 
C   C4    C5     sing N N 139 
C   N4    H41    sing N N 140 
C   N4    H42    sing N N 141 
C   C5    C6     doub N N 142 
C   C5    H5     sing N N 143 
C   C6    H6     sing N N 144 
CYS N     CA     sing N N 145 
CYS N     H      sing N N 146 
CYS N     H2     sing N N 147 
CYS CA    C      sing N N 148 
CYS CA    CB     sing N N 149 
CYS CA    HA     sing N N 150 
CYS C     O      doub N N 151 
CYS C     OXT    sing N N 152 
CYS CB    SG     sing N N 153 
CYS CB    HB2    sing N N 154 
CYS CB    HB3    sing N N 155 
CYS SG    HG     sing N N 156 
CYS OXT   HXT    sing N N 157 
G   OP3   P      sing N N 158 
G   OP3   HOP3   sing N N 159 
G   P     OP1    doub N N 160 
G   P     OP2    sing N N 161 
G   P     "O5'"  sing N N 162 
G   OP2   HOP2   sing N N 163 
G   "O5'" "C5'"  sing N N 164 
G   "C5'" "C4'"  sing N N 165 
G   "C5'" "H5'"  sing N N 166 
G   "C5'" "H5''" sing N N 167 
G   "C4'" "O4'"  sing N N 168 
G   "C4'" "C3'"  sing N N 169 
G   "C4'" "H4'"  sing N N 170 
G   "O4'" "C1'"  sing N N 171 
G   "C3'" "O3'"  sing N N 172 
G   "C3'" "C2'"  sing N N 173 
G   "C3'" "H3'"  sing N N 174 
G   "O3'" "HO3'" sing N N 175 
G   "C2'" "O2'"  sing N N 176 
G   "C2'" "C1'"  sing N N 177 
G   "C2'" "H2'"  sing N N 178 
G   "O2'" "HO2'" sing N N 179 
G   "C1'" N9     sing N N 180 
G   "C1'" "H1'"  sing N N 181 
G   N9    C8     sing Y N 182 
G   N9    C4     sing Y N 183 
G   C8    N7     doub Y N 184 
G   C8    H8     sing N N 185 
G   N7    C5     sing Y N 186 
G   C5    C6     sing N N 187 
G   C5    C4     doub Y N 188 
G   C6    O6     doub N N 189 
G   C6    N1     sing N N 190 
G   N1    C2     sing N N 191 
G   N1    H1     sing N N 192 
G   C2    N2     sing N N 193 
G   C2    N3     doub N N 194 
G   N2    H21    sing N N 195 
G   N2    H22    sing N N 196 
G   N3    C4     sing N N 197 
GLN N     CA     sing N N 198 
GLN N     H      sing N N 199 
GLN N     H2     sing N N 200 
GLN CA    C      sing N N 201 
GLN CA    CB     sing N N 202 
GLN CA    HA     sing N N 203 
GLN C     O      doub N N 204 
GLN C     OXT    sing N N 205 
GLN CB    CG     sing N N 206 
GLN CB    HB2    sing N N 207 
GLN CB    HB3    sing N N 208 
GLN CG    CD     sing N N 209 
GLN CG    HG2    sing N N 210 
GLN CG    HG3    sing N N 211 
GLN CD    OE1    doub N N 212 
GLN CD    NE2    sing N N 213 
GLN NE2   HE21   sing N N 214 
GLN NE2   HE22   sing N N 215 
GLN OXT   HXT    sing N N 216 
GLU N     CA     sing N N 217 
GLU N     H      sing N N 218 
GLU N     H2     sing N N 219 
GLU CA    C      sing N N 220 
GLU CA    CB     sing N N 221 
GLU CA    HA     sing N N 222 
GLU C     O      doub N N 223 
GLU C     OXT    sing N N 224 
GLU CB    CG     sing N N 225 
GLU CB    HB2    sing N N 226 
GLU CB    HB3    sing N N 227 
GLU CG    CD     sing N N 228 
GLU CG    HG2    sing N N 229 
GLU CG    HG3    sing N N 230 
GLU CD    OE1    doub N N 231 
GLU CD    OE2    sing N N 232 
GLU OE2   HE2    sing N N 233 
GLU OXT   HXT    sing N N 234 
GLY N     CA     sing N N 235 
GLY N     H      sing N N 236 
GLY N     H2     sing N N 237 
GLY CA    C      sing N N 238 
GLY CA    HA2    sing N N 239 
GLY CA    HA3    sing N N 240 
GLY C     O      doub N N 241 
GLY C     OXT    sing N N 242 
GLY OXT   HXT    sing N N 243 
HIS N     CA     sing N N 244 
HIS N     H      sing N N 245 
HIS N     H2     sing N N 246 
HIS CA    C      sing N N 247 
HIS CA    CB     sing N N 248 
HIS CA    HA     sing N N 249 
HIS C     O      doub N N 250 
HIS C     OXT    sing N N 251 
HIS CB    CG     sing N N 252 
HIS CB    HB2    sing N N 253 
HIS CB    HB3    sing N N 254 
HIS CG    ND1    sing Y N 255 
HIS CG    CD2    doub Y N 256 
HIS ND1   CE1    doub Y N 257 
HIS ND1   HD1    sing N N 258 
HIS CD2   NE2    sing Y N 259 
HIS CD2   HD2    sing N N 260 
HIS CE1   NE2    sing Y N 261 
HIS CE1   HE1    sing N N 262 
HIS NE2   HE2    sing N N 263 
HIS OXT   HXT    sing N N 264 
HOH O     H1     sing N N 265 
HOH O     H2     sing N N 266 
ILE N     CA     sing N N 267 
ILE N     H      sing N N 268 
ILE N     H2     sing N N 269 
ILE CA    C      sing N N 270 
ILE CA    CB     sing N N 271 
ILE CA    HA     sing N N 272 
ILE C     O      doub N N 273 
ILE C     OXT    sing N N 274 
ILE CB    CG1    sing N N 275 
ILE CB    CG2    sing N N 276 
ILE CB    HB     sing N N 277 
ILE CG1   CD1    sing N N 278 
ILE CG1   HG12   sing N N 279 
ILE CG1   HG13   sing N N 280 
ILE CG2   HG21   sing N N 281 
ILE CG2   HG22   sing N N 282 
ILE CG2   HG23   sing N N 283 
ILE CD1   HD11   sing N N 284 
ILE CD1   HD12   sing N N 285 
ILE CD1   HD13   sing N N 286 
ILE OXT   HXT    sing N N 287 
LEU N     CA     sing N N 288 
LEU N     H      sing N N 289 
LEU N     H2     sing N N 290 
LEU CA    C      sing N N 291 
LEU CA    CB     sing N N 292 
LEU CA    HA     sing N N 293 
LEU C     O      doub N N 294 
LEU C     OXT    sing N N 295 
LEU CB    CG     sing N N 296 
LEU CB    HB2    sing N N 297 
LEU CB    HB3    sing N N 298 
LEU CG    CD1    sing N N 299 
LEU CG    CD2    sing N N 300 
LEU CG    HG     sing N N 301 
LEU CD1   HD11   sing N N 302 
LEU CD1   HD12   sing N N 303 
LEU CD1   HD13   sing N N 304 
LEU CD2   HD21   sing N N 305 
LEU CD2   HD22   sing N N 306 
LEU CD2   HD23   sing N N 307 
LEU OXT   HXT    sing N N 308 
LYS N     CA     sing N N 309 
LYS N     H      sing N N 310 
LYS N     H2     sing N N 311 
LYS CA    C      sing N N 312 
LYS CA    CB     sing N N 313 
LYS CA    HA     sing N N 314 
LYS C     O      doub N N 315 
LYS C     OXT    sing N N 316 
LYS CB    CG     sing N N 317 
LYS CB    HB2    sing N N 318 
LYS CB    HB3    sing N N 319 
LYS CG    CD     sing N N 320 
LYS CG    HG2    sing N N 321 
LYS CG    HG3    sing N N 322 
LYS CD    CE     sing N N 323 
LYS CD    HD2    sing N N 324 
LYS CD    HD3    sing N N 325 
LYS CE    NZ     sing N N 326 
LYS CE    HE2    sing N N 327 
LYS CE    HE3    sing N N 328 
LYS NZ    HZ1    sing N N 329 
LYS NZ    HZ2    sing N N 330 
LYS NZ    HZ3    sing N N 331 
LYS OXT   HXT    sing N N 332 
MET N     CA     sing N N 333 
MET N     H      sing N N 334 
MET N     H2     sing N N 335 
MET CA    C      sing N N 336 
MET CA    CB     sing N N 337 
MET CA    HA     sing N N 338 
MET C     O      doub N N 339 
MET C     OXT    sing N N 340 
MET CB    CG     sing N N 341 
MET CB    HB2    sing N N 342 
MET CB    HB3    sing N N 343 
MET CG    SD     sing N N 344 
MET CG    HG2    sing N N 345 
MET CG    HG3    sing N N 346 
MET SD    CE     sing N N 347 
MET CE    HE1    sing N N 348 
MET CE    HE2    sing N N 349 
MET CE    HE3    sing N N 350 
MET OXT   HXT    sing N N 351 
PHE N     CA     sing N N 352 
PHE N     H      sing N N 353 
PHE N     H2     sing N N 354 
PHE CA    C      sing N N 355 
PHE CA    CB     sing N N 356 
PHE CA    HA     sing N N 357 
PHE C     O      doub N N 358 
PHE C     OXT    sing N N 359 
PHE CB    CG     sing N N 360 
PHE CB    HB2    sing N N 361 
PHE CB    HB3    sing N N 362 
PHE CG    CD1    doub Y N 363 
PHE CG    CD2    sing Y N 364 
PHE CD1   CE1    sing Y N 365 
PHE CD1   HD1    sing N N 366 
PHE CD2   CE2    doub Y N 367 
PHE CD2   HD2    sing N N 368 
PHE CE1   CZ     doub Y N 369 
PHE CE1   HE1    sing N N 370 
PHE CE2   CZ     sing Y N 371 
PHE CE2   HE2    sing N N 372 
PHE CZ    HZ     sing N N 373 
PHE OXT   HXT    sing N N 374 
PRO N     CA     sing N N 375 
PRO N     CD     sing N N 376 
PRO N     H      sing N N 377 
PRO CA    C      sing N N 378 
PRO CA    CB     sing N N 379 
PRO CA    HA     sing N N 380 
PRO C     O      doub N N 381 
PRO C     OXT    sing N N 382 
PRO CB    CG     sing N N 383 
PRO CB    HB2    sing N N 384 
PRO CB    HB3    sing N N 385 
PRO CG    CD     sing N N 386 
PRO CG    HG2    sing N N 387 
PRO CG    HG3    sing N N 388 
PRO CD    HD2    sing N N 389 
PRO CD    HD3    sing N N 390 
PRO OXT   HXT    sing N N 391 
SER N     CA     sing N N 392 
SER N     H      sing N N 393 
SER N     H2     sing N N 394 
SER CA    C      sing N N 395 
SER CA    CB     sing N N 396 
SER CA    HA     sing N N 397 
SER C     O      doub N N 398 
SER C     OXT    sing N N 399 
SER CB    OG     sing N N 400 
SER CB    HB2    sing N N 401 
SER CB    HB3    sing N N 402 
SER OG    HG     sing N N 403 
SER OXT   HXT    sing N N 404 
THR N     CA     sing N N 405 
THR N     H      sing N N 406 
THR N     H2     sing N N 407 
THR CA    C      sing N N 408 
THR CA    CB     sing N N 409 
THR CA    HA     sing N N 410 
THR C     O      doub N N 411 
THR C     OXT    sing N N 412 
THR CB    OG1    sing N N 413 
THR CB    CG2    sing N N 414 
THR CB    HB     sing N N 415 
THR OG1   HG1    sing N N 416 
THR CG2   HG21   sing N N 417 
THR CG2   HG22   sing N N 418 
THR CG2   HG23   sing N N 419 
THR OXT   HXT    sing N N 420 
TRP N     CA     sing N N 421 
TRP N     H      sing N N 422 
TRP N     H2     sing N N 423 
TRP CA    C      sing N N 424 
TRP CA    CB     sing N N 425 
TRP CA    HA     sing N N 426 
TRP C     O      doub N N 427 
TRP C     OXT    sing N N 428 
TRP CB    CG     sing N N 429 
TRP CB    HB2    sing N N 430 
TRP CB    HB3    sing N N 431 
TRP CG    CD1    doub Y N 432 
TRP CG    CD2    sing Y N 433 
TRP CD1   NE1    sing Y N 434 
TRP CD1   HD1    sing N N 435 
TRP CD2   CE2    doub Y N 436 
TRP CD2   CE3    sing Y N 437 
TRP NE1   CE2    sing Y N 438 
TRP NE1   HE1    sing N N 439 
TRP CE2   CZ2    sing Y N 440 
TRP CE3   CZ3    doub Y N 441 
TRP CE3   HE3    sing N N 442 
TRP CZ2   CH2    doub Y N 443 
TRP CZ2   HZ2    sing N N 444 
TRP CZ3   CH2    sing Y N 445 
TRP CZ3   HZ3    sing N N 446 
TRP CH2   HH2    sing N N 447 
TRP OXT   HXT    sing N N 448 
TYR N     CA     sing N N 449 
TYR N     H      sing N N 450 
TYR N     H2     sing N N 451 
TYR CA    C      sing N N 452 
TYR CA    CB     sing N N 453 
TYR CA    HA     sing N N 454 
TYR C     O      doub N N 455 
TYR C     OXT    sing N N 456 
TYR CB    CG     sing N N 457 
TYR CB    HB2    sing N N 458 
TYR CB    HB3    sing N N 459 
TYR CG    CD1    doub Y N 460 
TYR CG    CD2    sing Y N 461 
TYR CD1   CE1    sing Y N 462 
TYR CD1   HD1    sing N N 463 
TYR CD2   CE2    doub Y N 464 
TYR CD2   HD2    sing N N 465 
TYR CE1   CZ     doub Y N 466 
TYR CE1   HE1    sing N N 467 
TYR CE2   CZ     sing Y N 468 
TYR CE2   HE2    sing N N 469 
TYR CZ    OH     sing N N 470 
TYR OH    HH     sing N N 471 
TYR OXT   HXT    sing N N 472 
U   OP3   P      sing N N 473 
U   OP3   HOP3   sing N N 474 
U   P     OP1    doub N N 475 
U   P     OP2    sing N N 476 
U   P     "O5'"  sing N N 477 
U   OP2   HOP2   sing N N 478 
U   "O5'" "C5'"  sing N N 479 
U   "C5'" "C4'"  sing N N 480 
U   "C5'" "H5'"  sing N N 481 
U   "C5'" "H5''" sing N N 482 
U   "C4'" "O4'"  sing N N 483 
U   "C4'" "C3'"  sing N N 484 
U   "C4'" "H4'"  sing N N 485 
U   "O4'" "C1'"  sing N N 486 
U   "C3'" "O3'"  sing N N 487 
U   "C3'" "C2'"  sing N N 488 
U   "C3'" "H3'"  sing N N 489 
U   "O3'" "HO3'" sing N N 490 
U   "C2'" "O2'"  sing N N 491 
U   "C2'" "C1'"  sing N N 492 
U   "C2'" "H2'"  sing N N 493 
U   "O2'" "HO2'" sing N N 494 
U   "C1'" N1     sing N N 495 
U   "C1'" "H1'"  sing N N 496 
U   N1    C2     sing N N 497 
U   N1    C6     sing N N 498 
U   C2    O2     doub N N 499 
U   C2    N3     sing N N 500 
U   N3    C4     sing N N 501 
U   N3    H3     sing N N 502 
U   C4    O4     doub N N 503 
U   C4    C5     sing N N 504 
U   C5    C6     doub N N 505 
U   C5    H5     sing N N 506 
U   C6    H6     sing N N 507 
VAL N     CA     sing N N 508 
VAL N     H      sing N N 509 
VAL N     H2     sing N N 510 
VAL CA    C      sing N N 511 
VAL CA    CB     sing N N 512 
VAL CA    HA     sing N N 513 
VAL C     O      doub N N 514 
VAL C     OXT    sing N N 515 
VAL CB    CG1    sing N N 516 
VAL CB    CG2    sing N N 517 
VAL CB    HB     sing N N 518 
VAL CG1   HG11   sing N N 519 
VAL CG1   HG12   sing N N 520 
VAL CG1   HG13   sing N N 521 
VAL CG2   HG21   sing N N 522 
VAL CG2   HG22   sing N N 523 
VAL CG2   HG23   sing N N 524 
VAL OXT   HXT    sing N N 525 
# 
_pdbx_entity_nonpoly.entity_id   3 
_pdbx_entity_nonpoly.name        water 
_pdbx_entity_nonpoly.comp_id     HOH 
# 
_pdbx_initial_refinement_model.id               1 
_pdbx_initial_refinement_model.entity_id_list   ? 
_pdbx_initial_refinement_model.type             'experimental model' 
_pdbx_initial_refinement_model.source_name      PDB 
_pdbx_initial_refinement_model.accession_code   1U1Q 
_pdbx_initial_refinement_model.details          ? 
# 
